data_5DPA
# 
_entry.id   5DPA 
# 
_audit_conform.dict_name       mmcif_pdbx.dic 
_audit_conform.dict_version    5.398 
_audit_conform.dict_location   http://mmcif.pdb.org/dictionaries/ascii/mmcif_pdbx.dic 
# 
loop_
_database_2.database_id 
_database_2.database_code 
_database_2.pdbx_database_accession 
_database_2.pdbx_DOI 
PDB   5DPA         pdb_00005dpa 10.2210/pdb5dpa/pdb 
WWPDB D_1000213591 ?            ?                   
# 
loop_
_pdbx_audit_revision_history.ordinal 
_pdbx_audit_revision_history.data_content_type 
_pdbx_audit_revision_history.major_revision 
_pdbx_audit_revision_history.minor_revision 
_pdbx_audit_revision_history.revision_date 
1 'Structure model' 1 0 2016-03-30 
2 'Structure model' 1 1 2016-04-06 
3 'Structure model' 1 2 2023-11-08 
4 'Structure model' 1 3 2024-11-20 
# 
_pdbx_audit_revision_details.ordinal             1 
_pdbx_audit_revision_details.revision_ordinal    1 
_pdbx_audit_revision_details.data_content_type   'Structure model' 
_pdbx_audit_revision_details.provider            repository 
_pdbx_audit_revision_details.type                'Initial release' 
_pdbx_audit_revision_details.description         ? 
_pdbx_audit_revision_details.details             ? 
# 
loop_
_pdbx_audit_revision_group.ordinal 
_pdbx_audit_revision_group.revision_ordinal 
_pdbx_audit_revision_group.data_content_type 
_pdbx_audit_revision_group.group 
1 2 'Structure model' 'Database references'    
2 3 'Structure model' 'Data collection'        
3 3 'Structure model' 'Database references'    
4 3 'Structure model' 'Derived calculations'   
5 3 'Structure model' 'Refinement description' 
6 4 'Structure model' 'Structure summary'      
# 
loop_
_pdbx_audit_revision_category.ordinal 
_pdbx_audit_revision_category.revision_ordinal 
_pdbx_audit_revision_category.data_content_type 
_pdbx_audit_revision_category.category 
1 3 'Structure model' chem_comp_atom                
2 3 'Structure model' chem_comp_bond                
3 3 'Structure model' citation                      
4 3 'Structure model' database_2                    
5 3 'Structure model' pdbx_initial_refinement_model 
6 3 'Structure model' pdbx_struct_oper_list         
7 4 'Structure model' pdbx_entry_details            
8 4 'Structure model' pdbx_modification_feature     
# 
loop_
_pdbx_audit_revision_item.ordinal 
_pdbx_audit_revision_item.revision_ordinal 
_pdbx_audit_revision_item.data_content_type 
_pdbx_audit_revision_item.item 
1 3 'Structure model' '_citation.journal_id_CSD'                  
2 3 'Structure model' '_database_2.pdbx_DOI'                      
3 3 'Structure model' '_database_2.pdbx_database_accession'       
4 3 'Structure model' '_pdbx_struct_oper_list.symmetry_operation' 
# 
_pdbx_database_status.status_code                     REL 
_pdbx_database_status.status_code_sf                  REL 
_pdbx_database_status.status_code_mr                  ? 
_pdbx_database_status.entry_id                        5DPA 
_pdbx_database_status.recvd_initial_deposition_date   2015-09-12 
_pdbx_database_status.SG_entry                        N 
_pdbx_database_status.deposit_site                    RCSB 
_pdbx_database_status.process_site                    PDBJ 
_pdbx_database_status.status_code_cs                  ? 
_pdbx_database_status.methods_development_category    ? 
_pdbx_database_status.pdb_format_compatible           Y 
_pdbx_database_status.status_code_nmr_data            ? 
# 
loop_
_pdbx_database_related.content_type 
_pdbx_database_related.db_id 
_pdbx_database_related.db_name 
_pdbx_database_related.details 
unspecified 5DP3 PDB . 
unspecified 5DP4 PDB . 
unspecified 5DP5 PDB . 
unspecified 5DP6 PDB . 
unspecified 5DP7 PDB . 
unspecified 5DP8 PDB . 
unspecified 5DP9 PDB . 
# 
loop_
_audit_author.name 
_audit_author.pdbx_ordinal 
'Wu, C.'    1 
'Zhang, L.' 2 
'Li, P.'    3 
'Cai, Q.'   4 
'Peng, X.'  5 
'Li, N.'    6 
'Cai, Y.'   7 
'Li, J.'    8 
'Lin, T.'   9 
# 
_citation.abstract                  ? 
_citation.abstract_id_CAS           ? 
_citation.book_id_ISBN              ? 
_citation.book_publisher            ? 
_citation.book_publisher_city       ? 
_citation.book_title                ? 
_citation.coordinate_linkage        ? 
_citation.country                   NE 
_citation.database_id_Medline       ? 
_citation.details                   ? 
_citation.id                        primary 
_citation.journal_abbrev            Biochim.Biophys.Acta 
_citation.journal_id_ASTM           BBACAQ 
_citation.journal_id_CSD            0113 
_citation.journal_id_ISSN           0006-3002 
_citation.journal_full              ? 
_citation.journal_issue             ? 
_citation.journal_volume            1860 
_citation.language                  ? 
_citation.page_first                1299 
_citation.page_last                 1307 
_citation.title                     'Fragment-wise design of inhibitors to 3C proteinase from enterovirus 71' 
_citation.year                      2016 
_citation.database_id_CSD           ? 
_citation.pdbx_database_id_DOI      10.1016/j.bbagen.2016.03.017 
_citation.pdbx_database_id_PubMed   26987809 
_citation.unpublished_flag          ? 
# 
loop_
_citation_author.citation_id 
_citation_author.name 
_citation_author.ordinal 
_citation_author.identifier_ORCID 
primary 'Wu, C.'    1  ? 
primary 'Zhang, L.' 2  ? 
primary 'Li, P.'    3  ? 
primary 'Cai, Q.'   4  ? 
primary 'Peng, X.'  5  ? 
primary 'Yin, K.'   6  ? 
primary 'Chen, X.'  7  ? 
primary 'Ren, H.'   8  ? 
primary 'Zhong, S.' 9  ? 
primary 'Weng, Y.'  10 ? 
primary 'Guan, Y.'  11 ? 
primary 'Chen, S.'  12 ? 
primary 'Wu, J.'    13 ? 
primary 'Li, J.'    14 ? 
primary 'Lin, T.'   15 ? 
# 
loop_
_entity.id 
_entity.type 
_entity.src_method 
_entity.pdbx_description 
_entity.formula_weight 
_entity.pdbx_number_of_molecules 
_entity.pdbx_ec 
_entity.pdbx_mutation 
_entity.pdbx_fragment 
_entity.details 
1 polymer     man '3C proteinase'                                                                               21391.482 1  ? ? ? 
? 
2 non-polymer syn 'ethyl (2Z,4S)-4-[(N-acetyl-L-phenylalanyl)amino]-5-[(3S)-2-oxopyrrolidin-3-yl]pent-2-enoate' 415.483   1  ? ? ? 
? 
3 water       nat water                                                                                         18.015    78 ? ? ? 
? 
# 
_entity_poly.entity_id                      1 
_entity_poly.type                           'polypeptide(L)' 
_entity_poly.nstd_linkage                   no 
_entity_poly.nstd_monomer                   no 
_entity_poly.pdbx_seq_one_letter_code       
;MGPSLDFALSLLRRNVRQVQTDQGHFTMLGVRDRLAVLPRHSQPGKTIWIEHKLVNILDAVELVDEQGVNLELTLITLDT
NEKFRDITKFIPENISTASDATLVINTEHMPSMFVPVGDVVQYGFLNLSGKPTHRTMMYNFPTKAGQCGGVVTSVGKVIG
IHIGGNGRQGFCAGLKRSYFASEQLEHHHHHH
;
_entity_poly.pdbx_seq_one_letter_code_can   
;MGPSLDFALSLLRRNVRQVQTDQGHFTMLGVRDRLAVLPRHSQPGKTIWIEHKLVNILDAVELVDEQGVNLELTLITLDT
NEKFRDITKFIPENISTASDATLVINTEHMPSMFVPVGDVVQYGFLNLSGKPTHRTMMYNFPTKAGQCGGVVTSVGKVIG
IHIGGNGRQGFCAGLKRSYFASEQLEHHHHHH
;
_entity_poly.pdbx_strand_id                 A 
_entity_poly.pdbx_target_identifier         ? 
# 
loop_
_pdbx_entity_nonpoly.entity_id 
_pdbx_entity_nonpoly.name 
_pdbx_entity_nonpoly.comp_id 
2 'ethyl (2Z,4S)-4-[(N-acetyl-L-phenylalanyl)amino]-5-[(3S)-2-oxopyrrolidin-3-yl]pent-2-enoate' 5F2 
3 water                                                                                         HOH 
# 
loop_
_entity_poly_seq.entity_id 
_entity_poly_seq.num 
_entity_poly_seq.mon_id 
_entity_poly_seq.hetero 
1 1   MET n 
1 2   GLY n 
1 3   PRO n 
1 4   SER n 
1 5   LEU n 
1 6   ASP n 
1 7   PHE n 
1 8   ALA n 
1 9   LEU n 
1 10  SER n 
1 11  LEU n 
1 12  LEU n 
1 13  ARG n 
1 14  ARG n 
1 15  ASN n 
1 16  VAL n 
1 17  ARG n 
1 18  GLN n 
1 19  VAL n 
1 20  GLN n 
1 21  THR n 
1 22  ASP n 
1 23  GLN n 
1 24  GLY n 
1 25  HIS n 
1 26  PHE n 
1 27  THR n 
1 28  MET n 
1 29  LEU n 
1 30  GLY n 
1 31  VAL n 
1 32  ARG n 
1 33  ASP n 
1 34  ARG n 
1 35  LEU n 
1 36  ALA n 
1 37  VAL n 
1 38  LEU n 
1 39  PRO n 
1 40  ARG n 
1 41  HIS n 
1 42  SER n 
1 43  GLN n 
1 44  PRO n 
1 45  GLY n 
1 46  LYS n 
1 47  THR n 
1 48  ILE n 
1 49  TRP n 
1 50  ILE n 
1 51  GLU n 
1 52  HIS n 
1 53  LYS n 
1 54  LEU n 
1 55  VAL n 
1 56  ASN n 
1 57  ILE n 
1 58  LEU n 
1 59  ASP n 
1 60  ALA n 
1 61  VAL n 
1 62  GLU n 
1 63  LEU n 
1 64  VAL n 
1 65  ASP n 
1 66  GLU n 
1 67  GLN n 
1 68  GLY n 
1 69  VAL n 
1 70  ASN n 
1 71  LEU n 
1 72  GLU n 
1 73  LEU n 
1 74  THR n 
1 75  LEU n 
1 76  ILE n 
1 77  THR n 
1 78  LEU n 
1 79  ASP n 
1 80  THR n 
1 81  ASN n 
1 82  GLU n 
1 83  LYS n 
1 84  PHE n 
1 85  ARG n 
1 86  ASP n 
1 87  ILE n 
1 88  THR n 
1 89  LYS n 
1 90  PHE n 
1 91  ILE n 
1 92  PRO n 
1 93  GLU n 
1 94  ASN n 
1 95  ILE n 
1 96  SER n 
1 97  THR n 
1 98  ALA n 
1 99  SER n 
1 100 ASP n 
1 101 ALA n 
1 102 THR n 
1 103 LEU n 
1 104 VAL n 
1 105 ILE n 
1 106 ASN n 
1 107 THR n 
1 108 GLU n 
1 109 HIS n 
1 110 MET n 
1 111 PRO n 
1 112 SER n 
1 113 MET n 
1 114 PHE n 
1 115 VAL n 
1 116 PRO n 
1 117 VAL n 
1 118 GLY n 
1 119 ASP n 
1 120 VAL n 
1 121 VAL n 
1 122 GLN n 
1 123 TYR n 
1 124 GLY n 
1 125 PHE n 
1 126 LEU n 
1 127 ASN n 
1 128 LEU n 
1 129 SER n 
1 130 GLY n 
1 131 LYS n 
1 132 PRO n 
1 133 THR n 
1 134 HIS n 
1 135 ARG n 
1 136 THR n 
1 137 MET n 
1 138 MET n 
1 139 TYR n 
1 140 ASN n 
1 141 PHE n 
1 142 PRO n 
1 143 THR n 
1 144 LYS n 
1 145 ALA n 
1 146 GLY n 
1 147 GLN n 
1 148 CYS n 
1 149 GLY n 
1 150 GLY n 
1 151 VAL n 
1 152 VAL n 
1 153 THR n 
1 154 SER n 
1 155 VAL n 
1 156 GLY n 
1 157 LYS n 
1 158 VAL n 
1 159 ILE n 
1 160 GLY n 
1 161 ILE n 
1 162 HIS n 
1 163 ILE n 
1 164 GLY n 
1 165 GLY n 
1 166 ASN n 
1 167 GLY n 
1 168 ARG n 
1 169 GLN n 
1 170 GLY n 
1 171 PHE n 
1 172 CYS n 
1 173 ALA n 
1 174 GLY n 
1 175 LEU n 
1 176 LYS n 
1 177 ARG n 
1 178 SER n 
1 179 TYR n 
1 180 PHE n 
1 181 ALA n 
1 182 SER n 
1 183 GLU n 
1 184 GLN n 
1 185 LEU n 
1 186 GLU n 
1 187 HIS n 
1 188 HIS n 
1 189 HIS n 
1 190 HIS n 
1 191 HIS n 
1 192 HIS n 
# 
_entity_src_gen.entity_id                          1 
_entity_src_gen.pdbx_src_id                        1 
_entity_src_gen.pdbx_alt_source_flag               sample 
_entity_src_gen.pdbx_seq_type                      'Biological sequence' 
_entity_src_gen.pdbx_beg_seq_num                   1 
_entity_src_gen.pdbx_end_seq_num                   192 
_entity_src_gen.gene_src_common_name               ? 
_entity_src_gen.gene_src_genus                     ? 
_entity_src_gen.pdbx_gene_src_gene                 ? 
_entity_src_gen.gene_src_species                   ? 
_entity_src_gen.gene_src_strain                    ? 
_entity_src_gen.gene_src_tissue                    ? 
_entity_src_gen.gene_src_tissue_fraction           ? 
_entity_src_gen.gene_src_details                   ? 
_entity_src_gen.pdbx_gene_src_fragment             ? 
_entity_src_gen.pdbx_gene_src_scientific_name      'Enterovirus A71' 
_entity_src_gen.pdbx_gene_src_ncbi_taxonomy_id     39054 
_entity_src_gen.pdbx_gene_src_variant              ? 
_entity_src_gen.pdbx_gene_src_cell_line            ? 
_entity_src_gen.pdbx_gene_src_atcc                 ? 
_entity_src_gen.pdbx_gene_src_organ                ? 
_entity_src_gen.pdbx_gene_src_organelle            ? 
_entity_src_gen.pdbx_gene_src_cell                 ? 
_entity_src_gen.pdbx_gene_src_cellular_location    ? 
_entity_src_gen.host_org_common_name               ? 
_entity_src_gen.pdbx_host_org_scientific_name      'Escherichia coli BL21(DE3)' 
_entity_src_gen.pdbx_host_org_ncbi_taxonomy_id     469008 
_entity_src_gen.host_org_genus                     ? 
_entity_src_gen.pdbx_host_org_gene                 ? 
_entity_src_gen.pdbx_host_org_organ                ? 
_entity_src_gen.host_org_species                   ? 
_entity_src_gen.pdbx_host_org_tissue               ? 
_entity_src_gen.pdbx_host_org_tissue_fraction      ? 
_entity_src_gen.pdbx_host_org_strain               'BL21(DE3)' 
_entity_src_gen.pdbx_host_org_variant              ? 
_entity_src_gen.pdbx_host_org_cell_line            ? 
_entity_src_gen.pdbx_host_org_atcc                 ? 
_entity_src_gen.pdbx_host_org_culture_collection   ? 
_entity_src_gen.pdbx_host_org_cell                 ? 
_entity_src_gen.pdbx_host_org_organelle            ? 
_entity_src_gen.pdbx_host_org_cellular_location    ? 
_entity_src_gen.pdbx_host_org_vector_type          plasmid 
_entity_src_gen.pdbx_host_org_vector               ? 
_entity_src_gen.host_org_details                   ? 
_entity_src_gen.expression_system_id               ? 
_entity_src_gen.plasmid_name                       pET28a 
_entity_src_gen.plasmid_details                    ? 
_entity_src_gen.pdbx_description                   ? 
# 
loop_
_chem_comp.id 
_chem_comp.type 
_chem_comp.mon_nstd_flag 
_chem_comp.name 
_chem_comp.pdbx_synonyms 
_chem_comp.formula 
_chem_comp.formula_weight 
5F2 non-polymer         . 'ethyl (2Z,4S)-4-[(N-acetyl-L-phenylalanyl)amino]-5-[(3S)-2-oxopyrrolidin-3-yl]pent-2-enoate' ? 
'C22 H29 N3 O5'  415.483 
ALA 'L-peptide linking' y ALANINE                                                                                       ? 
'C3 H7 N O2'     89.093  
ARG 'L-peptide linking' y ARGININE                                                                                      ? 
'C6 H15 N4 O2 1' 175.209 
ASN 'L-peptide linking' y ASPARAGINE                                                                                    ? 
'C4 H8 N2 O3'    132.118 
ASP 'L-peptide linking' y 'ASPARTIC ACID'                                                                               ? 
'C4 H7 N O4'     133.103 
CYS 'L-peptide linking' y CYSTEINE                                                                                      ? 
'C3 H7 N O2 S'   121.158 
GLN 'L-peptide linking' y GLUTAMINE                                                                                     ? 
'C5 H10 N2 O3'   146.144 
GLU 'L-peptide linking' y 'GLUTAMIC ACID'                                                                               ? 
'C5 H9 N O4'     147.129 
GLY 'peptide linking'   y GLYCINE                                                                                       ? 
'C2 H5 N O2'     75.067  
HIS 'L-peptide linking' y HISTIDINE                                                                                     ? 
'C6 H10 N3 O2 1' 156.162 
HOH non-polymer         . WATER                                                                                         ? 'H2 O' 
18.015  
ILE 'L-peptide linking' y ISOLEUCINE                                                                                    ? 
'C6 H13 N O2'    131.173 
LEU 'L-peptide linking' y LEUCINE                                                                                       ? 
'C6 H13 N O2'    131.173 
LYS 'L-peptide linking' y LYSINE                                                                                        ? 
'C6 H15 N2 O2 1' 147.195 
MET 'L-peptide linking' y METHIONINE                                                                                    ? 
'C5 H11 N O2 S'  149.211 
PHE 'L-peptide linking' y PHENYLALANINE                                                                                 ? 
'C9 H11 N O2'    165.189 
PRO 'L-peptide linking' y PROLINE                                                                                       ? 
'C5 H9 N O2'     115.130 
SER 'L-peptide linking' y SERINE                                                                                        ? 
'C3 H7 N O3'     105.093 
THR 'L-peptide linking' y THREONINE                                                                                     ? 
'C4 H9 N O3'     119.119 
TRP 'L-peptide linking' y TRYPTOPHAN                                                                                    ? 
'C11 H12 N2 O2'  204.225 
TYR 'L-peptide linking' y TYROSINE                                                                                      ? 
'C9 H11 N O3'    181.189 
VAL 'L-peptide linking' y VALINE                                                                                        ? 
'C5 H11 N O2'    117.146 
# 
loop_
_pdbx_poly_seq_scheme.asym_id 
_pdbx_poly_seq_scheme.entity_id 
_pdbx_poly_seq_scheme.seq_id 
_pdbx_poly_seq_scheme.mon_id 
_pdbx_poly_seq_scheme.ndb_seq_num 
_pdbx_poly_seq_scheme.pdb_seq_num 
_pdbx_poly_seq_scheme.auth_seq_num 
_pdbx_poly_seq_scheme.pdb_mon_id 
_pdbx_poly_seq_scheme.auth_mon_id 
_pdbx_poly_seq_scheme.pdb_strand_id 
_pdbx_poly_seq_scheme.pdb_ins_code 
_pdbx_poly_seq_scheme.hetero 
A 1 1   MET 1   0   0   MET MET A . n 
A 1 2   GLY 2   1   1   GLY GLY A . n 
A 1 3   PRO 3   2   2   PRO PRO A . n 
A 1 4   SER 4   3   3   SER SER A . n 
A 1 5   LEU 5   4   4   LEU LEU A . n 
A 1 6   ASP 6   5   5   ASP ASP A . n 
A 1 7   PHE 7   6   6   PHE PHE A . n 
A 1 8   ALA 8   7   7   ALA ALA A . n 
A 1 9   LEU 9   8   8   LEU LEU A . n 
A 1 10  SER 10  9   9   SER SER A . n 
A 1 11  LEU 11  10  10  LEU LEU A . n 
A 1 12  LEU 12  11  11  LEU LEU A . n 
A 1 13  ARG 13  12  12  ARG ARG A . n 
A 1 14  ARG 14  13  13  ARG ARG A . n 
A 1 15  ASN 15  14  14  ASN ASN A . n 
A 1 16  VAL 16  15  15  VAL VAL A . n 
A 1 17  ARG 17  16  16  ARG ARG A . n 
A 1 18  GLN 18  17  17  GLN GLN A . n 
A 1 19  VAL 19  18  18  VAL VAL A . n 
A 1 20  GLN 20  19  19  GLN GLN A . n 
A 1 21  THR 21  20  20  THR THR A . n 
A 1 22  ASP 22  21  21  ASP ASP A . n 
A 1 23  GLN 23  22  22  GLN GLN A . n 
A 1 24  GLY 24  23  23  GLY GLY A . n 
A 1 25  HIS 25  24  24  HIS HIS A . n 
A 1 26  PHE 26  25  25  PHE PHE A . n 
A 1 27  THR 27  26  26  THR THR A . n 
A 1 28  MET 28  27  27  MET MET A . n 
A 1 29  LEU 29  28  28  LEU LEU A . n 
A 1 30  GLY 30  29  29  GLY GLY A . n 
A 1 31  VAL 31  30  30  VAL VAL A . n 
A 1 32  ARG 32  31  31  ARG ARG A . n 
A 1 33  ASP 33  32  32  ASP ASP A . n 
A 1 34  ARG 34  33  33  ARG ARG A . n 
A 1 35  LEU 35  34  34  LEU LEU A . n 
A 1 36  ALA 36  35  35  ALA ALA A . n 
A 1 37  VAL 37  36  36  VAL VAL A . n 
A 1 38  LEU 38  37  37  LEU LEU A . n 
A 1 39  PRO 39  38  38  PRO PRO A . n 
A 1 40  ARG 40  39  39  ARG ARG A . n 
A 1 41  HIS 41  40  40  HIS HIS A . n 
A 1 42  SER 42  41  41  SER SER A . n 
A 1 43  GLN 43  42  42  GLN GLN A . n 
A 1 44  PRO 44  43  43  PRO PRO A . n 
A 1 45  GLY 45  44  44  GLY GLY A . n 
A 1 46  LYS 46  45  45  LYS LYS A . n 
A 1 47  THR 47  46  46  THR THR A . n 
A 1 48  ILE 48  47  47  ILE ILE A . n 
A 1 49  TRP 49  48  48  TRP TRP A . n 
A 1 50  ILE 50  49  49  ILE ILE A . n 
A 1 51  GLU 51  50  50  GLU GLU A . n 
A 1 52  HIS 52  51  51  HIS HIS A . n 
A 1 53  LYS 53  52  52  LYS LYS A . n 
A 1 54  LEU 54  53  53  LEU LEU A . n 
A 1 55  VAL 55  54  54  VAL VAL A . n 
A 1 56  ASN 56  55  55  ASN ASN A . n 
A 1 57  ILE 57  56  56  ILE ILE A . n 
A 1 58  LEU 58  57  57  LEU LEU A . n 
A 1 59  ASP 59  58  58  ASP ASP A . n 
A 1 60  ALA 60  59  59  ALA ALA A . n 
A 1 61  VAL 61  60  60  VAL VAL A . n 
A 1 62  GLU 62  61  61  GLU GLU A . n 
A 1 63  LEU 63  62  62  LEU LEU A . n 
A 1 64  VAL 64  63  63  VAL VAL A . n 
A 1 65  ASP 65  64  64  ASP ASP A . n 
A 1 66  GLU 66  65  65  GLU GLU A . n 
A 1 67  GLN 67  66  66  GLN GLN A . n 
A 1 68  GLY 68  67  67  GLY GLY A . n 
A 1 69  VAL 69  68  68  VAL VAL A . n 
A 1 70  ASN 70  69  69  ASN ASN A . n 
A 1 71  LEU 71  70  70  LEU LEU A . n 
A 1 72  GLU 72  71  71  GLU GLU A . n 
A 1 73  LEU 73  72  72  LEU LEU A . n 
A 1 74  THR 74  73  73  THR THR A . n 
A 1 75  LEU 75  74  74  LEU LEU A . n 
A 1 76  ILE 76  75  75  ILE ILE A . n 
A 1 77  THR 77  76  76  THR THR A . n 
A 1 78  LEU 78  77  77  LEU LEU A . n 
A 1 79  ASP 79  78  78  ASP ASP A . n 
A 1 80  THR 80  79  79  THR THR A . n 
A 1 81  ASN 81  80  80  ASN ASN A . n 
A 1 82  GLU 82  81  81  GLU GLU A . n 
A 1 83  LYS 83  82  82  LYS LYS A . n 
A 1 84  PHE 84  83  83  PHE PHE A . n 
A 1 85  ARG 85  84  84  ARG ARG A . n 
A 1 86  ASP 86  85  85  ASP ASP A . n 
A 1 87  ILE 87  86  86  ILE ILE A . n 
A 1 88  THR 88  87  87  THR THR A . n 
A 1 89  LYS 89  88  88  LYS LYS A . n 
A 1 90  PHE 90  89  89  PHE PHE A . n 
A 1 91  ILE 91  90  90  ILE ILE A . n 
A 1 92  PRO 92  91  91  PRO PRO A . n 
A 1 93  GLU 93  92  92  GLU GLU A . n 
A 1 94  ASN 94  93  93  ASN ASN A . n 
A 1 95  ILE 95  94  94  ILE ILE A . n 
A 1 96  SER 96  95  95  SER SER A . n 
A 1 97  THR 97  96  96  THR THR A . n 
A 1 98  ALA 98  97  97  ALA ALA A . n 
A 1 99  SER 99  98  98  SER SER A . n 
A 1 100 ASP 100 99  99  ASP ASP A . n 
A 1 101 ALA 101 100 100 ALA ALA A . n 
A 1 102 THR 102 101 101 THR THR A . n 
A 1 103 LEU 103 102 102 LEU LEU A . n 
A 1 104 VAL 104 103 103 VAL VAL A . n 
A 1 105 ILE 105 104 104 ILE ILE A . n 
A 1 106 ASN 106 105 105 ASN ASN A . n 
A 1 107 THR 107 106 106 THR THR A . n 
A 1 108 GLU 108 107 107 GLU GLU A . n 
A 1 109 HIS 109 108 108 HIS HIS A . n 
A 1 110 MET 110 109 109 MET MET A . n 
A 1 111 PRO 111 110 110 PRO PRO A . n 
A 1 112 SER 112 111 111 SER SER A . n 
A 1 113 MET 113 112 112 MET MET A . n 
A 1 114 PHE 114 113 113 PHE PHE A . n 
A 1 115 VAL 115 114 114 VAL VAL A . n 
A 1 116 PRO 116 115 115 PRO PRO A . n 
A 1 117 VAL 117 116 116 VAL VAL A . n 
A 1 118 GLY 118 117 117 GLY GLY A . n 
A 1 119 ASP 119 118 118 ASP ASP A . n 
A 1 120 VAL 120 119 119 VAL VAL A . n 
A 1 121 VAL 121 120 120 VAL VAL A . n 
A 1 122 GLN 122 121 121 GLN GLN A . n 
A 1 123 TYR 123 122 122 TYR TYR A . n 
A 1 124 GLY 124 123 123 GLY GLY A . n 
A 1 125 PHE 125 124 124 PHE PHE A . n 
A 1 126 LEU 126 125 125 LEU LEU A . n 
A 1 127 ASN 127 126 126 ASN ASN A . n 
A 1 128 LEU 128 127 127 LEU LEU A . n 
A 1 129 SER 129 128 128 SER SER A . n 
A 1 130 GLY 130 129 129 GLY GLY A . n 
A 1 131 LYS 131 130 130 LYS LYS A . n 
A 1 132 PRO 132 131 131 PRO PRO A . n 
A 1 133 THR 133 132 132 THR THR A . n 
A 1 134 HIS 134 133 133 HIS HIS A . n 
A 1 135 ARG 135 134 134 ARG ARG A . n 
A 1 136 THR 136 135 135 THR THR A . n 
A 1 137 MET 137 136 136 MET MET A . n 
A 1 138 MET 138 137 137 MET MET A . n 
A 1 139 TYR 139 138 138 TYR TYR A . n 
A 1 140 ASN 140 139 139 ASN ASN A . n 
A 1 141 PHE 141 140 140 PHE PHE A . n 
A 1 142 PRO 142 141 141 PRO PRO A . n 
A 1 143 THR 143 142 142 THR THR A . n 
A 1 144 LYS 144 143 143 LYS LYS A . n 
A 1 145 ALA 145 144 144 ALA ALA A . n 
A 1 146 GLY 146 145 145 GLY GLY A . n 
A 1 147 GLN 147 146 146 GLN GLN A . n 
A 1 148 CYS 148 147 147 CYS CYS A . n 
A 1 149 GLY 149 148 148 GLY GLY A . n 
A 1 150 GLY 150 149 149 GLY GLY A . n 
A 1 151 VAL 151 150 150 VAL VAL A . n 
A 1 152 VAL 152 151 151 VAL VAL A . n 
A 1 153 THR 153 152 152 THR THR A . n 
A 1 154 SER 154 153 153 SER SER A . n 
A 1 155 VAL 155 154 154 VAL VAL A . n 
A 1 156 GLY 156 155 155 GLY GLY A . n 
A 1 157 LYS 157 156 156 LYS LYS A . n 
A 1 158 VAL 158 157 157 VAL VAL A . n 
A 1 159 ILE 159 158 158 ILE ILE A . n 
A 1 160 GLY 160 159 159 GLY GLY A . n 
A 1 161 ILE 161 160 160 ILE ILE A . n 
A 1 162 HIS 162 161 161 HIS HIS A . n 
A 1 163 ILE 163 162 162 ILE ILE A . n 
A 1 164 GLY 164 163 163 GLY GLY A . n 
A 1 165 GLY 165 164 164 GLY GLY A . n 
A 1 166 ASN 166 165 165 ASN ASN A . n 
A 1 167 GLY 167 166 166 GLY GLY A . n 
A 1 168 ARG 168 167 167 ARG ARG A . n 
A 1 169 GLN 169 168 168 GLN GLN A . n 
A 1 170 GLY 170 169 169 GLY GLY A . n 
A 1 171 PHE 171 170 170 PHE PHE A . n 
A 1 172 CYS 172 171 171 CYS CYS A . n 
A 1 173 ALA 173 172 172 ALA ALA A . n 
A 1 174 GLY 174 173 173 GLY GLY A . n 
A 1 175 LEU 175 174 174 LEU LEU A . n 
A 1 176 LYS 176 175 175 LYS LYS A . n 
A 1 177 ARG 177 176 176 ARG ARG A . n 
A 1 178 SER 178 177 177 SER SER A . n 
A 1 179 TYR 179 178 178 TYR TYR A . n 
A 1 180 PHE 180 179 179 PHE PHE A . n 
A 1 181 ALA 181 180 180 ALA ALA A . n 
A 1 182 SER 182 181 ?   ?   ?   A . n 
A 1 183 GLU 183 182 ?   ?   ?   A . n 
A 1 184 GLN 184 183 ?   ?   ?   A . n 
A 1 185 LEU 185 184 ?   ?   ?   A . n 
A 1 186 GLU 186 185 ?   ?   ?   A . n 
A 1 187 HIS 187 186 ?   ?   ?   A . n 
A 1 188 HIS 188 187 ?   ?   ?   A . n 
A 1 189 HIS 189 188 ?   ?   ?   A . n 
A 1 190 HIS 190 189 ?   ?   ?   A . n 
A 1 191 HIS 191 190 ?   ?   ?   A . n 
A 1 192 HIS 192 191 ?   ?   ?   A . n 
# 
loop_
_pdbx_nonpoly_scheme.asym_id 
_pdbx_nonpoly_scheme.entity_id 
_pdbx_nonpoly_scheme.mon_id 
_pdbx_nonpoly_scheme.ndb_seq_num 
_pdbx_nonpoly_scheme.pdb_seq_num 
_pdbx_nonpoly_scheme.auth_seq_num 
_pdbx_nonpoly_scheme.pdb_mon_id 
_pdbx_nonpoly_scheme.auth_mon_id 
_pdbx_nonpoly_scheme.pdb_strand_id 
_pdbx_nonpoly_scheme.pdb_ins_code 
B 2 5F2 1  201 1  5F2 106 A . 
C 3 HOH 1  301 12 HOH HOH A . 
C 3 HOH 2  302 30 HOH HOH A . 
C 3 HOH 3  303 32 HOH HOH A . 
C 3 HOH 4  304 28 HOH HOH A . 
C 3 HOH 5  305 40 HOH HOH A . 
C 3 HOH 6  306 21 HOH HOH A . 
C 3 HOH 7  307 16 HOH HOH A . 
C 3 HOH 8  308 17 HOH HOH A . 
C 3 HOH 9  309 39 HOH HOH A . 
C 3 HOH 10 310 25 HOH HOH A . 
C 3 HOH 11 311 9  HOH HOH A . 
C 3 HOH 12 312 3  HOH HOH A . 
C 3 HOH 13 313 76 HOH HOH A . 
C 3 HOH 14 314 15 HOH HOH A . 
C 3 HOH 15 315 46 HOH HOH A . 
C 3 HOH 16 316 8  HOH HOH A . 
C 3 HOH 17 317 20 HOH HOH A . 
C 3 HOH 18 318 52 HOH HOH A . 
C 3 HOH 19 319 11 HOH HOH A . 
C 3 HOH 20 320 33 HOH HOH A . 
C 3 HOH 21 321 53 HOH HOH A . 
C 3 HOH 22 322 48 HOH HOH A . 
C 3 HOH 23 323 59 HOH HOH A . 
C 3 HOH 24 324 24 HOH HOH A . 
C 3 HOH 25 325 60 HOH HOH A . 
C 3 HOH 26 326 57 HOH HOH A . 
C 3 HOH 27 327 65 HOH HOH A . 
C 3 HOH 28 328 22 HOH HOH A . 
C 3 HOH 29 329 55 HOH HOH A . 
C 3 HOH 30 330 10 HOH HOH A . 
C 3 HOH 31 331 42 HOH HOH A . 
C 3 HOH 32 332 34 HOH HOH A . 
C 3 HOH 33 333 38 HOH HOH A . 
C 3 HOH 34 334 19 HOH HOH A . 
C 3 HOH 35 335 4  HOH HOH A . 
C 3 HOH 36 336 49 HOH HOH A . 
C 3 HOH 37 337 7  HOH HOH A . 
C 3 HOH 38 338 27 HOH HOH A . 
C 3 HOH 39 339 31 HOH HOH A . 
C 3 HOH 40 340 23 HOH HOH A . 
C 3 HOH 41 341 36 HOH HOH A . 
C 3 HOH 42 342 5  HOH HOH A . 
C 3 HOH 43 343 73 HOH HOH A . 
C 3 HOH 44 344 50 HOH HOH A . 
C 3 HOH 45 345 35 HOH HOH A . 
C 3 HOH 46 346 63 HOH HOH A . 
C 3 HOH 47 347 41 HOH HOH A . 
C 3 HOH 48 348 1  HOH HOH A . 
C 3 HOH 49 349 26 HOH HOH A . 
C 3 HOH 50 350 64 HOH HOH A . 
C 3 HOH 51 351 2  HOH HOH A . 
C 3 HOH 52 352 51 HOH HOH A . 
C 3 HOH 53 353 13 HOH HOH A . 
C 3 HOH 54 354 44 HOH HOH A . 
C 3 HOH 55 355 61 HOH HOH A . 
C 3 HOH 56 356 6  HOH HOH A . 
C 3 HOH 57 357 56 HOH HOH A . 
C 3 HOH 58 358 18 HOH HOH A . 
C 3 HOH 59 359 37 HOH HOH A . 
C 3 HOH 60 360 54 HOH HOH A . 
C 3 HOH 61 361 29 HOH HOH A . 
C 3 HOH 62 362 47 HOH HOH A . 
C 3 HOH 63 363 70 HOH HOH A . 
C 3 HOH 64 364 45 HOH HOH A . 
C 3 HOH 65 365 68 HOH HOH A . 
C 3 HOH 66 366 66 HOH HOH A . 
C 3 HOH 67 367 78 HOH HOH A . 
C 3 HOH 68 368 72 HOH HOH A . 
C 3 HOH 69 369 71 HOH HOH A . 
C 3 HOH 70 370 14 HOH HOH A . 
C 3 HOH 71 371 43 HOH HOH A . 
C 3 HOH 72 372 77 HOH HOH A . 
C 3 HOH 73 373 75 HOH HOH A . 
C 3 HOH 74 374 69 HOH HOH A . 
C 3 HOH 75 375 67 HOH HOH A . 
C 3 HOH 76 376 58 HOH HOH A . 
C 3 HOH 77 377 62 HOH HOH A . 
C 3 HOH 78 378 74 HOH HOH A . 
# 
loop_
_software.citation_id 
_software.classification 
_software.compiler_name 
_software.compiler_version 
_software.contact_author 
_software.contact_author_email 
_software.date 
_software.description 
_software.dependencies 
_software.hardware 
_software.language 
_software.location 
_software.mods 
_software.name 
_software.os 
_software.os_version 
_software.type 
_software.version 
_software.pdbx_ordinal 
? 'data scaling'    ? ? ? ? ? ? ? ? ? ? ? HKL-2000    ? ? ? .        1 
? refinement        ? ? ? ? ? ? ? ? ? ? ? REFMAC      ? ? ? 5.8.0049 2 
? 'data extraction' ? ? ? ? ? ? ? ? ? ? ? PDB_EXTRACT ? ? ? 3.15     3 
# 
_cell.angle_alpha                  90.000 
_cell.angle_alpha_esd              ? 
_cell.angle_beta                   90.000 
_cell.angle_beta_esd               ? 
_cell.angle_gamma                  90.000 
_cell.angle_gamma_esd              ? 
_cell.entry_id                     5DPA 
_cell.details                      ? 
_cell.formula_units_Z              ? 
_cell.length_a                     63.938 
_cell.length_a_esd                 ? 
_cell.length_b                     65.158 
_cell.length_b_esd                 ? 
_cell.length_c                     75.564 
_cell.length_c_esd                 ? 
_cell.volume                       ? 
_cell.volume_esd                   ? 
_cell.Z_PDB                        8 
_cell.reciprocal_angle_alpha       ? 
_cell.reciprocal_angle_beta        ? 
_cell.reciprocal_angle_gamma       ? 
_cell.reciprocal_angle_alpha_esd   ? 
_cell.reciprocal_angle_beta_esd    ? 
_cell.reciprocal_angle_gamma_esd   ? 
_cell.reciprocal_length_a          ? 
_cell.reciprocal_length_b          ? 
_cell.reciprocal_length_c          ? 
_cell.reciprocal_length_a_esd      ? 
_cell.reciprocal_length_b_esd      ? 
_cell.reciprocal_length_c_esd      ? 
_cell.pdbx_unique_axis             ? 
# 
_symmetry.entry_id                         5DPA 
_symmetry.cell_setting                     ? 
_symmetry.Int_Tables_number                20 
_symmetry.space_group_name_Hall            ? 
_symmetry.space_group_name_H-M             'C 2 2 21' 
_symmetry.pdbx_full_space_group_name_H-M   ? 
# 
_exptl.absorpt_coefficient_mu     ? 
_exptl.absorpt_correction_T_max   ? 
_exptl.absorpt_correction_T_min   ? 
_exptl.absorpt_correction_type    ? 
_exptl.absorpt_process_details    ? 
_exptl.entry_id                   5DPA 
_exptl.crystals_number            1 
_exptl.details                    ? 
_exptl.method                     'X-RAY DIFFRACTION' 
_exptl.method_details             ? 
# 
_exptl_crystal.colour                      ? 
_exptl_crystal.density_diffrn              ? 
_exptl_crystal.density_Matthews            1.97 
_exptl_crystal.density_method              ? 
_exptl_crystal.density_percent_sol         33.14 
_exptl_crystal.description                 ? 
_exptl_crystal.F_000                       ? 
_exptl_crystal.id                          1 
_exptl_crystal.preparation                 ? 
_exptl_crystal.size_max                    ? 
_exptl_crystal.size_mid                    ? 
_exptl_crystal.size_min                    ? 
_exptl_crystal.size_rad                    ? 
_exptl_crystal.colour_lustre               ? 
_exptl_crystal.colour_modifier             ? 
_exptl_crystal.colour_primary              ? 
_exptl_crystal.density_meas                ? 
_exptl_crystal.density_meas_esd            ? 
_exptl_crystal.density_meas_gt             ? 
_exptl_crystal.density_meas_lt             ? 
_exptl_crystal.density_meas_temp           ? 
_exptl_crystal.density_meas_temp_esd       ? 
_exptl_crystal.density_meas_temp_gt        ? 
_exptl_crystal.density_meas_temp_lt        ? 
_exptl_crystal.pdbx_crystal_image_url      ? 
_exptl_crystal.pdbx_crystal_image_format   ? 
_exptl_crystal.pdbx_mosaicity              ? 
_exptl_crystal.pdbx_mosaicity_esd          ? 
# 
_exptl_crystal_grow.apparatus       ? 
_exptl_crystal_grow.atmosphere      ? 
_exptl_crystal_grow.crystal_id      1 
_exptl_crystal_grow.details         ? 
_exptl_crystal_grow.method          'VAPOR DIFFUSION, HANGING DROP' 
_exptl_crystal_grow.method_ref      ? 
_exptl_crystal_grow.pH              8.5 
_exptl_crystal_grow.pressure        ? 
_exptl_crystal_grow.pressure_esd    ? 
_exptl_crystal_grow.seeding         ? 
_exptl_crystal_grow.seeding_ref     ? 
_exptl_crystal_grow.temp            289 
_exptl_crystal_grow.temp_details    ? 
_exptl_crystal_grow.temp_esd        ? 
_exptl_crystal_grow.time            ? 
_exptl_crystal_grow.pdbx_details    '100mM Tris, 25% PEG4000, 0.8M lithium chloride' 
_exptl_crystal_grow.pdbx_pH_range   ? 
# 
_diffrn.ambient_environment    ? 
_diffrn.ambient_temp           100 
_diffrn.ambient_temp_details   ? 
_diffrn.ambient_temp_esd       ? 
_diffrn.crystal_id             1 
_diffrn.crystal_support        ? 
_diffrn.crystal_treatment      ? 
_diffrn.details                ? 
_diffrn.id                     1 
_diffrn.ambient_pressure       ? 
_diffrn.ambient_pressure_esd   ? 
_diffrn.ambient_pressure_gt    ? 
_diffrn.ambient_pressure_lt    ? 
_diffrn.ambient_temp_gt        ? 
_diffrn.ambient_temp_lt        ? 
# 
_diffrn_detector.details                      mirrors 
_diffrn_detector.detector                     CCD 
_diffrn_detector.diffrn_id                    1 
_diffrn_detector.type                         'ADSC QUANTUM 315r' 
_diffrn_detector.area_resol_mean              ? 
_diffrn_detector.dtime                        ? 
_diffrn_detector.pdbx_frames_total            ? 
_diffrn_detector.pdbx_collection_time_total   ? 
_diffrn_detector.pdbx_collection_date         2013-06-25 
# 
_diffrn_radiation.collimation                      ? 
_diffrn_radiation.diffrn_id                        1 
_diffrn_radiation.filter_edge                      ? 
_diffrn_radiation.inhomogeneity                    ? 
_diffrn_radiation.monochromator                    'Ni FILTER' 
_diffrn_radiation.polarisn_norm                    ? 
_diffrn_radiation.polarisn_ratio                   ? 
_diffrn_radiation.probe                            ? 
_diffrn_radiation.type                             ? 
_diffrn_radiation.xray_symbol                      ? 
_diffrn_radiation.wavelength_id                    1 
_diffrn_radiation.pdbx_monochromatic_or_laue_m_l   M 
_diffrn_radiation.pdbx_wavelength_list             ? 
_diffrn_radiation.pdbx_wavelength                  ? 
_diffrn_radiation.pdbx_diffrn_protocol             'SINGLE WAVELENGTH' 
_diffrn_radiation.pdbx_analyzer                    ? 
_diffrn_radiation.pdbx_scattering_type             x-ray 
# 
_diffrn_radiation_wavelength.id           1 
_diffrn_radiation_wavelength.wavelength   0.98 
_diffrn_radiation_wavelength.wt           1.0 
# 
_diffrn_source.current                     ? 
_diffrn_source.details                     ? 
_diffrn_source.diffrn_id                   1 
_diffrn_source.power                       ? 
_diffrn_source.size                        ? 
_diffrn_source.source                      SYNCHROTRON 
_diffrn_source.target                      ? 
_diffrn_source.type                        'SSRF BEAMLINE BL17U' 
_diffrn_source.voltage                     ? 
_diffrn_source.take-off_angle              ? 
_diffrn_source.pdbx_wavelength_list        0.98 
_diffrn_source.pdbx_wavelength             ? 
_diffrn_source.pdbx_synchrotron_beamline   BL17U 
_diffrn_source.pdbx_synchrotron_site       SSRF 
# 
_reflns.B_iso_Wilson_estimate            ? 
_reflns.entry_id                         5DPA 
_reflns.data_reduction_details           ? 
_reflns.data_reduction_method            ? 
_reflns.d_resolution_high                2.06 
_reflns.d_resolution_low                 50 
_reflns.details                          ? 
_reflns.limit_h_max                      ? 
_reflns.limit_h_min                      ? 
_reflns.limit_k_max                      ? 
_reflns.limit_k_min                      ? 
_reflns.limit_l_max                      ? 
_reflns.limit_l_min                      ? 
_reflns.number_all                       ? 
_reflns.number_obs                       9259 
_reflns.observed_criterion               ? 
_reflns.observed_criterion_F_max         ? 
_reflns.observed_criterion_F_min         ? 
_reflns.observed_criterion_I_max         ? 
_reflns.observed_criterion_I_min         ? 
_reflns.observed_criterion_sigma_F       ? 
_reflns.observed_criterion_sigma_I       ? 
_reflns.percent_possible_obs             96.5 
_reflns.R_free_details                   ? 
_reflns.Rmerge_F_all                     ? 
_reflns.Rmerge_F_obs                     ? 
_reflns.Friedel_coverage                 ? 
_reflns.number_gt                        ? 
_reflns.threshold_expression             ? 
_reflns.pdbx_redundancy                  4.0 
_reflns.pdbx_Rmerge_I_obs                ? 
_reflns.pdbx_Rmerge_I_all                ? 
_reflns.pdbx_Rsym_value                  ? 
_reflns.pdbx_netI_over_av_sigmaI         ? 
_reflns.pdbx_netI_over_sigmaI            7.7 
_reflns.pdbx_res_netI_over_av_sigmaI_2   ? 
_reflns.pdbx_res_netI_over_sigmaI_2      ? 
_reflns.pdbx_chi_squared                 ? 
_reflns.pdbx_scaling_rejects             ? 
_reflns.pdbx_d_res_high_opt              ? 
_reflns.pdbx_d_res_low_opt               ? 
_reflns.pdbx_d_res_opt_method            ? 
_reflns.phase_calculation_details        ? 
_reflns.pdbx_Rrim_I_all                  ? 
_reflns.pdbx_Rpim_I_all                  ? 
_reflns.pdbx_d_opt                       ? 
_reflns.pdbx_number_measured_all         ? 
_reflns.pdbx_diffrn_id                   1 
_reflns.pdbx_ordinal                     1 
_reflns.pdbx_CC_half                     ? 
_reflns.pdbx_R_split                     ? 
# 
_reflns_shell.Rmerge_F_all                ? 
_reflns_shell.Rmerge_F_gt                 ? 
_reflns_shell.Rmerge_F_obs                ? 
_reflns_shell.Rmerge_I_all                ? 
_reflns_shell.Rmerge_I_gt                 ? 
_reflns_shell.Rmerge_I_obs                0.401 
_reflns_shell.d_res_high                  2.06 
_reflns_shell.d_res_low                   2.13 
_reflns_shell.meanI_over_sigI_all         ? 
_reflns_shell.meanI_over_sigI_gt          ? 
_reflns_shell.meanI_over_sigI_obs         2.0 
_reflns_shell.meanI_over_uI_all           ? 
_reflns_shell.meanI_over_uI_gt            ? 
_reflns_shell.number_measured_all         ? 
_reflns_shell.number_measured_gt          ? 
_reflns_shell.number_measured_obs         ? 
_reflns_shell.number_possible             ? 
_reflns_shell.number_unique_all           ? 
_reflns_shell.number_unique_gt            ? 
_reflns_shell.number_unique_obs           ? 
_reflns_shell.pdbx_CC_half                ? 
_reflns_shell.pdbx_R_split                ? 
_reflns_shell.pdbx_Rpim_I_all             ? 
_reflns_shell.pdbx_Rrim_I_all             ? 
_reflns_shell.pdbx_Rsym_value             ? 
_reflns_shell.pdbx_chi_squared            ? 
_reflns_shell.pdbx_diffrn_id              1 
_reflns_shell.pdbx_netI_over_sigmaI_all   ? 
_reflns_shell.pdbx_netI_over_sigmaI_obs   ? 
_reflns_shell.pdbx_ordinal                1 
_reflns_shell.pdbx_redundancy             4.0 
_reflns_shell.pdbx_rejects                ? 
_reflns_shell.percent_possible_all        97.2 
_reflns_shell.percent_possible_gt         ? 
_reflns_shell.percent_possible_obs        ? 
# 
_refine.aniso_B[1][1]                            0.7300 
_refine.aniso_B[1][2]                            0.0000 
_refine.aniso_B[1][3]                            -0.0000 
_refine.aniso_B[2][2]                            0.2000 
_refine.aniso_B[2][3]                            0.0000 
_refine.aniso_B[3][3]                            -0.9300 
_refine.B_iso_max                                104.130 
_refine.B_iso_mean                               37.0200 
_refine.B_iso_min                                13.350 
_refine.correlation_coeff_Fo_to_Fc               0.9430 
_refine.correlation_coeff_Fo_to_Fc_free          0.9080 
_refine.details                                  
'HYDROGENS HAVE BEEN ADDED IN THE RIDING POSITIONS U VALUES      : REFINED INDIVIDUALLY' 
_refine.diff_density_max                         ? 
_refine.diff_density_max_esd                     ? 
_refine.diff_density_min                         ? 
_refine.diff_density_min_esd                     ? 
_refine.diff_density_rms                         ? 
_refine.diff_density_rms_esd                     ? 
_refine.entry_id                                 5DPA 
_refine.pdbx_refine_id                           'X-RAY DIFFRACTION' 
_refine.ls_abs_structure_details                 ? 
_refine.ls_abs_structure_Flack                   ? 
_refine.ls_abs_structure_Flack_esd               ? 
_refine.ls_abs_structure_Rogers                  ? 
_refine.ls_abs_structure_Rogers_esd              ? 
_refine.ls_d_res_high                            2.0600 
_refine.ls_d_res_low                             50 
_refine.ls_extinction_coef                       ? 
_refine.ls_extinction_coef_esd                   ? 
_refine.ls_extinction_expression                 ? 
_refine.ls_extinction_method                     ? 
_refine.ls_goodness_of_fit_all                   ? 
_refine.ls_goodness_of_fit_all_esd               ? 
_refine.ls_goodness_of_fit_obs                   ? 
_refine.ls_goodness_of_fit_obs_esd               ? 
_refine.ls_hydrogen_treatment                    ? 
_refine.ls_matrix_type                           ? 
_refine.ls_number_constraints                    ? 
_refine.ls_number_parameters                     ? 
_refine.ls_number_reflns_all                     ? 
_refine.ls_number_reflns_obs                     9259 
_refine.ls_number_reflns_R_free                  471 
_refine.ls_number_reflns_R_work                  ? 
_refine.ls_number_restraints                     ? 
_refine.ls_percent_reflns_obs                    96.6400 
_refine.ls_percent_reflns_R_free                 4.8000 
_refine.ls_R_factor_all                          ? 
_refine.ls_R_factor_obs                          0.2333 
_refine.ls_R_factor_R_free                       0.2921 
_refine.ls_R_factor_R_free_error                 ? 
_refine.ls_R_factor_R_free_error_details         ? 
_refine.ls_R_factor_R_work                       0.2304 
_refine.ls_R_Fsqd_factor_obs                     ? 
_refine.ls_R_I_factor_obs                        ? 
_refine.ls_redundancy_reflns_all                 ? 
_refine.ls_redundancy_reflns_obs                 ? 
_refine.ls_restrained_S_all                      ? 
_refine.ls_restrained_S_obs                      ? 
_refine.ls_shift_over_esd_max                    ? 
_refine.ls_shift_over_esd_mean                   ? 
_refine.ls_structure_factor_coef                 ? 
_refine.ls_weighting_details                     ? 
_refine.ls_weighting_scheme                      ? 
_refine.ls_wR_factor_all                         ? 
_refine.ls_wR_factor_obs                         ? 
_refine.ls_wR_factor_R_free                      ? 
_refine.ls_wR_factor_R_work                      ? 
_refine.occupancy_max                            ? 
_refine.occupancy_min                            ? 
_refine.solvent_model_details                    MASK 
_refine.solvent_model_param_bsol                 ? 
_refine.solvent_model_param_ksol                 ? 
_refine.ls_R_factor_gt                           ? 
_refine.ls_goodness_of_fit_gt                    ? 
_refine.ls_goodness_of_fit_ref                   ? 
_refine.ls_shift_over_su_max                     ? 
_refine.ls_shift_over_su_max_lt                  ? 
_refine.ls_shift_over_su_mean                    ? 
_refine.ls_shift_over_su_mean_lt                 ? 
_refine.pdbx_ls_sigma_I                          ? 
_refine.pdbx_ls_sigma_F                          0.000 
_refine.pdbx_ls_sigma_Fsqd                       ? 
_refine.pdbx_data_cutoff_high_absF               ? 
_refine.pdbx_data_cutoff_high_rms_absF           ? 
_refine.pdbx_data_cutoff_low_absF                ? 
_refine.pdbx_isotropic_thermal_model             ? 
_refine.pdbx_ls_cross_valid_method               THROUGHOUT 
_refine.pdbx_method_to_determine_struct          'MOLECULAR REPLACEMENT' 
_refine.pdbx_starting_model                      4GHQ 
_refine.pdbx_stereochemistry_target_values       'MAXIMUM LIKELIHOOD' 
_refine.pdbx_R_Free_selection_details            RANDOM 
_refine.pdbx_stereochem_target_val_spec_case     ? 
_refine.pdbx_overall_ESU_R                       0.3340 
_refine.pdbx_overall_ESU_R_Free                  0.2500 
_refine.pdbx_solvent_vdw_probe_radii             1.2000 
_refine.pdbx_solvent_ion_probe_radii             0.8000 
_refine.pdbx_solvent_shrinkage_radii             0.8000 
_refine.pdbx_real_space_R                        ? 
_refine.pdbx_density_correlation                 ? 
_refine.pdbx_pd_number_of_powder_patterns        ? 
_refine.pdbx_pd_number_of_points                 ? 
_refine.pdbx_pd_meas_number_of_points            ? 
_refine.pdbx_pd_proc_ls_prof_R_factor            ? 
_refine.pdbx_pd_proc_ls_prof_wR_factor           ? 
_refine.pdbx_pd_Marquardt_correlation_coeff      ? 
_refine.pdbx_pd_Fsqrd_R_factor                   ? 
_refine.pdbx_pd_ls_matrix_band_width             ? 
_refine.pdbx_overall_phase_error                 ? 
_refine.pdbx_overall_SU_R_free_Cruickshank_DPI   ? 
_refine.pdbx_overall_SU_R_free_Blow_DPI          ? 
_refine.pdbx_overall_SU_R_Blow_DPI               ? 
_refine.pdbx_TLS_residual_ADP_flag               ? 
_refine.pdbx_diffrn_id                           1 
_refine.overall_SU_B                             8.6620 
_refine.overall_SU_ML                            0.2140 
_refine.overall_SU_R_Cruickshank_DPI             ? 
_refine.overall_SU_R_free                        ? 
_refine.overall_FOM_free_R_set                   ? 
_refine.overall_FOM_work_R_set                   ? 
_refine.pdbx_average_fsc_overall                 ? 
_refine.pdbx_average_fsc_work                    ? 
_refine.pdbx_average_fsc_free                    ? 
# 
_refine_hist.cycle_id                         final 
_refine_hist.pdbx_refine_id                   'X-RAY DIFFRACTION' 
_refine_hist.d_res_high                       2.0600 
_refine_hist.d_res_low                        50 
_refine_hist.pdbx_number_atoms_ligand         30 
_refine_hist.number_atoms_solvent             78 
_refine_hist.number_atoms_total               1509 
_refine_hist.pdbx_number_residues_total       181 
_refine_hist.pdbx_B_iso_mean_ligand           42.71 
_refine_hist.pdbx_B_iso_mean_solvent          33.44 
_refine_hist.pdbx_number_atoms_protein        1401 
_refine_hist.pdbx_number_atoms_nucleic_acid   0 
# 
loop_
_refine_ls_restr.pdbx_refine_id 
_refine_ls_restr.criterion 
_refine_ls_restr.dev_ideal 
_refine_ls_restr.dev_ideal_target 
_refine_ls_restr.number 
_refine_ls_restr.rejects 
_refine_ls_restr.type 
_refine_ls_restr.weight 
_refine_ls_restr.pdbx_restraint_function 
'X-RAY DIFFRACTION' ? 0.014  0.019  1460 ? r_bond_refined_d       ? ? 
'X-RAY DIFFRACTION' ? 0.002  0.020  1429 ? r_bond_other_d         ? ? 
'X-RAY DIFFRACTION' ? 1.853  1.980  1976 ? r_angle_refined_deg    ? ? 
'X-RAY DIFFRACTION' ? 0.916  3.000  3277 ? r_angle_other_deg      ? ? 
'X-RAY DIFFRACTION' ? 7.075  5.000  180  ? r_dihedral_angle_1_deg ? ? 
'X-RAY DIFFRACTION' ? 41.849 23.710 62   ? r_dihedral_angle_2_deg ? ? 
'X-RAY DIFFRACTION' ? 18.324 15.000 247  ? r_dihedral_angle_3_deg ? ? 
'X-RAY DIFFRACTION' ? 18.569 15.000 10   ? r_dihedral_angle_4_deg ? ? 
'X-RAY DIFFRACTION' ? 0.100  0.200  227  ? r_chiral_restr         ? ? 
'X-RAY DIFFRACTION' ? 0.007  0.021  1643 ? r_gen_planes_refined   ? ? 
'X-RAY DIFFRACTION' ? 0.002  0.020  341  ? r_gen_planes_other     ? ? 
'X-RAY DIFFRACTION' ? 2.979  3.637  723  ? r_mcbond_it            ? ? 
'X-RAY DIFFRACTION' ? 2.978  3.637  722  ? r_mcbond_other         ? ? 
'X-RAY DIFFRACTION' ? 4.455  5.440  902  ? r_mcangle_it           ? ? 
# 
_refine_ls_shell.pdbx_refine_id                   'X-RAY DIFFRACTION' 
_refine_ls_shell.d_res_high                       2.0600 
_refine_ls_shell.d_res_low                        2.1130 
_refine_ls_shell.number_reflns_all                706 
_refine_ls_shell.number_reflns_obs                ? 
_refine_ls_shell.number_reflns_R_free             33 
_refine_ls_shell.number_reflns_R_work             673 
_refine_ls_shell.percent_reflns_obs               97.5100 
_refine_ls_shell.percent_reflns_R_free            ? 
_refine_ls_shell.R_factor_all                     ? 
_refine_ls_shell.R_factor_obs                     ? 
_refine_ls_shell.R_factor_R_free                  0.3430 
_refine_ls_shell.R_factor_R_free_error            ? 
_refine_ls_shell.R_factor_R_work                  0.3200 
_refine_ls_shell.redundancy_reflns_all            ? 
_refine_ls_shell.redundancy_reflns_obs            ? 
_refine_ls_shell.wR_factor_all                    ? 
_refine_ls_shell.wR_factor_obs                    ? 
_refine_ls_shell.wR_factor_R_free                 ? 
_refine_ls_shell.wR_factor_R_work                 ? 
_refine_ls_shell.pdbx_total_number_of_bins_used   20 
_refine_ls_shell.pdbx_phase_error                 ? 
_refine_ls_shell.pdbx_fsc_work                    ? 
_refine_ls_shell.pdbx_fsc_free                    ? 
# 
_struct.entry_id                     5DPA 
_struct.title                        'Crystal Structure of EV71 3C Proteinase in complex with compound 6' 
_struct.pdbx_model_details           ? 
_struct.pdbx_formula_weight          ? 
_struct.pdbx_formula_weight_method   ? 
_struct.pdbx_model_type_details      ? 
_struct.pdbx_CASP_flag               ? 
# 
_struct_keywords.entry_id        5DPA 
_struct_keywords.text            
'Hand, foot and mouth disease, 3C proteinase, peptidomimetics, drug design, rupintrivir, HYDROLASE-HYDROLASE INHIBITOR complex' 
_struct_keywords.pdbx_keywords   'HYDROLASE/HYDROLASE INHIBITOR' 
# 
loop_
_struct_asym.id 
_struct_asym.pdbx_blank_PDB_chainid_flag 
_struct_asym.pdbx_modified 
_struct_asym.entity_id 
_struct_asym.details 
A N N 1 ? 
B N N 2 ? 
C N N 3 ? 
# 
_struct_ref.id                         1 
_struct_ref.db_name                    UNP 
_struct_ref.db_code                    A9XG43_9ENTO 
_struct_ref.pdbx_db_accession          A9XG43 
_struct_ref.pdbx_db_isoform            ? 
_struct_ref.entity_id                  1 
_struct_ref.pdbx_seq_one_letter_code   
;GPSLDFALSLLRRNVRQVQTDQGHFTMLGVRDRLAVLPRHSQPGKTIWIEHKLVNILDAVELVDEQGVNLELTLITLDTN
EKFRDITKFIPENISTASDATLVINTEHMPSMFVPVGDVVQYGFLNLSGKPTHRTMMYNFPTKAGQCGGVVTSVGKVIGI
HIGGNGRQGFCAGLKRSYFASEQ
;
_struct_ref.pdbx_align_begin           1549 
# 
_struct_ref_seq.align_id                      1 
_struct_ref_seq.ref_id                        1 
_struct_ref_seq.pdbx_PDB_id_code              5DPA 
_struct_ref_seq.pdbx_strand_id                A 
_struct_ref_seq.seq_align_beg                 2 
_struct_ref_seq.pdbx_seq_align_beg_ins_code   ? 
_struct_ref_seq.seq_align_end                 184 
_struct_ref_seq.pdbx_seq_align_end_ins_code   ? 
_struct_ref_seq.pdbx_db_accession             A9XG43 
_struct_ref_seq.db_align_beg                  1549 
_struct_ref_seq.pdbx_db_align_beg_ins_code    ? 
_struct_ref_seq.db_align_end                  1731 
_struct_ref_seq.pdbx_db_align_end_ins_code    ? 
_struct_ref_seq.pdbx_auth_seq_align_beg       1 
_struct_ref_seq.pdbx_auth_seq_align_end       183 
# 
loop_
_struct_ref_seq_dif.align_id 
_struct_ref_seq_dif.pdbx_pdb_id_code 
_struct_ref_seq_dif.mon_id 
_struct_ref_seq_dif.pdbx_pdb_strand_id 
_struct_ref_seq_dif.seq_num 
_struct_ref_seq_dif.pdbx_pdb_ins_code 
_struct_ref_seq_dif.pdbx_seq_db_name 
_struct_ref_seq_dif.pdbx_seq_db_accession_code 
_struct_ref_seq_dif.db_mon_id 
_struct_ref_seq_dif.pdbx_seq_db_seq_num 
_struct_ref_seq_dif.details 
_struct_ref_seq_dif.pdbx_auth_seq_num 
_struct_ref_seq_dif.pdbx_ordinal 
1 5DPA MET A 1   ? UNP A9XG43 ? ? 'expression tag' 0   1 
1 5DPA LEU A 185 ? UNP A9XG43 ? ? 'expression tag' 184 2 
1 5DPA GLU A 186 ? UNP A9XG43 ? ? 'expression tag' 185 3 
1 5DPA HIS A 187 ? UNP A9XG43 ? ? 'expression tag' 186 4 
1 5DPA HIS A 188 ? UNP A9XG43 ? ? 'expression tag' 187 5 
1 5DPA HIS A 189 ? UNP A9XG43 ? ? 'expression tag' 188 6 
1 5DPA HIS A 190 ? UNP A9XG43 ? ? 'expression tag' 189 7 
1 5DPA HIS A 191 ? UNP A9XG43 ? ? 'expression tag' 190 8 
1 5DPA HIS A 192 ? UNP A9XG43 ? ? 'expression tag' 191 9 
# 
_pdbx_struct_assembly.id                   1 
_pdbx_struct_assembly.details              author_defined_assembly 
_pdbx_struct_assembly.method_details       ? 
_pdbx_struct_assembly.oligomeric_details   monomeric 
_pdbx_struct_assembly.oligomeric_count     1 
# 
loop_
_pdbx_struct_assembly_prop.biol_id 
_pdbx_struct_assembly_prop.type 
_pdbx_struct_assembly_prop.value 
_pdbx_struct_assembly_prop.details 
1 'ABSA (A^2)' 0    ? 
1 MORE         0    ? 
1 'SSA (A^2)'  8360 ? 
# 
_pdbx_struct_assembly_gen.assembly_id       1 
_pdbx_struct_assembly_gen.oper_expression   1 
_pdbx_struct_assembly_gen.asym_id_list      A,B,C 
# 
_pdbx_struct_oper_list.id                   1 
_pdbx_struct_oper_list.type                 'identity operation' 
_pdbx_struct_oper_list.name                 1_555 
_pdbx_struct_oper_list.symmetry_operation   x,y,z 
_pdbx_struct_oper_list.matrix[1][1]         1.0000000000 
_pdbx_struct_oper_list.matrix[1][2]         0.0000000000 
_pdbx_struct_oper_list.matrix[1][3]         0.0000000000 
_pdbx_struct_oper_list.vector[1]            0.0000000000 
_pdbx_struct_oper_list.matrix[2][1]         0.0000000000 
_pdbx_struct_oper_list.matrix[2][2]         1.0000000000 
_pdbx_struct_oper_list.matrix[2][3]         0.0000000000 
_pdbx_struct_oper_list.vector[2]            0.0000000000 
_pdbx_struct_oper_list.matrix[3][1]         0.0000000000 
_pdbx_struct_oper_list.matrix[3][2]         0.0000000000 
_pdbx_struct_oper_list.matrix[3][3]         1.0000000000 
_pdbx_struct_oper_list.vector[3]            0.0000000000 
# 
loop_
_struct_conf.conf_type_id 
_struct_conf.id 
_struct_conf.pdbx_PDB_helix_id 
_struct_conf.beg_label_comp_id 
_struct_conf.beg_label_asym_id 
_struct_conf.beg_label_seq_id 
_struct_conf.pdbx_beg_PDB_ins_code 
_struct_conf.end_label_comp_id 
_struct_conf.end_label_asym_id 
_struct_conf.end_label_seq_id 
_struct_conf.pdbx_end_PDB_ins_code 
_struct_conf.beg_auth_comp_id 
_struct_conf.beg_auth_asym_id 
_struct_conf.beg_auth_seq_id 
_struct_conf.end_auth_comp_id 
_struct_conf.end_auth_asym_id 
_struct_conf.end_auth_seq_id 
_struct_conf.pdbx_PDB_helix_class 
_struct_conf.details 
_struct_conf.pdbx_PDB_helix_length 
HELX_P HELX_P1 AA1 GLY A 2   ? ASN A 15  ? GLY A 1   ASN A 14  1 ? 14 
HELX_P HELX_P2 AA2 HIS A 41  ? GLN A 43  ? HIS A 40  GLN A 42  5 ? 3  
HELX_P HELX_P3 AA3 ILE A 87  ? ILE A 91  ? ILE A 86  ILE A 90  5 ? 5  
HELX_P HELX_P4 AA4 LYS A 176 ? ALA A 181 ? LYS A 175 ALA A 180 5 ? 6  
# 
_struct_conf_type.id          HELX_P 
_struct_conf_type.criteria    ? 
_struct_conf_type.reference   ? 
# 
_struct_conn.id                            covale1 
_struct_conn.conn_type_id                  covale 
_struct_conn.pdbx_leaving_atom_flag        none 
_struct_conn.pdbx_PDB_id                   ? 
_struct_conn.ptnr1_label_asym_id           A 
_struct_conn.ptnr1_label_comp_id           CYS 
_struct_conn.ptnr1_label_seq_id            148 
_struct_conn.ptnr1_label_atom_id           SG 
_struct_conn.pdbx_ptnr1_label_alt_id       ? 
_struct_conn.pdbx_ptnr1_PDB_ins_code       ? 
_struct_conn.pdbx_ptnr1_standard_comp_id   ? 
_struct_conn.ptnr1_symmetry                1_555 
_struct_conn.ptnr2_label_asym_id           B 
_struct_conn.ptnr2_label_comp_id           5F2 
_struct_conn.ptnr2_label_seq_id            . 
_struct_conn.ptnr2_label_atom_id           C14 
_struct_conn.pdbx_ptnr2_label_alt_id       ? 
_struct_conn.pdbx_ptnr2_PDB_ins_code       ? 
_struct_conn.ptnr1_auth_asym_id            A 
_struct_conn.ptnr1_auth_comp_id            CYS 
_struct_conn.ptnr1_auth_seq_id             147 
_struct_conn.ptnr2_auth_asym_id            A 
_struct_conn.ptnr2_auth_comp_id            5F2 
_struct_conn.ptnr2_auth_seq_id             201 
_struct_conn.ptnr2_symmetry                1_555 
_struct_conn.pdbx_ptnr3_label_atom_id      ? 
_struct_conn.pdbx_ptnr3_label_seq_id       ? 
_struct_conn.pdbx_ptnr3_label_comp_id      ? 
_struct_conn.pdbx_ptnr3_label_asym_id      ? 
_struct_conn.pdbx_ptnr3_label_alt_id       ? 
_struct_conn.pdbx_ptnr3_PDB_ins_code       ? 
_struct_conn.details                       ? 
_struct_conn.pdbx_dist_value               1.809 
_struct_conn.pdbx_value_order              ? 
_struct_conn.pdbx_role                     ? 
# 
_struct_conn_type.id          covale 
_struct_conn_type.criteria    ? 
_struct_conn_type.reference   ? 
# 
_pdbx_modification_feature.ordinal                            1 
_pdbx_modification_feature.label_comp_id                      5F2 
_pdbx_modification_feature.label_asym_id                      B 
_pdbx_modification_feature.label_seq_id                       . 
_pdbx_modification_feature.label_alt_id                       ? 
_pdbx_modification_feature.modified_residue_label_comp_id     CYS 
_pdbx_modification_feature.modified_residue_label_asym_id     A 
_pdbx_modification_feature.modified_residue_label_seq_id      148 
_pdbx_modification_feature.modified_residue_label_alt_id      ? 
_pdbx_modification_feature.auth_comp_id                       5F2 
_pdbx_modification_feature.auth_asym_id                       A 
_pdbx_modification_feature.auth_seq_id                        201 
_pdbx_modification_feature.PDB_ins_code                       ? 
_pdbx_modification_feature.symmetry                           1_555 
_pdbx_modification_feature.modified_residue_auth_comp_id      CYS 
_pdbx_modification_feature.modified_residue_auth_asym_id      A 
_pdbx_modification_feature.modified_residue_auth_seq_id       147 
_pdbx_modification_feature.modified_residue_PDB_ins_code      ? 
_pdbx_modification_feature.modified_residue_symmetry          1_555 
_pdbx_modification_feature.comp_id_linking_atom               C14 
_pdbx_modification_feature.modified_residue_id_linking_atom   SG 
_pdbx_modification_feature.modified_residue_id                CYS 
_pdbx_modification_feature.ref_pcm_id                         1 
_pdbx_modification_feature.ref_comp_id                        5F2 
_pdbx_modification_feature.type                               None 
_pdbx_modification_feature.category                           'Covalent chemical modification' 
# 
loop_
_struct_sheet.id 
_struct_sheet.type 
_struct_sheet.number_strands 
_struct_sheet.details 
AA1 ? 7 ? 
AA2 ? 7 ? 
# 
loop_
_struct_sheet_order.sheet_id 
_struct_sheet_order.range_id_1 
_struct_sheet_order.range_id_2 
_struct_sheet_order.offset 
_struct_sheet_order.sense 
AA1 1 2 ? anti-parallel 
AA1 2 3 ? anti-parallel 
AA1 3 4 ? anti-parallel 
AA1 4 5 ? anti-parallel 
AA1 5 6 ? anti-parallel 
AA1 6 7 ? anti-parallel 
AA2 1 2 ? anti-parallel 
AA2 2 3 ? anti-parallel 
AA2 3 4 ? anti-parallel 
AA2 4 5 ? anti-parallel 
AA2 5 6 ? anti-parallel 
AA2 6 7 ? anti-parallel 
# 
loop_
_struct_sheet_range.sheet_id 
_struct_sheet_range.id 
_struct_sheet_range.beg_label_comp_id 
_struct_sheet_range.beg_label_asym_id 
_struct_sheet_range.beg_label_seq_id 
_struct_sheet_range.pdbx_beg_PDB_ins_code 
_struct_sheet_range.end_label_comp_id 
_struct_sheet_range.end_label_asym_id 
_struct_sheet_range.end_label_seq_id 
_struct_sheet_range.pdbx_end_PDB_ins_code 
_struct_sheet_range.beg_auth_comp_id 
_struct_sheet_range.beg_auth_asym_id 
_struct_sheet_range.beg_auth_seq_id 
_struct_sheet_range.end_auth_comp_id 
_struct_sheet_range.end_auth_asym_id 
_struct_sheet_range.end_auth_seq_id 
AA1 1 VAL A 16  ? THR A 21  ? VAL A 15  THR A 20  
AA1 2 GLY A 24  ? ARG A 32  ? GLY A 23  ARG A 31  
AA1 3 LEU A 35  ? PRO A 39  ? LEU A 34  PRO A 38  
AA1 4 ASN A 70  ? LEU A 78  ? ASN A 69  LEU A 77  
AA1 5 LYS A 53  ? VAL A 64  ? LYS A 52  VAL A 63  
AA1 6 THR A 47  ? ILE A 50  ? THR A 46  ILE A 49  
AA1 7 VAL A 16  ? THR A 21  ? VAL A 15  THR A 20  
AA2 1 ALA A 98  ? ILE A 105 ? ALA A 97  ILE A 104 
AA2 2 MET A 113 ? LEU A 128 ? MET A 112 LEU A 127 
AA2 3 LYS A 131 ? TYR A 139 ? LYS A 130 TYR A 138 
AA2 4 GLY A 170 ? GLY A 174 ? GLY A 169 GLY A 173 
AA2 5 LYS A 157 ? GLY A 165 ? LYS A 156 GLY A 164 
AA2 6 VAL A 151 ? SER A 154 ? VAL A 150 SER A 153 
AA2 7 ALA A 98  ? ILE A 105 ? ALA A 97  ILE A 104 
# 
loop_
_pdbx_struct_sheet_hbond.sheet_id 
_pdbx_struct_sheet_hbond.range_id_1 
_pdbx_struct_sheet_hbond.range_id_2 
_pdbx_struct_sheet_hbond.range_1_label_atom_id 
_pdbx_struct_sheet_hbond.range_1_label_comp_id 
_pdbx_struct_sheet_hbond.range_1_label_asym_id 
_pdbx_struct_sheet_hbond.range_1_label_seq_id 
_pdbx_struct_sheet_hbond.range_1_PDB_ins_code 
_pdbx_struct_sheet_hbond.range_1_auth_atom_id 
_pdbx_struct_sheet_hbond.range_1_auth_comp_id 
_pdbx_struct_sheet_hbond.range_1_auth_asym_id 
_pdbx_struct_sheet_hbond.range_1_auth_seq_id 
_pdbx_struct_sheet_hbond.range_2_label_atom_id 
_pdbx_struct_sheet_hbond.range_2_label_comp_id 
_pdbx_struct_sheet_hbond.range_2_label_asym_id 
_pdbx_struct_sheet_hbond.range_2_label_seq_id 
_pdbx_struct_sheet_hbond.range_2_PDB_ins_code 
_pdbx_struct_sheet_hbond.range_2_auth_atom_id 
_pdbx_struct_sheet_hbond.range_2_auth_comp_id 
_pdbx_struct_sheet_hbond.range_2_auth_asym_id 
_pdbx_struct_sheet_hbond.range_2_auth_seq_id 
AA1 1 2 N THR A 21  ? N THR A 20  O GLY A 24  ? O GLY A 23  
AA1 2 3 N ARG A 32  ? N ARG A 31  O LEU A 35  ? O LEU A 34  
AA1 3 4 N LEU A 38  ? N LEU A 37  O THR A 74  ? O THR A 73  
AA1 4 5 O LEU A 73  ? O LEU A 72  N LEU A 63  ? N LEU A 62  
AA1 5 6 O VAL A 55  ? O VAL A 54  N ILE A 48  ? N ILE A 47  
AA1 6 7 O TRP A 49  ? O TRP A 48  N GLN A 20  ? N GLN A 19  
AA2 1 2 N LEU A 103 ? N LEU A 102 O VAL A 115 ? O VAL A 114 
AA2 2 3 N LEU A 128 ? N LEU A 127 O LYS A 131 ? O LYS A 130 
AA2 3 4 N TYR A 139 ? N TYR A 138 O GLY A 170 ? O GLY A 169 
AA2 4 5 O PHE A 171 ? O PHE A 170 N GLY A 164 ? N GLY A 163 
AA2 5 6 O GLY A 160 ? O GLY A 159 N VAL A 152 ? N VAL A 151 
AA2 6 7 O VAL A 151 ? O VAL A 150 N VAL A 104 ? N VAL A 103 
# 
_struct_site.id                   AC1 
_struct_site.pdbx_evidence_code   Software 
_struct_site.pdbx_auth_asym_id    A 
_struct_site.pdbx_auth_comp_id    5F2 
_struct_site.pdbx_auth_seq_id     201 
_struct_site.pdbx_auth_ins_code   ? 
_struct_site.pdbx_num_residues    16 
_struct_site.details              'binding site for residue 5F2 A 201' 
# 
loop_
_struct_site_gen.id 
_struct_site_gen.site_id 
_struct_site_gen.pdbx_num_res 
_struct_site_gen.label_comp_id 
_struct_site_gen.label_asym_id 
_struct_site_gen.label_seq_id 
_struct_site_gen.pdbx_auth_ins_code 
_struct_site_gen.auth_comp_id 
_struct_site_gen.auth_asym_id 
_struct_site_gen.auth_seq_id 
_struct_site_gen.label_atom_id 
_struct_site_gen.label_alt_id 
_struct_site_gen.symmetry 
_struct_site_gen.details 
1  AC1 16 ARG A 40  ? ARG A 39  . ? 1_555 ? 
2  AC1 16 HIS A 41  ? HIS A 40  . ? 1_555 ? 
3  AC1 16 GLU A 72  ? GLU A 71  . ? 1_555 ? 
4  AC1 16 LEU A 128 ? LEU A 127 . ? 1_555 ? 
5  AC1 16 SER A 129 ? SER A 128 . ? 1_555 ? 
6  AC1 16 THR A 143 ? THR A 142 . ? 1_555 ? 
7  AC1 16 LYS A 144 ? LYS A 143 . ? 1_555 ? 
8  AC1 16 ALA A 145 ? ALA A 144 . ? 1_555 ? 
9  AC1 16 GLY A 146 ? GLY A 145 . ? 1_555 ? 
10 AC1 16 CYS A 148 ? CYS A 147 . ? 1_555 ? 
11 AC1 16 HIS A 162 ? HIS A 161 . ? 1_555 ? 
12 AC1 16 ILE A 163 ? ILE A 162 . ? 1_555 ? 
13 AC1 16 GLY A 164 ? GLY A 163 . ? 1_555 ? 
14 AC1 16 GLY A 165 ? GLY A 164 . ? 1_555 ? 
15 AC1 16 HOH C .   ? HOH A 341 . ? 1_555 ? 
16 AC1 16 HOH C .   ? HOH A 356 . ? 1_555 ? 
# 
_pdbx_entry_details.entry_id                   5DPA 
_pdbx_entry_details.compound_details           ? 
_pdbx_entry_details.source_details             ? 
_pdbx_entry_details.nonpolymer_details         ? 
_pdbx_entry_details.sequence_details           ? 
_pdbx_entry_details.has_ligand_of_interest     ? 
_pdbx_entry_details.has_protein_modification   Y 
# 
_pdbx_validate_close_contact.id               1 
_pdbx_validate_close_contact.PDB_model_num    1 
_pdbx_validate_close_contact.auth_atom_id_1   OG 
_pdbx_validate_close_contact.auth_asym_id_1   A 
_pdbx_validate_close_contact.auth_comp_id_1   SER 
_pdbx_validate_close_contact.auth_seq_id_1    3 
_pdbx_validate_close_contact.PDB_ins_code_1   ? 
_pdbx_validate_close_contact.label_alt_id_1   ? 
_pdbx_validate_close_contact.auth_atom_id_2   O 
_pdbx_validate_close_contact.auth_asym_id_2   A 
_pdbx_validate_close_contact.auth_comp_id_2   HOH 
_pdbx_validate_close_contact.auth_seq_id_2    301 
_pdbx_validate_close_contact.PDB_ins_code_2   ? 
_pdbx_validate_close_contact.label_alt_id_2   ? 
_pdbx_validate_close_contact.dist             2.16 
# 
loop_
_pdbx_validate_torsion.id 
_pdbx_validate_torsion.PDB_model_num 
_pdbx_validate_torsion.auth_comp_id 
_pdbx_validate_torsion.auth_asym_id 
_pdbx_validate_torsion.auth_seq_id 
_pdbx_validate_torsion.PDB_ins_code 
_pdbx_validate_torsion.label_alt_id 
_pdbx_validate_torsion.phi 
_pdbx_validate_torsion.psi 
1 1 ASP A 32  ? ? 40.48   -114.14 
2 1 GLU A 50  ? ? 57.54   -70.89  
3 1 ASP A 58  ? ? -170.25 143.19  
4 1 GLN A 66  ? ? -86.68  30.83   
5 1 GLU A 71  ? ? 81.63   27.25   
6 1 TYR A 122 ? ? -140.88 -49.92  
7 1 ASN A 165 ? ? -156.33 5.96    
# 
loop_
_pdbx_struct_special_symmetry.id 
_pdbx_struct_special_symmetry.PDB_model_num 
_pdbx_struct_special_symmetry.auth_asym_id 
_pdbx_struct_special_symmetry.auth_comp_id 
_pdbx_struct_special_symmetry.auth_seq_id 
_pdbx_struct_special_symmetry.PDB_ins_code 
_pdbx_struct_special_symmetry.label_asym_id 
_pdbx_struct_special_symmetry.label_comp_id 
_pdbx_struct_special_symmetry.label_seq_id 
1 1 A HOH 335 ? C HOH . 
2 1 A HOH 351 ? C HOH . 
3 1 A HOH 362 ? C HOH . 
# 
_pdbx_distant_solvent_atoms.id                                1 
_pdbx_distant_solvent_atoms.PDB_model_num                     1 
_pdbx_distant_solvent_atoms.auth_atom_id                      O 
_pdbx_distant_solvent_atoms.label_alt_id                      ? 
_pdbx_distant_solvent_atoms.auth_asym_id                      A 
_pdbx_distant_solvent_atoms.auth_comp_id                      HOH 
_pdbx_distant_solvent_atoms.auth_seq_id                       378 
_pdbx_distant_solvent_atoms.PDB_ins_code                      ? 
_pdbx_distant_solvent_atoms.neighbor_macromolecule_distance   6.87 
_pdbx_distant_solvent_atoms.neighbor_ligand_distance          . 
# 
loop_
_pdbx_unobs_or_zero_occ_residues.id 
_pdbx_unobs_or_zero_occ_residues.PDB_model_num 
_pdbx_unobs_or_zero_occ_residues.polymer_flag 
_pdbx_unobs_or_zero_occ_residues.occupancy_flag 
_pdbx_unobs_or_zero_occ_residues.auth_asym_id 
_pdbx_unobs_or_zero_occ_residues.auth_comp_id 
_pdbx_unobs_or_zero_occ_residues.auth_seq_id 
_pdbx_unobs_or_zero_occ_residues.PDB_ins_code 
_pdbx_unobs_or_zero_occ_residues.label_asym_id 
_pdbx_unobs_or_zero_occ_residues.label_comp_id 
_pdbx_unobs_or_zero_occ_residues.label_seq_id 
1  1 Y 1 A SER 181 ? A SER 182 
2  1 Y 1 A GLU 182 ? A GLU 183 
3  1 Y 1 A GLN 183 ? A GLN 184 
4  1 Y 1 A LEU 184 ? A LEU 185 
5  1 Y 1 A GLU 185 ? A GLU 186 
6  1 Y 1 A HIS 186 ? A HIS 187 
7  1 Y 1 A HIS 187 ? A HIS 188 
8  1 Y 1 A HIS 188 ? A HIS 189 
9  1 Y 1 A HIS 189 ? A HIS 190 
10 1 Y 1 A HIS 190 ? A HIS 191 
11 1 Y 1 A HIS 191 ? A HIS 192 
# 
loop_
_chem_comp_atom.comp_id 
_chem_comp_atom.atom_id 
_chem_comp_atom.type_symbol 
_chem_comp_atom.pdbx_aromatic_flag 
_chem_comp_atom.pdbx_stereo_config 
_chem_comp_atom.pdbx_ordinal 
5F2 N1   N N N 1   
5F2 C2   C N S 2   
5F2 C3   C N N 3   
5F2 C4   C Y N 4   
5F2 C5   C Y N 5   
5F2 C6   C Y N 6   
5F2 C7   C Y N 7   
5F2 C8   C Y N 8   
5F2 C9   C Y N 9   
5F2 C19  C N N 10  
5F2 C20  C N N 11  
5F2 C22  C N N 12  
5F2 O3   O N N 13  
5F2 C16  C N N 14  
5F2 O2   O N N 15  
5F2 C18  C N N 16  
5F2 C15  C N N 17  
5F2 C14  C N N 18  
5F2 C10  C N S 19  
5F2 C11  C N N 20  
5F2 C12  C N S 21  
5F2 C26  C N N 22  
5F2 C25  C N N 23  
5F2 C13  C N N 24  
5F2 O1   O N N 25  
5F2 N    N N N 26  
5F2 C17  C N N 27  
5F2 O4   O N N 28  
5F2 N2   N N N 29  
5F2 O21  O N N 30  
5F2 H1   H N N 31  
5F2 H2   H N N 32  
5F2 H3   H N N 33  
5F2 H4   H N N 34  
5F2 H5   H N N 35  
5F2 H6   H N N 36  
5F2 H7   H N N 37  
5F2 H8   H N N 38  
5F2 H9   H N N 39  
5F2 H10  H N N 40  
5F2 H11  H N N 41  
5F2 H12  H N N 42  
5F2 H13  H N N 43  
5F2 H14  H N N 44  
5F2 H15  H N N 45  
5F2 H16  H N N 46  
5F2 H17  H N N 47  
5F2 H18  H N N 48  
5F2 H20  H N N 49  
5F2 H22  H N N 50  
5F2 H23  H N N 51  
5F2 H24  H N N 52  
5F2 H25  H N N 53  
5F2 H26  H N N 54  
5F2 H27  H N N 55  
5F2 H28  H N N 56  
5F2 H29  H N N 57  
5F2 H30  H N N 58  
5F2 H31  H N N 59  
ALA N    N N N 60  
ALA CA   C N S 61  
ALA C    C N N 62  
ALA O    O N N 63  
ALA CB   C N N 64  
ALA OXT  O N N 65  
ALA H    H N N 66  
ALA H2   H N N 67  
ALA HA   H N N 68  
ALA HB1  H N N 69  
ALA HB2  H N N 70  
ALA HB3  H N N 71  
ALA HXT  H N N 72  
ARG N    N N N 73  
ARG CA   C N S 74  
ARG C    C N N 75  
ARG O    O N N 76  
ARG CB   C N N 77  
ARG CG   C N N 78  
ARG CD   C N N 79  
ARG NE   N N N 80  
ARG CZ   C N N 81  
ARG NH1  N N N 82  
ARG NH2  N N N 83  
ARG OXT  O N N 84  
ARG H    H N N 85  
ARG H2   H N N 86  
ARG HA   H N N 87  
ARG HB2  H N N 88  
ARG HB3  H N N 89  
ARG HG2  H N N 90  
ARG HG3  H N N 91  
ARG HD2  H N N 92  
ARG HD3  H N N 93  
ARG HE   H N N 94  
ARG HH11 H N N 95  
ARG HH12 H N N 96  
ARG HH21 H N N 97  
ARG HH22 H N N 98  
ARG HXT  H N N 99  
ASN N    N N N 100 
ASN CA   C N S 101 
ASN C    C N N 102 
ASN O    O N N 103 
ASN CB   C N N 104 
ASN CG   C N N 105 
ASN OD1  O N N 106 
ASN ND2  N N N 107 
ASN OXT  O N N 108 
ASN H    H N N 109 
ASN H2   H N N 110 
ASN HA   H N N 111 
ASN HB2  H N N 112 
ASN HB3  H N N 113 
ASN HD21 H N N 114 
ASN HD22 H N N 115 
ASN HXT  H N N 116 
ASP N    N N N 117 
ASP CA   C N S 118 
ASP C    C N N 119 
ASP O    O N N 120 
ASP CB   C N N 121 
ASP CG   C N N 122 
ASP OD1  O N N 123 
ASP OD2  O N N 124 
ASP OXT  O N N 125 
ASP H    H N N 126 
ASP H2   H N N 127 
ASP HA   H N N 128 
ASP HB2  H N N 129 
ASP HB3  H N N 130 
ASP HD2  H N N 131 
ASP HXT  H N N 132 
CYS N    N N N 133 
CYS CA   C N R 134 
CYS C    C N N 135 
CYS O    O N N 136 
CYS CB   C N N 137 
CYS SG   S N N 138 
CYS OXT  O N N 139 
CYS H    H N N 140 
CYS H2   H N N 141 
CYS HA   H N N 142 
CYS HB2  H N N 143 
CYS HB3  H N N 144 
CYS HG   H N N 145 
CYS HXT  H N N 146 
GLN N    N N N 147 
GLN CA   C N S 148 
GLN C    C N N 149 
GLN O    O N N 150 
GLN CB   C N N 151 
GLN CG   C N N 152 
GLN CD   C N N 153 
GLN OE1  O N N 154 
GLN NE2  N N N 155 
GLN OXT  O N N 156 
GLN H    H N N 157 
GLN H2   H N N 158 
GLN HA   H N N 159 
GLN HB2  H N N 160 
GLN HB3  H N N 161 
GLN HG2  H N N 162 
GLN HG3  H N N 163 
GLN HE21 H N N 164 
GLN HE22 H N N 165 
GLN HXT  H N N 166 
GLU N    N N N 167 
GLU CA   C N S 168 
GLU C    C N N 169 
GLU O    O N N 170 
GLU CB   C N N 171 
GLU CG   C N N 172 
GLU CD   C N N 173 
GLU OE1  O N N 174 
GLU OE2  O N N 175 
GLU OXT  O N N 176 
GLU H    H N N 177 
GLU H2   H N N 178 
GLU HA   H N N 179 
GLU HB2  H N N 180 
GLU HB3  H N N 181 
GLU HG2  H N N 182 
GLU HG3  H N N 183 
GLU HE2  H N N 184 
GLU HXT  H N N 185 
GLY N    N N N 186 
GLY CA   C N N 187 
GLY C    C N N 188 
GLY O    O N N 189 
GLY OXT  O N N 190 
GLY H    H N N 191 
GLY H2   H N N 192 
GLY HA2  H N N 193 
GLY HA3  H N N 194 
GLY HXT  H N N 195 
HIS N    N N N 196 
HIS CA   C N S 197 
HIS C    C N N 198 
HIS O    O N N 199 
HIS CB   C N N 200 
HIS CG   C Y N 201 
HIS ND1  N Y N 202 
HIS CD2  C Y N 203 
HIS CE1  C Y N 204 
HIS NE2  N Y N 205 
HIS OXT  O N N 206 
HIS H    H N N 207 
HIS H2   H N N 208 
HIS HA   H N N 209 
HIS HB2  H N N 210 
HIS HB3  H N N 211 
HIS HD1  H N N 212 
HIS HD2  H N N 213 
HIS HE1  H N N 214 
HIS HE2  H N N 215 
HIS HXT  H N N 216 
HOH O    O N N 217 
HOH H1   H N N 218 
HOH H2   H N N 219 
ILE N    N N N 220 
ILE CA   C N S 221 
ILE C    C N N 222 
ILE O    O N N 223 
ILE CB   C N S 224 
ILE CG1  C N N 225 
ILE CG2  C N N 226 
ILE CD1  C N N 227 
ILE OXT  O N N 228 
ILE H    H N N 229 
ILE H2   H N N 230 
ILE HA   H N N 231 
ILE HB   H N N 232 
ILE HG12 H N N 233 
ILE HG13 H N N 234 
ILE HG21 H N N 235 
ILE HG22 H N N 236 
ILE HG23 H N N 237 
ILE HD11 H N N 238 
ILE HD12 H N N 239 
ILE HD13 H N N 240 
ILE HXT  H N N 241 
LEU N    N N N 242 
LEU CA   C N S 243 
LEU C    C N N 244 
LEU O    O N N 245 
LEU CB   C N N 246 
LEU CG   C N N 247 
LEU CD1  C N N 248 
LEU CD2  C N N 249 
LEU OXT  O N N 250 
LEU H    H N N 251 
LEU H2   H N N 252 
LEU HA   H N N 253 
LEU HB2  H N N 254 
LEU HB3  H N N 255 
LEU HG   H N N 256 
LEU HD11 H N N 257 
LEU HD12 H N N 258 
LEU HD13 H N N 259 
LEU HD21 H N N 260 
LEU HD22 H N N 261 
LEU HD23 H N N 262 
LEU HXT  H N N 263 
LYS N    N N N 264 
LYS CA   C N S 265 
LYS C    C N N 266 
LYS O    O N N 267 
LYS CB   C N N 268 
LYS CG   C N N 269 
LYS CD   C N N 270 
LYS CE   C N N 271 
LYS NZ   N N N 272 
LYS OXT  O N N 273 
LYS H    H N N 274 
LYS H2   H N N 275 
LYS HA   H N N 276 
LYS HB2  H N N 277 
LYS HB3  H N N 278 
LYS HG2  H N N 279 
LYS HG3  H N N 280 
LYS HD2  H N N 281 
LYS HD3  H N N 282 
LYS HE2  H N N 283 
LYS HE3  H N N 284 
LYS HZ1  H N N 285 
LYS HZ2  H N N 286 
LYS HZ3  H N N 287 
LYS HXT  H N N 288 
MET N    N N N 289 
MET CA   C N S 290 
MET C    C N N 291 
MET O    O N N 292 
MET CB   C N N 293 
MET CG   C N N 294 
MET SD   S N N 295 
MET CE   C N N 296 
MET OXT  O N N 297 
MET H    H N N 298 
MET H2   H N N 299 
MET HA   H N N 300 
MET HB2  H N N 301 
MET HB3  H N N 302 
MET HG2  H N N 303 
MET HG3  H N N 304 
MET HE1  H N N 305 
MET HE2  H N N 306 
MET HE3  H N N 307 
MET HXT  H N N 308 
PHE N    N N N 309 
PHE CA   C N S 310 
PHE C    C N N 311 
PHE O    O N N 312 
PHE CB   C N N 313 
PHE CG   C Y N 314 
PHE CD1  C Y N 315 
PHE CD2  C Y N 316 
PHE CE1  C Y N 317 
PHE CE2  C Y N 318 
PHE CZ   C Y N 319 
PHE OXT  O N N 320 
PHE H    H N N 321 
PHE H2   H N N 322 
PHE HA   H N N 323 
PHE HB2  H N N 324 
PHE HB3  H N N 325 
PHE HD1  H N N 326 
PHE HD2  H N N 327 
PHE HE1  H N N 328 
PHE HE2  H N N 329 
PHE HZ   H N N 330 
PHE HXT  H N N 331 
PRO N    N N N 332 
PRO CA   C N S 333 
PRO C    C N N 334 
PRO O    O N N 335 
PRO CB   C N N 336 
PRO CG   C N N 337 
PRO CD   C N N 338 
PRO OXT  O N N 339 
PRO H    H N N 340 
PRO HA   H N N 341 
PRO HB2  H N N 342 
PRO HB3  H N N 343 
PRO HG2  H N N 344 
PRO HG3  H N N 345 
PRO HD2  H N N 346 
PRO HD3  H N N 347 
PRO HXT  H N N 348 
SER N    N N N 349 
SER CA   C N S 350 
SER C    C N N 351 
SER O    O N N 352 
SER CB   C N N 353 
SER OG   O N N 354 
SER OXT  O N N 355 
SER H    H N N 356 
SER H2   H N N 357 
SER HA   H N N 358 
SER HB2  H N N 359 
SER HB3  H N N 360 
SER HG   H N N 361 
SER HXT  H N N 362 
THR N    N N N 363 
THR CA   C N S 364 
THR C    C N N 365 
THR O    O N N 366 
THR CB   C N R 367 
THR OG1  O N N 368 
THR CG2  C N N 369 
THR OXT  O N N 370 
THR H    H N N 371 
THR H2   H N N 372 
THR HA   H N N 373 
THR HB   H N N 374 
THR HG1  H N N 375 
THR HG21 H N N 376 
THR HG22 H N N 377 
THR HG23 H N N 378 
THR HXT  H N N 379 
TRP N    N N N 380 
TRP CA   C N S 381 
TRP C    C N N 382 
TRP O    O N N 383 
TRP CB   C N N 384 
TRP CG   C Y N 385 
TRP CD1  C Y N 386 
TRP CD2  C Y N 387 
TRP NE1  N Y N 388 
TRP CE2  C Y N 389 
TRP CE3  C Y N 390 
TRP CZ2  C Y N 391 
TRP CZ3  C Y N 392 
TRP CH2  C Y N 393 
TRP OXT  O N N 394 
TRP H    H N N 395 
TRP H2   H N N 396 
TRP HA   H N N 397 
TRP HB2  H N N 398 
TRP HB3  H N N 399 
TRP HD1  H N N 400 
TRP HE1  H N N 401 
TRP HE3  H N N 402 
TRP HZ2  H N N 403 
TRP HZ3  H N N 404 
TRP HH2  H N N 405 
TRP HXT  H N N 406 
TYR N    N N N 407 
TYR CA   C N S 408 
TYR C    C N N 409 
TYR O    O N N 410 
TYR CB   C N N 411 
TYR CG   C Y N 412 
TYR CD1  C Y N 413 
TYR CD2  C Y N 414 
TYR CE1  C Y N 415 
TYR CE2  C Y N 416 
TYR CZ   C Y N 417 
TYR OH   O N N 418 
TYR OXT  O N N 419 
TYR H    H N N 420 
TYR H2   H N N 421 
TYR HA   H N N 422 
TYR HB2  H N N 423 
TYR HB3  H N N 424 
TYR HD1  H N N 425 
TYR HD2  H N N 426 
TYR HE1  H N N 427 
TYR HE2  H N N 428 
TYR HH   H N N 429 
TYR HXT  H N N 430 
VAL N    N N N 431 
VAL CA   C N S 432 
VAL C    C N N 433 
VAL O    O N N 434 
VAL CB   C N N 435 
VAL CG1  C N N 436 
VAL CG2  C N N 437 
VAL OXT  O N N 438 
VAL H    H N N 439 
VAL H2   H N N 440 
VAL HA   H N N 441 
VAL HB   H N N 442 
VAL HG11 H N N 443 
VAL HG12 H N N 444 
VAL HG13 H N N 445 
VAL HG21 H N N 446 
VAL HG22 H N N 447 
VAL HG23 H N N 448 
VAL HXT  H N N 449 
# 
loop_
_chem_comp_bond.comp_id 
_chem_comp_bond.atom_id_1 
_chem_comp_bond.atom_id_2 
_chem_comp_bond.value_order 
_chem_comp_bond.pdbx_aromatic_flag 
_chem_comp_bond.pdbx_stereo_config 
_chem_comp_bond.pdbx_ordinal 
5F2 O3  C16  doub N N 1   
5F2 C16 O2   sing N N 2   
5F2 C16 C15  sing N N 3   
5F2 C18 O2   sing N N 4   
5F2 C18 C19  sing N N 5   
5F2 C15 C14  doub N Z 6   
5F2 C14 C10  sing N N 7   
5F2 C11 C10  sing N N 8   
5F2 C11 C12  sing N N 9   
5F2 C10 N    sing N N 10  
5F2 O1  C13  doub N N 11  
5F2 C13 C12  sing N N 12  
5F2 C13 N1   sing N N 13  
5F2 C12 C26  sing N N 14  
5F2 N   C17  sing N N 15  
5F2 N1  C25  sing N N 16  
5F2 O4  C17  doub N N 17  
5F2 C25 C26  sing N N 18  
5F2 C17 C2   sing N N 19  
5F2 C3  C2   sing N N 20  
5F2 C3  C4   sing N N 21  
5F2 C2  N2   sing N N 22  
5F2 C4  C5   doub Y N 23  
5F2 C4  C9   sing Y N 24  
5F2 C5  C6   sing Y N 25  
5F2 O21 C20  doub N N 26  
5F2 N2  C20  sing N N 27  
5F2 C9  C8   doub Y N 28  
5F2 C20 C22  sing N N 29  
5F2 C6  C7   doub Y N 30  
5F2 C8  C7   sing Y N 31  
5F2 N1  H1   sing N N 32  
5F2 C2  H2   sing N N 33  
5F2 C3  H3   sing N N 34  
5F2 C3  H4   sing N N 35  
5F2 C5  H5   sing N N 36  
5F2 C6  H6   sing N N 37  
5F2 C7  H7   sing N N 38  
5F2 C8  H8   sing N N 39  
5F2 C9  H9   sing N N 40  
5F2 C19 H10  sing N N 41  
5F2 C19 H11  sing N N 42  
5F2 C19 H12  sing N N 43  
5F2 C22 H13  sing N N 44  
5F2 C22 H14  sing N N 45  
5F2 C22 H15  sing N N 46  
5F2 C18 H16  sing N N 47  
5F2 C18 H17  sing N N 48  
5F2 C15 H18  sing N N 49  
5F2 C14 H20  sing N N 50  
5F2 C10 H22  sing N N 51  
5F2 C11 H23  sing N N 52  
5F2 C11 H24  sing N N 53  
5F2 C12 H25  sing N N 54  
5F2 C26 H26  sing N N 55  
5F2 C26 H27  sing N N 56  
5F2 C25 H28  sing N N 57  
5F2 C25 H29  sing N N 58  
5F2 N   H30  sing N N 59  
5F2 N2  H31  sing N N 60  
ALA N   CA   sing N N 61  
ALA N   H    sing N N 62  
ALA N   H2   sing N N 63  
ALA CA  C    sing N N 64  
ALA CA  CB   sing N N 65  
ALA CA  HA   sing N N 66  
ALA C   O    doub N N 67  
ALA C   OXT  sing N N 68  
ALA CB  HB1  sing N N 69  
ALA CB  HB2  sing N N 70  
ALA CB  HB3  sing N N 71  
ALA OXT HXT  sing N N 72  
ARG N   CA   sing N N 73  
ARG N   H    sing N N 74  
ARG N   H2   sing N N 75  
ARG CA  C    sing N N 76  
ARG CA  CB   sing N N 77  
ARG CA  HA   sing N N 78  
ARG C   O    doub N N 79  
ARG C   OXT  sing N N 80  
ARG CB  CG   sing N N 81  
ARG CB  HB2  sing N N 82  
ARG CB  HB3  sing N N 83  
ARG CG  CD   sing N N 84  
ARG CG  HG2  sing N N 85  
ARG CG  HG3  sing N N 86  
ARG CD  NE   sing N N 87  
ARG CD  HD2  sing N N 88  
ARG CD  HD3  sing N N 89  
ARG NE  CZ   sing N N 90  
ARG NE  HE   sing N N 91  
ARG CZ  NH1  sing N N 92  
ARG CZ  NH2  doub N N 93  
ARG NH1 HH11 sing N N 94  
ARG NH1 HH12 sing N N 95  
ARG NH2 HH21 sing N N 96  
ARG NH2 HH22 sing N N 97  
ARG OXT HXT  sing N N 98  
ASN N   CA   sing N N 99  
ASN N   H    sing N N 100 
ASN N   H2   sing N N 101 
ASN CA  C    sing N N 102 
ASN CA  CB   sing N N 103 
ASN CA  HA   sing N N 104 
ASN C   O    doub N N 105 
ASN C   OXT  sing N N 106 
ASN CB  CG   sing N N 107 
ASN CB  HB2  sing N N 108 
ASN CB  HB3  sing N N 109 
ASN CG  OD1  doub N N 110 
ASN CG  ND2  sing N N 111 
ASN ND2 HD21 sing N N 112 
ASN ND2 HD22 sing N N 113 
ASN OXT HXT  sing N N 114 
ASP N   CA   sing N N 115 
ASP N   H    sing N N 116 
ASP N   H2   sing N N 117 
ASP CA  C    sing N N 118 
ASP CA  CB   sing N N 119 
ASP CA  HA   sing N N 120 
ASP C   O    doub N N 121 
ASP C   OXT  sing N N 122 
ASP CB  CG   sing N N 123 
ASP CB  HB2  sing N N 124 
ASP CB  HB3  sing N N 125 
ASP CG  OD1  doub N N 126 
ASP CG  OD2  sing N N 127 
ASP OD2 HD2  sing N N 128 
ASP OXT HXT  sing N N 129 
CYS N   CA   sing N N 130 
CYS N   H    sing N N 131 
CYS N   H2   sing N N 132 
CYS CA  C    sing N N 133 
CYS CA  CB   sing N N 134 
CYS CA  HA   sing N N 135 
CYS C   O    doub N N 136 
CYS C   OXT  sing N N 137 
CYS CB  SG   sing N N 138 
CYS CB  HB2  sing N N 139 
CYS CB  HB3  sing N N 140 
CYS SG  HG   sing N N 141 
CYS OXT HXT  sing N N 142 
GLN N   CA   sing N N 143 
GLN N   H    sing N N 144 
GLN N   H2   sing N N 145 
GLN CA  C    sing N N 146 
GLN CA  CB   sing N N 147 
GLN CA  HA   sing N N 148 
GLN C   O    doub N N 149 
GLN C   OXT  sing N N 150 
GLN CB  CG   sing N N 151 
GLN CB  HB2  sing N N 152 
GLN CB  HB3  sing N N 153 
GLN CG  CD   sing N N 154 
GLN CG  HG2  sing N N 155 
GLN CG  HG3  sing N N 156 
GLN CD  OE1  doub N N 157 
GLN CD  NE2  sing N N 158 
GLN NE2 HE21 sing N N 159 
GLN NE2 HE22 sing N N 160 
GLN OXT HXT  sing N N 161 
GLU N   CA   sing N N 162 
GLU N   H    sing N N 163 
GLU N   H2   sing N N 164 
GLU CA  C    sing N N 165 
GLU CA  CB   sing N N 166 
GLU CA  HA   sing N N 167 
GLU C   O    doub N N 168 
GLU C   OXT  sing N N 169 
GLU CB  CG   sing N N 170 
GLU CB  HB2  sing N N 171 
GLU CB  HB3  sing N N 172 
GLU CG  CD   sing N N 173 
GLU CG  HG2  sing N N 174 
GLU CG  HG3  sing N N 175 
GLU CD  OE1  doub N N 176 
GLU CD  OE2  sing N N 177 
GLU OE2 HE2  sing N N 178 
GLU OXT HXT  sing N N 179 
GLY N   CA   sing N N 180 
GLY N   H    sing N N 181 
GLY N   H2   sing N N 182 
GLY CA  C    sing N N 183 
GLY CA  HA2  sing N N 184 
GLY CA  HA3  sing N N 185 
GLY C   O    doub N N 186 
GLY C   OXT  sing N N 187 
GLY OXT HXT  sing N N 188 
HIS N   CA   sing N N 189 
HIS N   H    sing N N 190 
HIS N   H2   sing N N 191 
HIS CA  C    sing N N 192 
HIS CA  CB   sing N N 193 
HIS CA  HA   sing N N 194 
HIS C   O    doub N N 195 
HIS C   OXT  sing N N 196 
HIS CB  CG   sing N N 197 
HIS CB  HB2  sing N N 198 
HIS CB  HB3  sing N N 199 
HIS CG  ND1  sing Y N 200 
HIS CG  CD2  doub Y N 201 
HIS ND1 CE1  doub Y N 202 
HIS ND1 HD1  sing N N 203 
HIS CD2 NE2  sing Y N 204 
HIS CD2 HD2  sing N N 205 
HIS CE1 NE2  sing Y N 206 
HIS CE1 HE1  sing N N 207 
HIS NE2 HE2  sing N N 208 
HIS OXT HXT  sing N N 209 
HOH O   H1   sing N N 210 
HOH O   H2   sing N N 211 
ILE N   CA   sing N N 212 
ILE N   H    sing N N 213 
ILE N   H2   sing N N 214 
ILE CA  C    sing N N 215 
ILE CA  CB   sing N N 216 
ILE CA  HA   sing N N 217 
ILE C   O    doub N N 218 
ILE C   OXT  sing N N 219 
ILE CB  CG1  sing N N 220 
ILE CB  CG2  sing N N 221 
ILE CB  HB   sing N N 222 
ILE CG1 CD1  sing N N 223 
ILE CG1 HG12 sing N N 224 
ILE CG1 HG13 sing N N 225 
ILE CG2 HG21 sing N N 226 
ILE CG2 HG22 sing N N 227 
ILE CG2 HG23 sing N N 228 
ILE CD1 HD11 sing N N 229 
ILE CD1 HD12 sing N N 230 
ILE CD1 HD13 sing N N 231 
ILE OXT HXT  sing N N 232 
LEU N   CA   sing N N 233 
LEU N   H    sing N N 234 
LEU N   H2   sing N N 235 
LEU CA  C    sing N N 236 
LEU CA  CB   sing N N 237 
LEU CA  HA   sing N N 238 
LEU C   O    doub N N 239 
LEU C   OXT  sing N N 240 
LEU CB  CG   sing N N 241 
LEU CB  HB2  sing N N 242 
LEU CB  HB3  sing N N 243 
LEU CG  CD1  sing N N 244 
LEU CG  CD2  sing N N 245 
LEU CG  HG   sing N N 246 
LEU CD1 HD11 sing N N 247 
LEU CD1 HD12 sing N N 248 
LEU CD1 HD13 sing N N 249 
LEU CD2 HD21 sing N N 250 
LEU CD2 HD22 sing N N 251 
LEU CD2 HD23 sing N N 252 
LEU OXT HXT  sing N N 253 
LYS N   CA   sing N N 254 
LYS N   H    sing N N 255 
LYS N   H2   sing N N 256 
LYS CA  C    sing N N 257 
LYS CA  CB   sing N N 258 
LYS CA  HA   sing N N 259 
LYS C   O    doub N N 260 
LYS C   OXT  sing N N 261 
LYS CB  CG   sing N N 262 
LYS CB  HB2  sing N N 263 
LYS CB  HB3  sing N N 264 
LYS CG  CD   sing N N 265 
LYS CG  HG2  sing N N 266 
LYS CG  HG3  sing N N 267 
LYS CD  CE   sing N N 268 
LYS CD  HD2  sing N N 269 
LYS CD  HD3  sing N N 270 
LYS CE  NZ   sing N N 271 
LYS CE  HE2  sing N N 272 
LYS CE  HE3  sing N N 273 
LYS NZ  HZ1  sing N N 274 
LYS NZ  HZ2  sing N N 275 
LYS NZ  HZ3  sing N N 276 
LYS OXT HXT  sing N N 277 
MET N   CA   sing N N 278 
MET N   H    sing N N 279 
MET N   H2   sing N N 280 
MET CA  C    sing N N 281 
MET CA  CB   sing N N 282 
MET CA  HA   sing N N 283 
MET C   O    doub N N 284 
MET C   OXT  sing N N 285 
MET CB  CG   sing N N 286 
MET CB  HB2  sing N N 287 
MET CB  HB3  sing N N 288 
MET CG  SD   sing N N 289 
MET CG  HG2  sing N N 290 
MET CG  HG3  sing N N 291 
MET SD  CE   sing N N 292 
MET CE  HE1  sing N N 293 
MET CE  HE2  sing N N 294 
MET CE  HE3  sing N N 295 
MET OXT HXT  sing N N 296 
PHE N   CA   sing N N 297 
PHE N   H    sing N N 298 
PHE N   H2   sing N N 299 
PHE CA  C    sing N N 300 
PHE CA  CB   sing N N 301 
PHE CA  HA   sing N N 302 
PHE C   O    doub N N 303 
PHE C   OXT  sing N N 304 
PHE CB  CG   sing N N 305 
PHE CB  HB2  sing N N 306 
PHE CB  HB3  sing N N 307 
PHE CG  CD1  doub Y N 308 
PHE CG  CD2  sing Y N 309 
PHE CD1 CE1  sing Y N 310 
PHE CD1 HD1  sing N N 311 
PHE CD2 CE2  doub Y N 312 
PHE CD2 HD2  sing N N 313 
PHE CE1 CZ   doub Y N 314 
PHE CE1 HE1  sing N N 315 
PHE CE2 CZ   sing Y N 316 
PHE CE2 HE2  sing N N 317 
PHE CZ  HZ   sing N N 318 
PHE OXT HXT  sing N N 319 
PRO N   CA   sing N N 320 
PRO N   CD   sing N N 321 
PRO N   H    sing N N 322 
PRO CA  C    sing N N 323 
PRO CA  CB   sing N N 324 
PRO CA  HA   sing N N 325 
PRO C   O    doub N N 326 
PRO C   OXT  sing N N 327 
PRO CB  CG   sing N N 328 
PRO CB  HB2  sing N N 329 
PRO CB  HB3  sing N N 330 
PRO CG  CD   sing N N 331 
PRO CG  HG2  sing N N 332 
PRO CG  HG3  sing N N 333 
PRO CD  HD2  sing N N 334 
PRO CD  HD3  sing N N 335 
PRO OXT HXT  sing N N 336 
SER N   CA   sing N N 337 
SER N   H    sing N N 338 
SER N   H2   sing N N 339 
SER CA  C    sing N N 340 
SER CA  CB   sing N N 341 
SER CA  HA   sing N N 342 
SER C   O    doub N N 343 
SER C   OXT  sing N N 344 
SER CB  OG   sing N N 345 
SER CB  HB2  sing N N 346 
SER CB  HB3  sing N N 347 
SER OG  HG   sing N N 348 
SER OXT HXT  sing N N 349 
THR N   CA   sing N N 350 
THR N   H    sing N N 351 
THR N   H2   sing N N 352 
THR CA  C    sing N N 353 
THR CA  CB   sing N N 354 
THR CA  HA   sing N N 355 
THR C   O    doub N N 356 
THR C   OXT  sing N N 357 
THR CB  OG1  sing N N 358 
THR CB  CG2  sing N N 359 
THR CB  HB   sing N N 360 
THR OG1 HG1  sing N N 361 
THR CG2 HG21 sing N N 362 
THR CG2 HG22 sing N N 363 
THR CG2 HG23 sing N N 364 
THR OXT HXT  sing N N 365 
TRP N   CA   sing N N 366 
TRP N   H    sing N N 367 
TRP N   H2   sing N N 368 
TRP CA  C    sing N N 369 
TRP CA  CB   sing N N 370 
TRP CA  HA   sing N N 371 
TRP C   O    doub N N 372 
TRP C   OXT  sing N N 373 
TRP CB  CG   sing N N 374 
TRP CB  HB2  sing N N 375 
TRP CB  HB3  sing N N 376 
TRP CG  CD1  doub Y N 377 
TRP CG  CD2  sing Y N 378 
TRP CD1 NE1  sing Y N 379 
TRP CD1 HD1  sing N N 380 
TRP CD2 CE2  doub Y N 381 
TRP CD2 CE3  sing Y N 382 
TRP NE1 CE2  sing Y N 383 
TRP NE1 HE1  sing N N 384 
TRP CE2 CZ2  sing Y N 385 
TRP CE3 CZ3  doub Y N 386 
TRP CE3 HE3  sing N N 387 
TRP CZ2 CH2  doub Y N 388 
TRP CZ2 HZ2  sing N N 389 
TRP CZ3 CH2  sing Y N 390 
TRP CZ3 HZ3  sing N N 391 
TRP CH2 HH2  sing N N 392 
TRP OXT HXT  sing N N 393 
TYR N   CA   sing N N 394 
TYR N   H    sing N N 395 
TYR N   H2   sing N N 396 
TYR CA  C    sing N N 397 
TYR CA  CB   sing N N 398 
TYR CA  HA   sing N N 399 
TYR C   O    doub N N 400 
TYR C   OXT  sing N N 401 
TYR CB  CG   sing N N 402 
TYR CB  HB2  sing N N 403 
TYR CB  HB3  sing N N 404 
TYR CG  CD1  doub Y N 405 
TYR CG  CD2  sing Y N 406 
TYR CD1 CE1  sing Y N 407 
TYR CD1 HD1  sing N N 408 
TYR CD2 CE2  doub Y N 409 
TYR CD2 HD2  sing N N 410 
TYR CE1 CZ   doub Y N 411 
TYR CE1 HE1  sing N N 412 
TYR CE2 CZ   sing Y N 413 
TYR CE2 HE2  sing N N 414 
TYR CZ  OH   sing N N 415 
TYR OH  HH   sing N N 416 
TYR OXT HXT  sing N N 417 
VAL N   CA   sing N N 418 
VAL N   H    sing N N 419 
VAL N   H2   sing N N 420 
VAL CA  C    sing N N 421 
VAL CA  CB   sing N N 422 
VAL CA  HA   sing N N 423 
VAL C   O    doub N N 424 
VAL C   OXT  sing N N 425 
VAL CB  CG1  sing N N 426 
VAL CB  CG2  sing N N 427 
VAL CB  HB   sing N N 428 
VAL CG1 HG11 sing N N 429 
VAL CG1 HG12 sing N N 430 
VAL CG1 HG13 sing N N 431 
VAL CG2 HG21 sing N N 432 
VAL CG2 HG22 sing N N 433 
VAL CG2 HG23 sing N N 434 
VAL OXT HXT  sing N N 435 
# 
_pdbx_initial_refinement_model.id               1 
_pdbx_initial_refinement_model.entity_id_list   ? 
_pdbx_initial_refinement_model.type             'experimental model' 
_pdbx_initial_refinement_model.source_name      PDB 
_pdbx_initial_refinement_model.accession_code   4GHQ 
_pdbx_initial_refinement_model.details          ? 
# 
_atom_sites.entry_id                    5DPA 
_atom_sites.fract_transf_matrix[1][1]   0.00180175 
_atom_sites.fract_transf_matrix[1][2]   -0.01166897 
_atom_sites.fract_transf_matrix[1][3]   0.01025663 
_atom_sites.fract_transf_matrix[2][1]   -0.01077525 
_atom_sites.fract_transf_matrix[2][2]   0.00622872 
_atom_sites.fract_transf_matrix[2][3]   0.00897927 
_atom_sites.fract_transf_matrix[3][1]   -0.00929940 
_atom_sites.fract_transf_matrix[3][2]   -0.00698545 
_atom_sites.fract_transf_matrix[3][3]   -0.00631375 
_atom_sites.fract_transf_vector[1]      -0.197972 
_atom_sites.fract_transf_vector[2]      -0.253755 
_atom_sites.fract_transf_vector[3]      -0.121918 
# 
loop_
_atom_type.symbol 
C 
N 
O 
S 
# 
loop_
_atom_site.group_PDB 
_atom_site.id 
_atom_site.type_symbol 
_atom_site.label_atom_id 
_atom_site.label_alt_id 
_atom_site.label_comp_id 
_atom_site.label_asym_id 
_atom_site.label_entity_id 
_atom_site.label_seq_id 
_atom_site.pdbx_PDB_ins_code 
_atom_site.Cartn_x 
_atom_site.Cartn_y 
_atom_site.Cartn_z 
_atom_site.occupancy 
_atom_site.B_iso_or_equiv 
_atom_site.pdbx_formal_charge 
_atom_site.auth_seq_id 
_atom_site.auth_comp_id 
_atom_site.auth_asym_id 
_atom_site.auth_atom_id 
_atom_site.pdbx_PDB_model_num 
ATOM   1    N N   . MET A 1 1   ? 24.635  -6.303  8.185   1.00 67.01  ? 0   MET A N   1 
ATOM   2    C CA  . MET A 1 1   ? 23.207  -6.643  7.858   1.00 64.96  ? 0   MET A CA  1 
ATOM   3    C C   . MET A 1 1   ? 23.006  -7.102  6.416   1.00 57.08  ? 0   MET A C   1 
ATOM   4    O O   . MET A 1 1   ? 23.689  -6.652  5.505   1.00 60.90  ? 0   MET A O   1 
ATOM   5    C CB  . MET A 1 1   ? 22.297  -5.452  8.169   1.00 65.93  ? 0   MET A CB  1 
ATOM   6    C CG  . MET A 1 1   ? 20.927  -5.468  7.496   1.00 64.71  ? 0   MET A CG  1 
ATOM   7    S SD  . MET A 1 1   ? 20.110  -3.863  7.627   1.00 57.74  ? 0   MET A SD  1 
ATOM   8    C CE  . MET A 1 1   ? 20.812  -3.121  9.104   1.00 53.42  ? 0   MET A CE  1 
ATOM   9    N N   . GLY A 1 2   ? 22.026  -7.978  6.227   1.00 52.06  ? 1   GLY A N   1 
ATOM   10   C CA  . GLY A 1 2   ? 21.757  -8.594  4.937   1.00 52.72  ? 1   GLY A CA  1 
ATOM   11   C C   . GLY A 1 2   ? 20.872  -7.771  4.030   1.00 55.22  ? 1   GLY A C   1 
ATOM   12   O O   . GLY A 1 2   ? 20.354  -6.728  4.426   1.00 58.80  ? 1   GLY A O   1 
ATOM   13   N N   . PRO A 1 3   ? 20.653  -8.265  2.811   1.00 53.92  ? 2   PRO A N   1 
ATOM   14   C CA  . PRO A 1 3   ? 20.085  -7.441  1.751   1.00 51.01  ? 2   PRO A CA  1 
ATOM   15   C C   . PRO A 1 3   ? 18.607  -7.222  1.871   1.00 44.76  ? 2   PRO A C   1 
ATOM   16   O O   . PRO A 1 3   ? 18.142  -6.146  1.489   1.00 38.14  ? 2   PRO A O   1 
ATOM   17   C CB  . PRO A 1 3   ? 20.364  -8.255  0.482   1.00 50.61  ? 2   PRO A CB  1 
ATOM   18   C CG  . PRO A 1 3   ? 20.308  -9.686  0.953   1.00 51.41  ? 2   PRO A CG  1 
ATOM   19   C CD  . PRO A 1 3   ? 20.805  -9.677  2.387   1.00 56.55  ? 2   PRO A CD  1 
ATOM   20   N N   . SER A 1 4   ? 17.868  -8.224  2.345   1.00 41.66  ? 3   SER A N   1 
ATOM   21   C CA  . SER A 1 4   ? 16.393  -8.174  2.283   1.00 39.41  ? 3   SER A CA  1 
ATOM   22   C C   . SER A 1 4   ? 15.869  -7.307  3.428   1.00 33.93  ? 3   SER A C   1 
ATOM   23   O O   . SER A 1 4   ? 14.903  -6.580  3.282   1.00 31.18  ? 3   SER A O   1 
ATOM   24   C CB  . SER A 1 4   ? 15.807  -9.589  2.328   1.00 43.93  ? 3   SER A CB  1 
ATOM   25   O OG  . SER A 1 4   ? 14.633  -9.739  1.523   1.00 43.82  ? 3   SER A OG  1 
ATOM   26   N N   . LEU A 1 5   ? 16.544  -7.376  4.561   1.00 30.41  ? 4   LEU A N   1 
ATOM   27   C CA  . LEU A 1 5   ? 16.261  -6.481  5.650   1.00 31.17  ? 4   LEU A CA  1 
ATOM   28   C C   . LEU A 1 5   ? 16.651  -5.031  5.298   1.00 33.28  ? 4   LEU A C   1 
ATOM   29   O O   . LEU A 1 5   ? 15.986  -4.097  5.722   1.00 32.17  ? 4   LEU A O   1 
ATOM   30   C CB  . LEU A 1 5   ? 17.036  -6.928  6.907   1.00 26.85  ? 4   LEU A CB  1 
ATOM   31   C CG  . LEU A 1 5   ? 16.720  -6.126  8.177   1.00 26.47  ? 4   LEU A CG  1 
ATOM   32   C CD1 . LEU A 1 5   ? 15.260  -6.257  8.500   1.00 23.48  ? 4   LEU A CD1 1 
ATOM   33   C CD2 . LEU A 1 5   ? 17.578  -6.517  9.399   1.00 26.45  ? 4   LEU A CD2 1 
ATOM   34   N N   . ASP A 1 6   ? 17.756  -4.858  4.576   1.00 32.56  ? 5   ASP A N   1 
ATOM   35   C CA  . ASP A 1 6   ? 18.259  -3.523  4.200   1.00 33.39  ? 5   ASP A CA  1 
ATOM   36   C C   . ASP A 1 6   ? 17.245  -2.798  3.380   1.00 33.08  ? 5   ASP A C   1 
ATOM   37   O O   . ASP A 1 6   ? 16.967  -1.610  3.619   1.00 33.38  ? 5   ASP A O   1 
ATOM   38   C CB  . ASP A 1 6   ? 19.514  -3.680  3.345   1.00 36.29  ? 5   ASP A CB  1 
ATOM   39   C CG  . ASP A 1 6   ? 20.112  -2.383  2.939   1.00 36.99  ? 5   ASP A CG  1 
ATOM   40   O OD1 . ASP A 1 6   ? 20.729  -1.742  3.813   1.00 37.66  ? 5   ASP A OD1 1 
ATOM   41   O OD2 . ASP A 1 6   ? 19.993  -2.033  1.734   1.00 38.64  ? 5   ASP A OD2 1 
ATOM   42   N N   . PHE A 1 7   ? 16.723  -3.511  2.383   1.00 29.21  ? 6   PHE A N   1 
ATOM   43   C CA  . PHE A 1 7   ? 15.741  -2.959  1.499   1.00 31.17  ? 6   PHE A CA  1 
ATOM   44   C C   . PHE A 1 7   ? 14.447  -2.532  2.239   1.00 33.79  ? 6   PHE A C   1 
ATOM   45   O O   . PHE A 1 7   ? 13.969  -1.391  2.057   1.00 30.12  ? 6   PHE A O   1 
ATOM   46   C CB  . PHE A 1 7   ? 15.396  -3.950  0.438   1.00 29.25  ? 6   PHE A CB  1 
ATOM   47   C CG  . PHE A 1 7   ? 14.449  -3.418  -0.580  1.00 30.19  ? 6   PHE A CG  1 
ATOM   48   C CD1 . PHE A 1 7   ? 14.871  -2.427  -1.491  1.00 31.22  ? 6   PHE A CD1 1 
ATOM   49   C CD2 . PHE A 1 7   ? 13.139  -3.895  -0.657  1.00 28.80  ? 6   PHE A CD2 1 
ATOM   50   C CE1 . PHE A 1 7   ? 14.006  -1.926  -2.448  1.00 29.01  ? 6   PHE A CE1 1 
ATOM   51   C CE2 . PHE A 1 7   ? 12.282  -3.399  -1.613  1.00 30.67  ? 6   PHE A CE2 1 
ATOM   52   C CZ  . PHE A 1 7   ? 12.719  -2.417  -2.514  1.00 31.43  ? 6   PHE A CZ  1 
ATOM   53   N N   . ALA A 1 8   ? 13.893  -3.448  3.053   1.00 32.28  ? 7   ALA A N   1 
ATOM   54   C CA  . ALA A 1 8   ? 12.641  -3.191  3.791   1.00 30.64  ? 7   ALA A CA  1 
ATOM   55   C C   . ALA A 1 8   ? 12.823  -2.034  4.775   1.00 30.24  ? 7   ALA A C   1 
ATOM   56   O O   . ALA A 1 8   ? 11.915  -1.183  4.928   1.00 31.22  ? 7   ALA A O   1 
ATOM   57   C CB  . ALA A 1 8   ? 12.170  -4.447  4.522   1.00 29.66  ? 7   ALA A CB  1 
ATOM   58   N N   . LEU A 1 9   ? 13.972  -2.020  5.475   1.00 27.82  ? 8   LEU A N   1 
ATOM   59   C CA  . LEU A 1 9   ? 14.264  -0.933  6.395   1.00 26.91  ? 8   LEU A CA  1 
ATOM   60   C C   . LEU A 1 9   ? 14.439  0.403   5.656   1.00 29.32  ? 8   LEU A C   1 
ATOM   61   O O   . LEU A 1 9   ? 14.080  1.482   6.154   1.00 27.31  ? 8   LEU A O   1 
ATOM   62   C CB  . LEU A 1 9   ? 15.502  -1.257  7.234   1.00 28.92  ? 8   LEU A CB  1 
ATOM   63   C CG  . LEU A 1 9   ? 15.398  -2.345  8.339   1.00 27.44  ? 8   LEU A CG  1 
ATOM   64   C CD1 . LEU A 1 9   ? 16.704  -2.433  9.115   1.00 27.67  ? 8   LEU A CD1 1 
ATOM   65   C CD2 . LEU A 1 9   ? 14.265  -2.056  9.317   1.00 27.52  ? 8   LEU A CD2 1 
ATOM   66   N N   . SER A 1 10  ? 15.053  0.331   4.493   1.00 29.58  ? 9   SER A N   1 
ATOM   67   C CA  . SER A 1 10  ? 15.242  1.530   3.702   1.00 34.78  ? 9   SER A CA  1 
ATOM   68   C C   . SER A 1 10  ? 13.899  2.033   3.167   1.00 32.35  ? 9   SER A C   1 
ATOM   69   O O   . SER A 1 10  ? 13.632  3.232   3.140   1.00 33.99  ? 9   SER A O   1 
ATOM   70   C CB  . SER A 1 10  ? 16.240  1.237   2.562   1.00 37.92  ? 9   SER A CB  1 
ATOM   71   O OG  . SER A 1 10  ? 16.197  2.245   1.583   1.00 45.28  ? 9   SER A OG  1 
ATOM   72   N N   . LEU A 1 11  ? 13.057  1.102   2.746   1.00 28.60  ? 10  LEU A N   1 
ATOM   73   C CA  . LEU A 1 11  ? 11.751  1.442   2.285   1.00 30.48  ? 10  LEU A CA  1 
ATOM   74   C C   . LEU A 1 11  ? 10.973  2.182   3.412   1.00 30.56  ? 10  LEU A C   1 
ATOM   75   O O   . LEU A 1 11  ? 10.316  3.215   3.191   1.00 26.75  ? 10  LEU A O   1 
ATOM   76   C CB  . LEU A 1 11  ? 11.073  0.143   1.873   1.00 31.19  ? 10  LEU A CB  1 
ATOM   77   C CG  . LEU A 1 11  ? 9.921   0.159   0.919   1.00 33.75  ? 10  LEU A CG  1 
ATOM   78   C CD1 . LEU A 1 11  ? 10.207  0.918   -0.391  1.00 34.05  ? 10  LEU A CD1 1 
ATOM   79   C CD2 . LEU A 1 11  ? 9.544   -1.295  0.674   1.00 37.78  ? 10  LEU A CD2 1 
ATOM   80   N N   . LEU A 1 12  ? 11.111  1.663   4.626   1.00 28.31  ? 11  LEU A N   1 
ATOM   81   C CA  . LEU A 1 12  ? 10.512  2.253   5.807   1.00 27.28  ? 11  LEU A CA  1 
ATOM   82   C C   . LEU A 1 12  ? 10.939  3.685   6.074   1.00 27.98  ? 11  LEU A C   1 
ATOM   83   O O   . LEU A 1 12  ? 10.130  4.562   6.387   1.00 28.50  ? 11  LEU A O   1 
ATOM   84   C CB  . LEU A 1 12  ? 10.922  1.439   7.021   1.00 26.68  ? 11  LEU A CB  1 
ATOM   85   C CG  . LEU A 1 12  ? 9.948   0.382   7.548   1.00 27.53  ? 11  LEU A CG  1 
ATOM   86   C CD1 . LEU A 1 12  ? 10.595  -0.257  8.779   1.00 26.48  ? 11  LEU A CD1 1 
ATOM   87   C CD2 . LEU A 1 12  ? 8.611   1.019   7.927   1.00 26.71  ? 11  LEU A CD2 1 
ATOM   88   N N   . ARG A 1 13  ? 12.239  3.876   6.073   1.00 27.05  ? 12  ARG A N   1 
ATOM   89   C CA  . ARG A 1 13  ? 12.862  5.148   6.374   1.00 29.48  ? 12  ARG A CA  1 
ATOM   90   C C   . ARG A 1 13  ? 12.459  6.245   5.351   1.00 28.37  ? 12  ARG A C   1 
ATOM   91   O O   . ARG A 1 13  ? 12.240  7.420   5.700   1.00 27.96  ? 12  ARG A O   1 
ATOM   92   C CB  . ARG A 1 13  ? 14.376  4.936   6.314   1.00 31.35  ? 12  ARG A CB  1 
ATOM   93   C CG  . ARG A 1 13  ? 15.213  6.002   6.988   1.00 35.58  ? 12  ARG A CG  1 
ATOM   94   C CD  . ARG A 1 13  ? 16.707  5.749   6.822   1.00 38.74  ? 12  ARG A CD  1 
ATOM   95   N NE  . ARG A 1 13  ? 17.204  5.759   5.421   1.00 40.58  ? 12  ARG A NE  1 
ATOM   96   C CZ  . ARG A 1 13  ? 17.685  4.696   4.754   1.00 38.74  ? 12  ARG A CZ  1 
ATOM   97   N NH1 . ARG A 1 13  ? 17.722  3.473   5.294   1.00 38.59  ? 12  ARG A NH1 1 
ATOM   98   N NH2 . ARG A 1 13  ? 18.123  4.849   3.522   1.00 34.06  ? 12  ARG A NH2 1 
ATOM   99   N N   . ARG A 1 14  ? 12.401  5.853   4.087   1.00 28.22  ? 13  ARG A N   1 
ATOM   100  C CA  . ARG A 1 14  ? 12.262  6.837   2.998   1.00 31.32  ? 13  ARG A CA  1 
ATOM   101  C C   . ARG A 1 14  ? 10.946  6.836   2.264   1.00 27.06  ? 13  ARG A C   1 
ATOM   102  O O   . ARG A 1 14  ? 10.675  7.772   1.506   1.00 28.41  ? 13  ARG A O   1 
ATOM   103  C CB  . ARG A 1 14  ? 13.364  6.626   1.971   1.00 32.26  ? 13  ARG A CB  1 
ATOM   104  C CG  . ARG A 1 14  ? 14.681  7.088   2.538   1.00 36.50  ? 13  ARG A CG  1 
ATOM   105  C CD  . ARG A 1 14  ? 15.835  6.464   1.816   1.00 42.15  ? 13  ARG A CD  1 
ATOM   106  N NE  . ARG A 1 14  ? 16.244  7.257   0.677   1.00 44.06  ? 13  ARG A NE  1 
ATOM   107  C CZ  . ARG A 1 14  ? 17.445  7.180   0.139   1.00 44.44  ? 13  ARG A CZ  1 
ATOM   108  N NH1 . ARG A 1 14  ? 18.353  6.361   0.663   1.00 44.75  ? 13  ARG A NH1 1 
ATOM   109  N NH2 . ARG A 1 14  ? 17.738  7.944   -0.899  1.00 42.32  ? 13  ARG A NH2 1 
ATOM   110  N N   . ASN A 1 15  ? 10.151  5.786   2.388   1.00 25.03  ? 14  ASN A N   1 
ATOM   111  C CA  . ASN A 1 15  ? 8.951   5.725   1.546   1.00 24.79  ? 14  ASN A CA  1 
ATOM   112  C C   . ASN A 1 15  ? 7.635   5.345   2.253   1.00 23.30  ? 14  ASN A C   1 
ATOM   113  O O   . ASN A 1 15  ? 6.562   5.491   1.660   1.00 23.03  ? 14  ASN A O   1 
ATOM   114  C CB  . ASN A 1 15  ? 9.175   4.791   0.353   1.00 23.79  ? 14  ASN A CB  1 
ATOM   115  C CG  . ASN A 1 15  ? 10.152  5.325   -0.650  1.00 24.89  ? 14  ASN A CG  1 
ATOM   116  O OD1 . ASN A 1 15  ? 9.809   6.136   -1.528  1.00 24.08  ? 14  ASN A OD1 1 
ATOM   117  N ND2 . ASN A 1 15  ? 11.361  4.815   -0.600  1.00 25.94  ? 14  ASN A ND2 1 
ATOM   118  N N   . VAL A 1 16  ? 7.688   4.875   3.494   1.00 23.80  ? 15  VAL A N   1 
ATOM   119  C CA  . VAL A 1 16  ? 6.485   4.336   4.133   1.00 24.86  ? 15  VAL A CA  1 
ATOM   120  C C   . VAL A 1 16  ? 6.233   5.180   5.372   1.00 25.75  ? 15  VAL A C   1 
ATOM   121  O O   . VAL A 1 16  ? 7.075   5.295   6.212   1.00 30.61  ? 15  VAL A O   1 
ATOM   122  C CB  . VAL A 1 16  ? 6.628   2.817   4.429   1.00 27.45  ? 15  VAL A CB  1 
ATOM   123  C CG1 . VAL A 1 16  ? 5.327   2.228   4.962   1.00 26.98  ? 15  VAL A CG1 1 
ATOM   124  C CG2 . VAL A 1 16  ? 7.069   2.054   3.179   1.00 27.94  ? 15  VAL A CG2 1 
ATOM   125  N N   . ARG A 1 17  ? 5.048   5.761   5.453   1.00 25.76  ? 16  ARG A N   1 
ATOM   126  C CA  . ARG A 1 17  ? 4.727   6.828   6.377   1.00 24.39  ? 16  ARG A CA  1 
ATOM   127  C C   . ARG A 1 17  ? 3.547   6.449   7.227   1.00 22.67  ? 16  ARG A C   1 
ATOM   128  O O   . ARG A 1 17  ? 2.620   5.739   6.756   1.00 21.52  ? 16  ARG A O   1 
ATOM   129  C CB  . ARG A 1 17  ? 4.298   8.086   5.563   1.00 25.72  ? 16  ARG A CB  1 
ATOM   130  C CG  . ARG A 1 17  ? 5.413   8.650   4.727   1.00 28.44  ? 16  ARG A CG  1 
ATOM   131  C CD  . ARG A 1 17  ? 6.501   9.088   5.683   1.00 30.74  ? 16  ARG A CD  1 
ATOM   132  N NE  . ARG A 1 17  ? 7.580   9.703   4.941   1.00 37.06  ? 16  ARG A NE  1 
ATOM   133  C CZ  . ARG A 1 17  ? 8.760   9.149   4.665   1.00 41.25  ? 16  ARG A CZ  1 
ATOM   134  N NH1 . ARG A 1 17  ? 9.074   7.922   5.065   1.00 40.94  ? 16  ARG A NH1 1 
ATOM   135  N NH2 . ARG A 1 17  ? 9.647   9.867   3.994   1.00 43.13  ? 16  ARG A NH2 1 
ATOM   136  N N   . GLN A 1 18  ? 3.526   6.976   8.442   1.00 21.39  ? 17  GLN A N   1 
ATOM   137  C CA  . GLN A 1 18  ? 2.404   6.740   9.337   1.00 22.73  ? 17  GLN A CA  1 
ATOM   138  C C   . GLN A 1 18  ? 1.413   7.831   9.093   1.00 22.12  ? 17  GLN A C   1 
ATOM   139  O O   . GLN A 1 18  ? 1.788   9.030   9.060   1.00 23.69  ? 17  GLN A O   1 
ATOM   140  C CB  . GLN A 1 18  ? 2.861   6.742   10.779  1.00 24.95  ? 17  GLN A CB  1 
ATOM   141  C CG  . GLN A 1 18  ? 3.902   5.685   11.115  1.00 25.18  ? 17  GLN A CG  1 
ATOM   142  C CD  . GLN A 1 18  ? 4.446   5.821   12.525  1.00 25.49  ? 17  GLN A CD  1 
ATOM   143  O OE1 . GLN A 1 18  ? 4.007   6.666   13.293  1.00 26.59  ? 17  GLN A OE1 1 
ATOM   144  N NE2 . GLN A 1 18  ? 5.450   4.998   12.855  1.00 26.17  ? 17  GLN A NE2 1 
ATOM   145  N N   . VAL A 1 19  ? 0.182   7.426   8.804   1.00 21.20  ? 18  VAL A N   1 
ATOM   146  C CA  . VAL A 1 19  ? -0.885  8.389   8.507   1.00 22.23  ? 18  VAL A CA  1 
ATOM   147  C C   . VAL A 1 19  ? -2.174  8.043   9.268   1.00 22.48  ? 18  VAL A C   1 
ATOM   148  O O   . VAL A 1 19  ? -2.307  6.922   9.796   1.00 21.31  ? 18  VAL A O   1 
ATOM   149  C CB  . VAL A 1 19  ? -1.164  8.551   6.966   1.00 21.62  ? 18  VAL A CB  1 
ATOM   150  C CG1 . VAL A 1 19  ? 0.122   8.785   6.178   1.00 19.90  ? 18  VAL A CG1 1 
ATOM   151  C CG2 . VAL A 1 19  ? -1.939  7.347   6.386   1.00 22.99  ? 18  VAL A CG2 1 
ATOM   152  N N   . GLN A 1 20  ? -3.051  9.061   9.373   1.00 21.51  ? 19  GLN A N   1 
ATOM   153  C CA  . GLN A 1 20  ? -4.414  8.980   9.937   1.00 22.20  ? 19  GLN A CA  1 
ATOM   154  C C   . GLN A 1 20  ? -5.367  9.792   9.042   1.00 22.49  ? 19  GLN A C   1 
ATOM   155  O O   . GLN A 1 20  ? -5.011  10.894  8.658   1.00 22.17  ? 19  GLN A O   1 
ATOM   156  C CB  . GLN A 1 20  ? -4.498  9.631   11.291  1.00 23.81  ? 19  GLN A CB  1 
ATOM   157  C CG  . GLN A 1 20  ? -3.673  8.919   12.322  1.00 25.37  ? 19  GLN A CG  1 
ATOM   158  C CD  . GLN A 1 20  ? -3.706  9.571   13.680  1.00 25.90  ? 19  GLN A CD  1 
ATOM   159  O OE1 . GLN A 1 20  ? -2.622  9.818   14.293  1.00 28.78  ? 19  GLN A OE1 1 
ATOM   160  N NE2 . GLN A 1 20  ? -4.904  9.840   14.187  1.00 22.97  ? 19  GLN A NE2 1 
ATOM   161  N N   . THR A 1 21  ? -6.510  9.234   8.681   1.00 20.61  ? 20  THR A N   1 
ATOM   162  C CA  . THR A 1 21  ? -7.577  9.983   8.007   1.00 22.59  ? 20  THR A CA  1 
ATOM   163  C C   . THR A 1 21  ? -8.790  9.964   8.968   1.00 24.25  ? 20  THR A C   1 
ATOM   164  O O   . THR A 1 21  ? -8.709  9.362   10.058  1.00 21.98  ? 20  THR A O   1 
ATOM   165  C CB  . THR A 1 21  ? -7.968  9.294   6.714   1.00 20.23  ? 20  THR A CB  1 
ATOM   166  O OG1 . THR A 1 21  ? -8.496  8.002   7.007   1.00 24.40  ? 20  THR A OG1 1 
ATOM   167  C CG2 . THR A 1 21  ? -6.719  9.068   5.780   1.00 20.88  ? 20  THR A CG2 1 
ATOM   168  N N   . ASP A 1 22  ? -9.936  10.495  8.545   1.00 27.94  ? 21  ASP A N   1 
ATOM   169  C CA  . ASP A 1 22  ? -11.163 10.378  9.371   1.00 29.09  ? 21  ASP A CA  1 
ATOM   170  C C   . ASP A 1 22  ? -11.533 8.910   9.597   1.00 29.22  ? 21  ASP A C   1 
ATOM   171  O O   . ASP A 1 22  ? -12.304 8.620   10.538  1.00 28.39  ? 21  ASP A O   1 
ATOM   172  C CB  . ASP A 1 22  ? -12.369 11.118  8.759   1.00 31.38  ? 21  ASP A CB  1 
ATOM   173  C CG  . ASP A 1 22  ? -12.282 12.636  8.882   1.00 31.43  ? 21  ASP A CG  1 
ATOM   174  O OD1 . ASP A 1 22  ? -11.644 13.149  9.795   1.00 38.77  ? 21  ASP A OD1 1 
ATOM   175  O OD2 . ASP A 1 22  ? -12.889 13.345  8.069   1.00 34.55  ? 21  ASP A OD2 1 
ATOM   176  N N   . GLN A 1 23  ? -11.018 7.994   8.757   1.00 27.45  ? 22  GLN A N   1 
ATOM   177  C CA  . GLN A 1 23  ? -11.246 6.546   8.964   1.00 29.75  ? 22  GLN A CA  1 
ATOM   178  C C   . GLN A 1 23  ? -10.240 5.905   9.897   1.00 30.56  ? 22  GLN A C   1 
ATOM   179  O O   . GLN A 1 23  ? -10.389 4.720   10.193  1.00 29.04  ? 22  GLN A O   1 
ATOM   180  C CB  . GLN A 1 23  ? -11.218 5.728   7.663   1.00 31.40  ? 22  GLN A CB  1 
ATOM   181  C CG  . GLN A 1 23  ? -12.207 6.151   6.599   1.00 32.98  ? 22  GLN A CG  1 
ATOM   182  C CD  . GLN A 1 23  ? -13.640 6.212   7.100   1.00 36.95  ? 22  GLN A CD  1 
ATOM   183  O OE1 . GLN A 1 23  ? -14.259 5.180   7.411   1.00 36.61  ? 22  GLN A OE1 1 
ATOM   184  N NE2 . GLN A 1 23  ? -14.185 7.425   7.176   1.00 38.64  ? 22  GLN A NE2 1 
ATOM   185  N N   . GLY A 1 24  ? -9.217  6.651   10.326  1.00 25.56  ? 23  GLY A N   1 
ATOM   186  C CA  . GLY A 1 24  ? -8.227  6.142   11.240  1.00 27.50  ? 23  GLY A CA  1 
ATOM   187  C C   . GLY A 1 24  ? -6.870  5.918   10.644  1.00 26.07  ? 23  GLY A C   1 
ATOM   188  O O   . GLY A 1 24  ? -6.499  6.568   9.691   1.00 27.54  ? 23  GLY A O   1 
ATOM   189  N N   . HIS A 1 25  ? -6.148  4.967   11.228  1.00 26.98  ? 24  HIS A N   1 
ATOM   190  C CA  . HIS A 1 25  ? -4.745  4.699   10.919  1.00 29.11  ? 24  HIS A CA  1 
ATOM   191  C C   . HIS A 1 25  ? -4.505  3.818   9.709   1.00 30.07  ? 24  HIS A C   1 
ATOM   192  O O   . HIS A 1 25  ? -5.091  2.738   9.569   1.00 35.95  ? 24  HIS A O   1 
ATOM   193  C CB  . HIS A 1 25  ? -4.063  4.065   12.132  1.00 28.65  ? 24  HIS A CB  1 
ATOM   194  C CG  . HIS A 1 25  ? -3.937  5.008   13.278  1.00 28.26  ? 24  HIS A CG  1 
ATOM   195  N ND1 . HIS A 1 25  ? -4.972  5.257   14.162  1.00 30.47  ? 24  HIS A ND1 1 
ATOM   196  C CD2 . HIS A 1 25  ? -2.940  5.853   13.613  1.00 29.79  ? 24  HIS A CD2 1 
ATOM   197  C CE1 . HIS A 1 25  ? -4.592  6.192   15.018  1.00 32.90  ? 24  HIS A CE1 1 
ATOM   198  N NE2 . HIS A 1 25  ? -3.356  6.560   14.716  1.00 34.78  ? 24  HIS A NE2 1 
ATOM   199  N N   . PHE A 1 26  ? -3.634  4.311   8.830   1.00 26.84  ? 25  PHE A N   1 
ATOM   200  C CA  . PHE A 1 26  ? -3.161  3.594   7.679   1.00 22.34  ? 25  PHE A CA  1 
ATOM   201  C C   . PHE A 1 26  ? -1.653  3.763   7.514   1.00 24.42  ? 25  PHE A C   1 
ATOM   202  O O   . PHE A 1 26  ? -0.978  4.570   8.186   1.00 23.78  ? 25  PHE A O   1 
ATOM   203  C CB  . PHE A 1 26  ? -3.908  4.045   6.427   1.00 23.67  ? 25  PHE A CB  1 
ATOM   204  C CG  . PHE A 1 26  ? -5.382  3.844   6.507   1.00 23.54  ? 25  PHE A CG  1 
ATOM   205  C CD1 . PHE A 1 26  ? -6.173  4.713   7.272   1.00 23.24  ? 25  PHE A CD1 1 
ATOM   206  C CD2 . PHE A 1 26  ? -5.996  2.765   5.851   1.00 24.27  ? 25  PHE A CD2 1 
ATOM   207  C CE1 . PHE A 1 26  ? -7.539  4.541   7.357   1.00 22.67  ? 25  PHE A CE1 1 
ATOM   208  C CE2 . PHE A 1 26  ? -7.371  2.594   5.921   1.00 26.02  ? 25  PHE A CE2 1 
ATOM   209  C CZ  . PHE A 1 26  ? -8.154  3.478   6.685   1.00 25.15  ? 25  PHE A CZ  1 
ATOM   210  N N   . THR A 1 27  ? -1.112  2.926   6.649   1.00 24.45  ? 26  THR A N   1 
ATOM   211  C CA  . THR A 1 27  ? 0.290   2.996   6.232   1.00 25.20  ? 26  THR A CA  1 
ATOM   212  C C   . THR A 1 27  ? 0.193   3.580   4.834   1.00 22.46  ? 26  THR A C   1 
ATOM   213  O O   . THR A 1 27  ? -0.661  3.166   4.081   1.00 27.03  ? 26  THR A O   1 
ATOM   214  C CB  . THR A 1 27  ? 0.898   1.558   6.136   1.00 24.05  ? 26  THR A CB  1 
ATOM   215  O OG1 . THR A 1 27  ? 1.005   0.977   7.442   1.00 25.06  ? 26  THR A OG1 1 
ATOM   216  C CG2 . THR A 1 27  ? 2.237   1.591   5.455   1.00 24.66  ? 26  THR A CG2 1 
ATOM   217  N N   . MET A 1 28  ? 1.021   4.561   4.511   1.00 21.60  ? 27  MET A N   1 
ATOM   218  C CA  . MET A 1 28  ? 1.008   5.202   3.204   1.00 21.49  ? 27  MET A CA  1 
ATOM   219  C C   . MET A 1 28  ? 2.341   4.932   2.513   1.00 22.32  ? 27  MET A C   1 
ATOM   220  O O   . MET A 1 28  ? 3.401   5.034   3.162   1.00 24.89  ? 27  MET A O   1 
ATOM   221  C CB  . MET A 1 28  ? 0.845   6.713   3.376   1.00 19.47  ? 27  MET A CB  1 
ATOM   222  C CG  . MET A 1 28  ? 0.516   7.464   2.077   1.00 18.53  ? 27  MET A CG  1 
ATOM   223  S SD  . MET A 1 28  ? 0.631   9.268   2.244   1.00 17.62  ? 27  MET A SD  1 
ATOM   224  C CE  . MET A 1 28  ? 2.343   9.471   2.652   1.00 18.76  ? 27  MET A CE  1 
ATOM   225  N N   . LEU A 1 29  ? 2.298   4.627   1.225   1.00 20.21  ? 28  LEU A N   1 
ATOM   226  C CA  . LEU A 1 29  ? 3.508   4.496   0.408   1.00 20.73  ? 28  LEU A CA  1 
ATOM   227  C C   . LEU A 1 29  ? 3.738   5.727   -0.486  1.00 21.73  ? 28  LEU A C   1 
ATOM   228  O O   . LEU A 1 29  ? 2.918   6.016   -1.349  1.00 21.89  ? 28  LEU A O   1 
ATOM   229  C CB  . LEU A 1 29  ? 3.361   3.297   -0.502  1.00 20.29  ? 28  LEU A CB  1 
ATOM   230  C CG  . LEU A 1 29  ? 4.544   2.923   -1.402  1.00 21.10  ? 28  LEU A CG  1 
ATOM   231  C CD1 . LEU A 1 29  ? 5.809   2.556   -0.650  1.00 20.99  ? 28  LEU A CD1 1 
ATOM   232  C CD2 . LEU A 1 29  ? 4.122   1.734   -2.272  1.00 22.97  ? 28  LEU A CD2 1 
ATOM   233  N N   . GLY A 1 30  ? 4.837   6.444   -0.275  1.00 21.46  ? 29  GLY A N   1 
ATOM   234  C CA  . GLY A 1 30  ? 5.254   7.473   -1.203  1.00 22.51  ? 29  GLY A CA  1 
ATOM   235  C C   . GLY A 1 30  ? 6.044   6.893   -2.367  1.00 23.61  ? 29  GLY A C   1 
ATOM   236  O O   . GLY A 1 30  ? 7.063   6.245   -2.182  1.00 24.32  ? 29  GLY A O   1 
ATOM   237  N N   . VAL A 1 31  ? 5.581   7.136   -3.586  1.00 22.28  ? 30  VAL A N   1 
ATOM   238  C CA  . VAL A 1 31  ? 6.140   6.459   -4.731  1.00 22.48  ? 30  VAL A CA  1 
ATOM   239  C C   . VAL A 1 31  ? 7.255   7.295   -5.439  1.00 21.52  ? 30  VAL A C   1 
ATOM   240  O O   . VAL A 1 31  ? 8.332   6.775   -5.786  1.00 20.33  ? 30  VAL A O   1 
ATOM   241  C CB  . VAL A 1 31  ? 4.981   5.990   -5.681  1.00 21.76  ? 30  VAL A CB  1 
ATOM   242  C CG1 . VAL A 1 31  ? 5.527   5.468   -7.001  1.00 22.15  ? 30  VAL A CG1 1 
ATOM   243  C CG2 . VAL A 1 31  ? 4.116   4.948   -4.956  1.00 20.83  ? 30  VAL A CG2 1 
ATOM   244  N N   . ARG A 1 32  ? 6.987   8.564   -5.676  1.00 22.74  ? 31  ARG A N   1 
ATOM   245  C CA  . ARG A 1 32  ? 7.964   9.464   -6.254  1.00 22.60  ? 31  ARG A CA  1 
ATOM   246  C C   . ARG A 1 32  ? 7.414   10.845  -6.151  1.00 23.22  ? 31  ARG A C   1 
ATOM   247  O O   . ARG A 1 32  ? 6.203   10.990  -5.929  1.00 22.32  ? 31  ARG A O   1 
ATOM   248  C CB  . ARG A 1 32  ? 8.233   9.163   -7.722  1.00 24.24  ? 31  ARG A CB  1 
ATOM   249  C CG  . ARG A 1 32  ? 6.991   9.202   -8.590  1.00 26.22  ? 31  ARG A CG  1 
ATOM   250  C CD  . ARG A 1 32  ? 7.355   9.430   -10.042 1.00 27.91  ? 31  ARG A CD  1 
ATOM   251  N NE  . ARG A 1 32  ? 6.123   9.440   -10.839 1.00 32.00  ? 31  ARG A NE  1 
ATOM   252  C CZ  . ARG A 1 32  ? 5.244   10.452  -10.933 1.00 31.06  ? 31  ARG A CZ  1 
ATOM   253  N NH1 . ARG A 1 32  ? 5.412   11.580  -10.299 1.00 32.50  ? 31  ARG A NH1 1 
ATOM   254  N NH2 . ARG A 1 32  ? 4.156   10.320  -11.682 1.00 31.31  ? 31  ARG A NH2 1 
ATOM   255  N N   . ASP A 1 33  ? 8.292   11.843  -6.327  1.00 22.80  ? 32  ASP A N   1 
ATOM   256  C CA  . ASP A 1 33  ? 7.932   13.256  -6.247  1.00 26.41  ? 32  ASP A CA  1 
ATOM   257  C C   . ASP A 1 33  ? 6.955   13.481  -5.092  1.00 24.02  ? 32  ASP A C   1 
ATOM   258  O O   . ASP A 1 33  ? 7.316   13.289  -3.944  1.00 26.34  ? 32  ASP A O   1 
ATOM   259  C CB  . ASP A 1 33  ? 7.347   13.763  -7.595  1.00 29.68  ? 32  ASP A CB  1 
ATOM   260  C CG  . ASP A 1 33  ? 8.223   13.420  -8.751  1.00 33.02  ? 32  ASP A CG  1 
ATOM   261  O OD1 . ASP A 1 33  ? 9.308   14.021  -8.826  1.00 34.64  ? 32  ASP A OD1 1 
ATOM   262  O OD2 . ASP A 1 33  ? 7.844   12.517  -9.542  1.00 30.80  ? 32  ASP A OD2 1 
ATOM   263  N N   . ARG A 1 34  ? 5.722   13.868  -5.388  1.00 21.66  ? 33  ARG A N   1 
ATOM   264  C CA  . ARG A 1 34  ? 4.762   14.247  -4.355  1.00 23.55  ? 33  ARG A CA  1 
ATOM   265  C C   . ARG A 1 34  ? 3.592   13.307  -4.340  1.00 22.00  ? 33  ARG A C   1 
ATOM   266  O O   . ARG A 1 34  ? 2.588   13.607  -3.716  1.00 21.96  ? 33  ARG A O   1 
ATOM   267  C CB  . ARG A 1 34  ? 4.263   15.672  -4.595  1.00 25.74  ? 33  ARG A CB  1 
ATOM   268  C CG  . ARG A 1 34  ? 5.041   16.629  -3.769  1.00 34.08  ? 33  ARG A CG  1 
ATOM   269  C CD  . ARG A 1 34  ? 5.239   17.988  -4.411  1.00 39.07  ? 33  ARG A CD  1 
ATOM   270  N NE  . ARG A 1 34  ? 6.399   18.554  -3.726  1.00 46.95  ? 33  ARG A NE  1 
ATOM   271  C CZ  . ARG A 1 34  ? 7.602   18.752  -4.267  1.00 53.74  ? 33  ARG A CZ  1 
ATOM   272  N NH1 . ARG A 1 34  ? 7.824   18.507  -5.566  1.00 56.91  ? 33  ARG A NH1 1 
ATOM   273  N NH2 . ARG A 1 34  ? 8.580   19.252  -3.506  1.00 52.98  ? 33  ARG A NH2 1 
ATOM   274  N N   . LEU A 1 35  ? 3.782   12.142  -4.970  1.00 22.91  ? 34  LEU A N   1 
ATOM   275  C CA  . LEU A 1 35  ? 2.743   11.188  -5.290  1.00 21.66  ? 34  LEU A CA  1 
ATOM   276  C C   . LEU A 1 35  ? 2.887   10.027  -4.318  1.00 22.06  ? 34  LEU A C   1 
ATOM   277  O O   . LEU A 1 35  ? 3.966   9.394   -4.236  1.00 17.57  ? 34  LEU A O   1 
ATOM   278  C CB  . LEU A 1 35  ? 2.976   10.677  -6.705  1.00 23.28  ? 34  LEU A CB  1 
ATOM   279  C CG  . LEU A 1 35  ? 2.091   9.486   -7.167  1.00 26.41  ? 34  LEU A CG  1 
ATOM   280  C CD1 . LEU A 1 35  ? 0.610   9.772   -7.013  1.00 27.29  ? 34  LEU A CD1 1 
ATOM   281  C CD2 . LEU A 1 35  ? 2.382   9.144   -8.617  1.00 28.36  ? 34  LEU A CD2 1 
ATOM   282  N N   . ALA A 1 36  ? 1.800   9.741   -3.597  1.00 22.53  ? 35  ALA A N   1 
ATOM   283  C CA  . ALA A 1 36  ? 1.699   8.562   -2.726  1.00 23.32  ? 35  ALA A CA  1 
ATOM   284  C C   . ALA A 1 36  ? 0.450   7.778   -3.031  1.00 22.24  ? 35  ALA A C   1 
ATOM   285  O O   . ALA A 1 36  ? -0.406  8.227   -3.771  1.00 23.50  ? 35  ALA A O   1 
ATOM   286  C CB  . ALA A 1 36  ? 1.692   8.993   -1.283  1.00 23.64  ? 35  ALA A CB  1 
ATOM   287  N N   . VAL A 1 37  ? 0.343   6.594   -2.475  1.00 21.88  ? 36  VAL A N   1 
ATOM   288  C CA  . VAL A 1 37  ? -0.853  5.794   -2.651  1.00 20.79  ? 36  VAL A CA  1 
ATOM   289  C C   . VAL A 1 37  ? -1.354  5.292   -1.299  1.00 22.30  ? 36  VAL A C   1 
ATOM   290  O O   . VAL A 1 37  ? -0.569  4.960   -0.343  1.00 21.41  ? 36  VAL A O   1 
ATOM   291  C CB  . VAL A 1 37  ? -0.647  4.622   -3.655  1.00 20.29  ? 36  VAL A CB  1 
ATOM   292  C CG1 . VAL A 1 37  ? 0.395   3.638   -3.173  1.00 18.78  ? 36  VAL A CG1 1 
ATOM   293  C CG2 . VAL A 1 37  ? -1.960  3.907   -3.983  1.00 20.16  ? 36  VAL A CG2 1 
ATOM   294  N N   . LEU A 1 38  ? -2.675  5.293   -1.220  1.00 22.07  ? 37  LEU A N   1 
ATOM   295  C CA  . LEU A 1 38  ? -3.410  4.823   -0.056  1.00 24.22  ? 37  LEU A CA  1 
ATOM   296  C C   . LEU A 1 38  ? -4.520  3.925   -0.501  1.00 25.88  ? 37  LEU A C   1 
ATOM   297  O O   . LEU A 1 38  ? -5.015  4.060   -1.605  1.00 25.45  ? 37  LEU A O   1 
ATOM   298  C CB  . LEU A 1 38  ? -4.081  5.964   0.700   1.00 23.91  ? 37  LEU A CB  1 
ATOM   299  C CG  . LEU A 1 38  ? -3.223  6.774   1.651   1.00 24.50  ? 37  LEU A CG  1 
ATOM   300  C CD1 . LEU A 1 38  ? -3.945  8.068   1.983   1.00 26.05  ? 37  LEU A CD1 1 
ATOM   301  C CD2 . LEU A 1 38  ? -2.830  6.062   2.923   1.00 21.71  ? 37  LEU A CD2 1 
ATOM   302  N N   . PRO A 1 39  ? -4.953  3.037   0.392   1.00 27.33  ? 38  PRO A N   1 
ATOM   303  C CA  . PRO A 1 39  ? -6.137  2.282   0.043   1.00 27.62  ? 38  PRO A CA  1 
ATOM   304  C C   . PRO A 1 39  ? -7.344  3.192   -0.063  1.00 27.96  ? 38  PRO A C   1 
ATOM   305  O O   . PRO A 1 39  ? -7.518  4.117   0.743   1.00 30.45  ? 38  PRO A O   1 
ATOM   306  C CB  . PRO A 1 39  ? -6.305  1.308   1.194   1.00 25.51  ? 38  PRO A CB  1 
ATOM   307  C CG  . PRO A 1 39  ? -5.295  1.668   2.218   1.00 24.99  ? 38  PRO A CG  1 
ATOM   308  C CD  . PRO A 1 39  ? -4.290  2.569   1.606   1.00 24.49  ? 38  PRO A CD  1 
ATOM   309  N N   . ARG A 1 40  ? -8.207  2.890   -1.018  1.00 29.05  ? 39  ARG A N   1 
ATOM   310  C CA  . ARG A 1 40  ? -9.364  3.709   -1.252  1.00 30.75  ? 39  ARG A CA  1 
ATOM   311  C C   . ARG A 1 40  ? -10.246 3.958   -0.019  1.00 31.24  ? 39  ARG A C   1 
ATOM   312  O O   . ARG A 1 40  ? -10.685 5.083   0.187   1.00 30.04  ? 39  ARG A O   1 
ATOM   313  C CB  . ARG A 1 40  ? -10.202 3.103   -2.339  1.00 30.91  ? 39  ARG A CB  1 
ATOM   314  C CG  . ARG A 1 40  ? -11.217 4.067   -2.891  1.00 32.72  ? 39  ARG A CG  1 
ATOM   315  C CD  . ARG A 1 40  ? -12.317 3.277   -3.570  1.00 35.17  ? 39  ARG A CD  1 
ATOM   316  N NE  . ARG A 1 40  ? -12.809 2.239   -2.676  1.00 37.13  ? 39  ARG A NE  1 
ATOM   317  C CZ  . ARG A 1 40  ? -13.700 2.453   -1.705  1.00 38.42  ? 39  ARG A CZ  1 
ATOM   318  N NH1 . ARG A 1 40  ? -14.168 3.693   -1.515  1.00 38.27  ? 39  ARG A NH1 1 
ATOM   319  N NH2 . ARG A 1 40  ? -14.083 1.438   -0.904  1.00 33.93  ? 39  ARG A NH2 1 
ATOM   320  N N   . HIS A 1 41  ? -10.490 2.924   0.795   1.00 33.69  ? 40  HIS A N   1 
ATOM   321  C CA  . HIS A 1 41  ? -11.462 3.047   1.896   1.00 35.32  ? 40  HIS A CA  1 
ATOM   322  C C   . HIS A 1 41  ? -10.938 3.941   3.041   1.00 37.35  ? 40  HIS A C   1 
ATOM   323  O O   . HIS A 1 41  ? -11.654 4.191   4.022   1.00 35.86  ? 40  HIS A O   1 
ATOM   324  C CB  . HIS A 1 41  ? -11.872 1.672   2.458   1.00 35.75  ? 40  HIS A CB  1 
ATOM   325  C CG  . HIS A 1 41  ? -10.751 0.916   3.120   1.00 35.41  ? 40  HIS A CG  1 
ATOM   326  N ND1 . HIS A 1 41  ? -9.912  0.060   2.423   1.00 36.43  ? 40  HIS A ND1 1 
ATOM   327  C CD2 . HIS A 1 41  ? -10.358 0.853   4.418   1.00 33.61  ? 40  HIS A CD2 1 
ATOM   328  C CE1 . HIS A 1 41  ? -9.046  -0.481  3.260   1.00 33.31  ? 40  HIS A CE1 1 
ATOM   329  N NE2 . HIS A 1 41  ? -9.283  0.001   4.468   1.00 35.13  ? 40  HIS A NE2 1 
ATOM   330  N N   . SER A 1 42  ? -9.686  4.405   2.924   1.00 38.20  ? 41  SER A N   1 
ATOM   331  C CA  . SER A 1 42  ? -9.118  5.326   3.914   1.00 31.25  ? 41  SER A CA  1 
ATOM   332  C C   . SER A 1 42  ? -9.725  6.709   3.742   1.00 31.36  ? 41  SER A C   1 
ATOM   333  O O   . SER A 1 42  ? -9.678  7.516   4.663   1.00 27.70  ? 41  SER A O   1 
ATOM   334  C CB  . SER A 1 42  ? -7.589  5.327   3.866   1.00 29.70  ? 41  SER A CB  1 
ATOM   335  O OG  . SER A 1 42  ? -7.087  5.997   2.719   1.00 29.21  ? 41  SER A OG  1 
ATOM   336  N N   . GLN A 1 43  ? -10.325 6.982   2.578   1.00 32.06  ? 42  GLN A N   1 
ATOM   337  C CA  . GLN A 1 43  ? -11.109 8.195   2.409   1.00 33.20  ? 42  GLN A CA  1 
ATOM   338  C C   . GLN A 1 43  ? -10.337 9.468   2.768   1.00 31.15  ? 42  GLN A C   1 
ATOM   339  O O   . GLN A 1 43  ? -10.806 10.270  3.583   1.00 30.30  ? 42  GLN A O   1 
ATOM   340  C CB  . GLN A 1 43  ? -12.362 8.124   3.293   1.00 36.75  ? 42  GLN A CB  1 
ATOM   341  C CG  . GLN A 1 43  ? -13.475 7.260   2.752   1.00 44.45  ? 42  GLN A CG  1 
ATOM   342  C CD  . GLN A 1 43  ? -13.899 7.742   1.376   1.00 48.82  ? 42  GLN A CD  1 
ATOM   343  O OE1 . GLN A 1 43  ? -13.675 8.903   1.006   1.00 51.01  ? 42  GLN A OE1 1 
ATOM   344  N NE2 . GLN A 1 43  ? -14.504 6.851   0.603   1.00 53.11  ? 42  GLN A NE2 1 
ATOM   345  N N   . PRO A 1 44  ? -9.153  9.679   2.167   1.00 31.09  ? 43  PRO A N   1 
ATOM   346  C CA  . PRO A 1 44  ? -8.478  10.950  2.471   1.00 29.66  ? 43  PRO A CA  1 
ATOM   347  C C   . PRO A 1 44  ? -9.367  12.107  2.042   1.00 31.74  ? 43  PRO A C   1 
ATOM   348  O O   . PRO A 1 44  ? -9.967  12.011  0.989   1.00 32.18  ? 43  PRO A O   1 
ATOM   349  C CB  . PRO A 1 44  ? -7.229  10.922  1.608   1.00 30.45  ? 43  PRO A CB  1 
ATOM   350  C CG  . PRO A 1 44  ? -7.154  9.574   0.983   1.00 28.43  ? 43  PRO A CG  1 
ATOM   351  C CD  . PRO A 1 44  ? -8.397  8.815   1.248   1.00 28.53  ? 43  PRO A CD  1 
ATOM   352  N N   . GLY A 1 45  ? -9.466  13.154  2.863   1.00 31.13  ? 44  GLY A N   1 
ATOM   353  C CA  . GLY A 1 45  ? -10.240 14.355  2.550   1.00 30.55  ? 44  GLY A CA  1 
ATOM   354  C C   . GLY A 1 45  ? -9.277  15.403  2.033   1.00 29.54  ? 44  GLY A C   1 
ATOM   355  O O   . GLY A 1 45  ? -8.426  15.090  1.199   1.00 29.12  ? 44  GLY A O   1 
ATOM   356  N N   . LYS A 1 46  ? -9.403  16.635  2.505   1.00 26.47  ? 45  LYS A N   1 
ATOM   357  C CA  . LYS A 1 46  ? -8.550  17.741  1.998   1.00 31.70  ? 45  LYS A CA  1 
ATOM   358  C C   . LYS A 1 46  ? -7.194  17.792  2.667   1.00 30.49  ? 45  LYS A C   1 
ATOM   359  O O   . LYS A 1 46  ? -6.253  18.395  2.148   1.00 27.68  ? 45  LYS A O   1 
ATOM   360  C CB  . LYS A 1 46  ? -9.230  19.107  2.142   1.00 34.80  ? 45  LYS A CB  1 
ATOM   361  C CG  . LYS A 1 46  ? -10.572 19.197  1.428   1.00 40.86  ? 45  LYS A CG  1 
ATOM   362  C CD  . LYS A 1 46  ? -10.483 18.698  -0.016  1.00 47.45  ? 45  LYS A CD  1 
ATOM   363  C CE  . LYS A 1 46  ? -11.781 18.898  -0.799  1.00 54.38  ? 45  LYS A CE  1 
ATOM   364  N NZ  . LYS A 1 46  ? -12.973 19.208  0.064   1.00 59.06  ? 45  LYS A NZ  1 
ATOM   365  N N   . THR A 1 47  ? -7.100  17.142  3.821   1.00 31.25  ? 46  THR A N   1 
ATOM   366  C CA  . THR A 1 47  ? -5.866  17.105  4.570   1.00 27.99  ? 46  THR A CA  1 
ATOM   367  C C   . THR A 1 47  ? -5.667  15.692  5.064   1.00 26.15  ? 46  THR A C   1 
ATOM   368  O O   . THR A 1 47  ? -6.628  14.883  5.131   1.00 29.29  ? 46  THR A O   1 
ATOM   369  C CB  . THR A 1 47  ? -5.930  18.078  5.767   1.00 28.52  ? 46  THR A CB  1 
ATOM   370  O OG1 . THR A 1 47  ? -7.070  17.744  6.568   1.00 28.03  ? 46  THR A OG1 1 
ATOM   371  C CG2 . THR A 1 47  ? -5.967  19.584  5.296   1.00 26.61  ? 46  THR A CG2 1 
ATOM   372  N N   . ILE A 1 48  ? -4.426  15.370  5.373   1.00 21.99  ? 47  ILE A N   1 
ATOM   373  C CA  . ILE A 1 48  ? -4.127  14.097  5.922   1.00 21.01  ? 47  ILE A CA  1 
ATOM   374  C C   . ILE A 1 48  ? -3.011  14.288  6.931   1.00 21.53  ? 47  ILE A C   1 
ATOM   375  O O   . ILE A 1 48  ? -2.121  15.114  6.754   1.00 22.01  ? 47  ILE A O   1 
ATOM   376  C CB  . ILE A 1 48  ? -3.796  13.066  4.840   1.00 20.49  ? 47  ILE A CB  1 
ATOM   377  C CG1 . ILE A 1 48  ? -3.484  11.696  5.460   1.00 20.91  ? 47  ILE A CG1 1 
ATOM   378  C CG2 . ILE A 1 48  ? -2.614  13.526  4.002   1.00 20.09  ? 47  ILE A CG2 1 
ATOM   379  C CD1 . ILE A 1 48  ? -3.370  10.592  4.433   1.00 22.54  ? 47  ILE A CD1 1 
ATOM   380  N N   . TRP A 1 49  ? -3.107  13.571  8.038   1.00 21.38  ? 48  TRP A N   1 
ATOM   381  C CA  . TRP A 1 49  ? -2.065  13.616  9.060   1.00 24.10  ? 48  TRP A CA  1 
ATOM   382  C C   . TRP A 1 49  ? -0.949  12.663  8.693   1.00 24.20  ? 48  TRP A C   1 
ATOM   383  O O   . TRP A 1 49  ? -1.189  11.456  8.572   1.00 23.03  ? 48  TRP A O   1 
ATOM   384  C CB  . TRP A 1 49  ? -2.636  13.170  10.406  1.00 24.55  ? 48  TRP A CB  1 
ATOM   385  C CG  . TRP A 1 49  ? -1.617  13.247  11.471  1.00 27.13  ? 48  TRP A CG  1 
ATOM   386  C CD1 . TRP A 1 49  ? -0.901  12.210  11.976  1.00 28.63  ? 48  TRP A CD1 1 
ATOM   387  C CD2 . TRP A 1 49  ? -1.158  14.439  12.158  1.00 29.84  ? 48  TRP A CD2 1 
ATOM   388  N NE1 . TRP A 1 49  ? -0.054  12.669  12.954  1.00 31.25  ? 48  TRP A NE1 1 
ATOM   389  C CE2 . TRP A 1 49  ? -0.191  14.026  13.085  1.00 29.80  ? 48  TRP A CE2 1 
ATOM   390  C CE3 . TRP A 1 49  ? -1.509  15.815  12.101  1.00 26.89  ? 48  TRP A CE3 1 
ATOM   391  C CZ2 . TRP A 1 49  ? 0.453   14.922  13.937  1.00 30.87  ? 48  TRP A CZ2 1 
ATOM   392  C CZ3 . TRP A 1 49  ? -0.857  16.699  12.923  1.00 25.09  ? 48  TRP A CZ3 1 
ATOM   393  C CH2 . TRP A 1 49  ? 0.104   16.257  13.834  1.00 28.87  ? 48  TRP A CH2 1 
ATOM   394  N N   . ILE A 1 50  ? 0.253   13.180  8.513   1.00 22.08  ? 49  ILE A N   1 
ATOM   395  C CA  . ILE A 1 50  ? 1.356   12.336  8.091   1.00 21.73  ? 49  ILE A CA  1 
ATOM   396  C C   . ILE A 1 50  ? 2.420   12.501  9.150   1.00 25.00  ? 49  ILE A C   1 
ATOM   397  O O   . ILE A 1 50  ? 3.069   13.545  9.241   1.00 22.15  ? 49  ILE A O   1 
ATOM   398  C CB  . ILE A 1 50  ? 1.933   12.688  6.724   1.00 20.79  ? 49  ILE A CB  1 
ATOM   399  C CG1 . ILE A 1 50  ? 0.816   12.751  5.660   1.00 22.64  ? 49  ILE A CG1 1 
ATOM   400  C CG2 . ILE A 1 50  ? 3.035   11.707  6.344   1.00 19.31  ? 49  ILE A CG2 1 
ATOM   401  C CD1 . ILE A 1 50  ? 1.280   12.863  4.220   1.00 20.01  ? 49  ILE A CD1 1 
ATOM   402  N N   . GLU A 1 51  ? 2.540   11.447  9.971   1.00 27.96  ? 50  GLU A N   1 
ATOM   403  C CA  . GLU A 1 51  ? 3.456   11.373  11.099  1.00 30.63  ? 50  GLU A CA  1 
ATOM   404  C C   . GLU A 1 51  ? 3.350   12.427  12.174  1.00 32.61  ? 50  GLU A C   1 
ATOM   405  O O   . GLU A 1 51  ? 2.962   12.115  13.272  1.00 35.38  ? 50  GLU A O   1 
ATOM   406  C CB  . GLU A 1 51  ? 4.890   11.272  10.613  1.00 32.99  ? 50  GLU A CB  1 
ATOM   407  C CG  . GLU A 1 51  ? 5.412   9.873   10.840  1.00 37.14  ? 50  GLU A CG  1 
ATOM   408  C CD  . GLU A 1 51  ? 6.172   9.423   9.662   1.00 38.58  ? 50  GLU A CD  1 
ATOM   409  O OE1 . GLU A 1 51  ? 6.900   10.306  9.153   1.00 49.57  ? 50  GLU A OE1 1 
ATOM   410  O OE2 . GLU A 1 51  ? 6.005   8.251   9.251   1.00 30.98  ? 50  GLU A OE2 1 
ATOM   411  N N   . HIS A 1 52  ? 3.749   13.654  11.858  1.00 37.50  ? 51  HIS A N   1 
ATOM   412  C CA  . HIS A 1 52  ? 3.891   14.736  12.852  1.00 42.97  ? 51  HIS A CA  1 
ATOM   413  C C   . HIS A 1 52  ? 3.233   16.049  12.376  1.00 38.08  ? 51  HIS A C   1 
ATOM   414  O O   . HIS A 1 52  ? 3.424   17.116  12.974  1.00 36.36  ? 51  HIS A O   1 
ATOM   415  C CB  . HIS A 1 52  ? 5.404   15.000  13.071  1.00 51.68  ? 51  HIS A CB  1 
ATOM   416  C CG  . HIS A 1 52  ? 6.164   15.234  11.789  1.00 60.47  ? 51  HIS A CG  1 
ATOM   417  N ND1 . HIS A 1 52  ? 6.304   16.485  11.208  1.00 63.57  ? 51  HIS A ND1 1 
ATOM   418  C CD2 . HIS A 1 52  ? 6.784   14.363  10.951  1.00 62.05  ? 51  HIS A CD2 1 
ATOM   419  C CE1 . HIS A 1 52  ? 7.003   16.373  10.091  1.00 60.42  ? 51  HIS A CE1 1 
ATOM   420  N NE2 . HIS A 1 52  ? 7.298   15.098  9.908   1.00 62.25  ? 51  HIS A NE2 1 
ATOM   421  N N   . LYS A 1 53  ? 2.460   15.968  11.301  1.00 33.52  ? 52  LYS A N   1 
ATOM   422  C CA  . LYS A 1 53  ? 2.065   17.142  10.571  1.00 32.38  ? 52  LYS A CA  1 
ATOM   423  C C   . LYS A 1 53  ? 0.800   16.867  9.791   1.00 30.84  ? 52  LYS A C   1 
ATOM   424  O O   . LYS A 1 53  ? 0.711   15.842  9.157   1.00 29.84  ? 52  LYS A O   1 
ATOM   425  C CB  . LYS A 1 53  ? 3.171   17.442  9.563   1.00 33.30  ? 52  LYS A CB  1 
ATOM   426  C CG  . LYS A 1 53  ? 3.437   18.893  9.328   1.00 36.63  ? 52  LYS A CG  1 
ATOM   427  C CD  . LYS A 1 53  ? 4.126   19.120  7.995   1.00 39.86  ? 52  LYS A CD  1 
ATOM   428  C CE  . LYS A 1 53  ? 5.318   18.172  7.843   1.00 47.21  ? 52  LYS A CE  1 
ATOM   429  N NZ  . LYS A 1 53  ? 6.570   18.754  7.256   1.00 48.23  ? 52  LYS A NZ  1 
ATOM   430  N N   . LEU A 1 54  ? -0.133  17.814  9.755   1.00 27.28  ? 53  LEU A N   1 
ATOM   431  C CA  . LEU A 1 54  ? -1.208  17.772  8.798   1.00 27.26  ? 53  LEU A CA  1 
ATOM   432  C C   . LEU A 1 54  ? -0.729  18.258  7.431   1.00 25.99  ? 53  LEU A C   1 
ATOM   433  O O   . LEU A 1 54  ? -0.058  19.300  7.291   1.00 24.72  ? 53  LEU A O   1 
ATOM   434  C CB  . LEU A 1 54  ? -2.331  18.670  9.289   1.00 29.82  ? 53  LEU A CB  1 
ATOM   435  C CG  . LEU A 1 54  ? -3.690  18.486  8.667   1.00 30.70  ? 53  LEU A CG  1 
ATOM   436  C CD1 . LEU A 1 54  ? -4.297  17.155  9.166   1.00 30.16  ? 53  LEU A CD1 1 
ATOM   437  C CD2 . LEU A 1 54  ? -4.538  19.697  9.039   1.00 29.92  ? 53  LEU A CD2 1 
ATOM   438  N N   . VAL A 1 55  ? -1.058  17.506  6.403   1.00 21.86  ? 54  VAL A N   1 
ATOM   439  C CA  . VAL A 1 55  ? -0.578  17.827  5.065   1.00 21.51  ? 54  VAL A CA  1 
ATOM   440  C C   . VAL A 1 55  ? -1.744  18.011  4.081   1.00 22.53  ? 54  VAL A C   1 
ATOM   441  O O   . VAL A 1 55  ? -2.691  17.189  4.027   1.00 22.12  ? 54  VAL A O   1 
ATOM   442  C CB  . VAL A 1 55  ? 0.479   16.757  4.575   1.00 20.25  ? 54  VAL A CB  1 
ATOM   443  C CG1 . VAL A 1 55  ? 0.941   17.034  3.150   1.00 19.46  ? 54  VAL A CG1 1 
ATOM   444  C CG2 . VAL A 1 55  ? 1.693   16.696  5.534   1.00 21.99  ? 54  VAL A CG2 1 
ATOM   445  N N   . ASN A 1 56  ? -1.668  19.056  3.253   1.00 24.13  ? 55  ASN A N   1 
ATOM   446  C CA  . ASN A 1 56  ? -2.772  19.308  2.333   1.00 28.63  ? 55  ASN A CA  1 
ATOM   447  C C   . ASN A 1 56  ? -2.676  18.339  1.124   1.00 27.74  ? 55  ASN A C   1 
ATOM   448  O O   . ASN A 1 56  ? -1.603  18.065  0.604   1.00 26.93  ? 55  ASN A O   1 
ATOM   449  C CB  . ASN A 1 56  ? -2.814  20.809  1.981   1.00 34.53  ? 55  ASN A CB  1 
ATOM   450  C CG  . ASN A 1 56  ? -3.814  21.135  0.879   1.00 43.54  ? 55  ASN A CG  1 
ATOM   451  O OD1 . ASN A 1 56  ? -3.669  22.133  0.174   1.00 46.07  ? 55  ASN A OD1 1 
ATOM   452  N ND2 . ASN A 1 56  ? -4.852  20.293  0.722   1.00 50.58  ? 55  ASN A ND2 1 
ATOM   453  N N   . ILE A 1 57  ? -3.792  17.729  0.750   1.00 26.02  ? 56  ILE A N   1 
ATOM   454  C CA  . ILE A 1 57  ? -3.852  16.907  -0.442  1.00 26.89  ? 56  ILE A CA  1 
ATOM   455  C C   . ILE A 1 57  ? -4.311  17.754  -1.628  1.00 29.44  ? 56  ILE A C   1 
ATOM   456  O O   . ILE A 1 57  ? -5.400  18.342  -1.590  1.00 27.34  ? 56  ILE A O   1 
ATOM   457  C CB  . ILE A 1 57  ? -4.805  15.741  -0.234  1.00 28.02  ? 56  ILE A CB  1 
ATOM   458  C CG1 . ILE A 1 57  ? -4.187  14.783  0.788   1.00 24.84  ? 56  ILE A CG1 1 
ATOM   459  C CG2 . ILE A 1 57  ? -5.144  15.034  -1.562  1.00 28.52  ? 56  ILE A CG2 1 
ATOM   460  C CD1 . ILE A 1 57  ? -5.149  13.700  1.233   1.00 25.95  ? 56  ILE A CD1 1 
ATOM   461  N N   . LEU A 1 58  ? -3.472  17.834  -2.670  1.00 28.98  ? 57  LEU A N   1 
ATOM   462  C CA  . LEU A 1 58  ? -3.808  18.661  -3.802  1.00 30.58  ? 57  LEU A CA  1 
ATOM   463  C C   . LEU A 1 58  ? -4.786  17.957  -4.764  1.00 33.28  ? 57  LEU A C   1 
ATOM   464  O O   . LEU A 1 58  ? -5.509  18.621  -5.502  1.00 31.10  ? 57  LEU A O   1 
ATOM   465  C CB  . LEU A 1 58  ? -2.541  19.077  -4.537  1.00 30.54  ? 57  LEU A CB  1 
ATOM   466  C CG  . LEU A 1 58  ? -1.567  19.936  -3.730  1.00 30.90  ? 57  LEU A CG  1 
ATOM   467  C CD1 . LEU A 1 58  ? -0.273  20.210  -4.484  1.00 29.72  ? 57  LEU A CD1 1 
ATOM   468  C CD2 . LEU A 1 58  ? -2.211  21.251  -3.358  1.00 32.75  ? 57  LEU A CD2 1 
ATOM   469  N N   . ASP A 1 59  ? -4.817  16.632  -4.748  1.00 31.66  ? 58  ASP A N   1 
ATOM   470  C CA  . ASP A 1 59  ? -5.540  15.882  -5.741  1.00 34.37  ? 58  ASP A CA  1 
ATOM   471  C C   . ASP A 1 59  ? -5.579  14.423  -5.306  1.00 32.78  ? 58  ASP A C   1 
ATOM   472  O O   . ASP A 1 59  ? -4.622  13.906  -4.734  1.00 34.10  ? 58  ASP A O   1 
ATOM   473  C CB  . ASP A 1 59  ? -4.814  15.966  -7.090  1.00 37.63  ? 58  ASP A CB  1 
ATOM   474  C CG  . ASP A 1 59  ? -5.611  15.353  -8.220  1.00 44.27  ? 58  ASP A CG  1 
ATOM   475  O OD1 . ASP A 1 59  ? -6.572  16.014  -8.693  1.00 52.51  ? 58  ASP A OD1 1 
ATOM   476  O OD2 . ASP A 1 59  ? -5.283  14.226  -8.654  1.00 47.63  ? 58  ASP A OD2 1 
ATOM   477  N N   . ALA A 1 60  ? -6.692  13.761  -5.567  1.00 29.68  ? 59  ALA A N   1 
ATOM   478  C CA  . ALA A 1 60  ? -6.842  12.379  -5.214  1.00 31.21  ? 59  ALA A CA  1 
ATOM   479  C C   . ALA A 1 60  ? -7.519  11.707  -6.375  1.00 33.33  ? 59  ALA A C   1 
ATOM   480  O O   . ALA A 1 60  ? -8.414  12.290  -6.980  1.00 35.58  ? 59  ALA A O   1 
ATOM   481  C CB  . ALA A 1 60  ? -7.642  12.228  -3.926  1.00 30.13  ? 59  ALA A CB  1 
ATOM   482  N N   . VAL A 1 61  ? -7.053  10.514  -6.711  1.00 33.08  ? 60  VAL A N   1 
ATOM   483  C CA  . VAL A 1 61  ? -7.572  9.783   -7.832  1.00 33.37  ? 60  VAL A CA  1 
ATOM   484  C C   . VAL A 1 61  ? -7.798  8.367   -7.412  1.00 32.14  ? 60  VAL A C   1 
ATOM   485  O O   . VAL A 1 61  ? -6.864  7.657   -7.078  1.00 32.09  ? 60  VAL A O   1 
ATOM   486  C CB  . VAL A 1 61  ? -6.619  9.833   -9.017  1.00 32.28  ? 60  VAL A CB  1 
ATOM   487  C CG1 . VAL A 1 61  ? -6.993  8.775   -10.043 1.00 34.15  ? 60  VAL A CG1 1 
ATOM   488  C CG2 . VAL A 1 61  ? -6.641  11.230  -9.626  1.00 34.38  ? 60  VAL A CG2 1 
ATOM   489  N N   . GLU A 1 62  ? -9.056  7.945   -7.445  1.00 34.24  ? 61  GLU A N   1 
ATOM   490  C CA  . GLU A 1 62  ? -9.386  6.582   -7.027  1.00 38.37  ? 61  GLU A CA  1 
ATOM   491  C C   . GLU A 1 62  ? -9.308  5.758   -8.293  1.00 39.23  ? 61  GLU A C   1 
ATOM   492  O O   . GLU A 1 62  ? -9.915  6.141   -9.303  1.00 48.42  ? 61  GLU A O   1 
ATOM   493  C CB  . GLU A 1 62  ? -10.781 6.538   -6.398  1.00 40.14  ? 61  GLU A CB  1 
ATOM   494  C CG  . GLU A 1 62  ? -10.871 7.353   -5.104  1.00 40.62  ? 61  GLU A CG  1 
ATOM   495  C CD  . GLU A 1 62  ? -12.270 7.500   -4.535  1.00 39.04  ? 61  GLU A CD  1 
ATOM   496  O OE1 . GLU A 1 62  ? -13.255 7.315   -5.278  1.00 44.98  ? 61  GLU A OE1 1 
ATOM   497  O OE2 . GLU A 1 62  ? -12.362 7.837   -3.346  1.00 37.63  ? 61  GLU A OE2 1 
ATOM   498  N N   . LEU A 1 63  ? -8.520  4.689   -8.294  1.00 35.69  ? 62  LEU A N   1 
ATOM   499  C CA  . LEU A 1 63  ? -8.328  3.961   -9.540  1.00 33.60  ? 62  LEU A CA  1 
ATOM   500  C C   . LEU A 1 63  ? -9.419  2.905   -9.738  1.00 35.15  ? 62  LEU A C   1 
ATOM   501  O O   . LEU A 1 63  ? -9.721  2.087   -8.844  1.00 33.54  ? 62  LEU A O   1 
ATOM   502  C CB  . LEU A 1 63  ? -6.957  3.307   -9.631  1.00 33.70  ? 62  LEU A CB  1 
ATOM   503  C CG  . LEU A 1 63  ? -5.757  4.231   -9.443  1.00 35.43  ? 62  LEU A CG  1 
ATOM   504  C CD1 . LEU A 1 63  ? -4.572  3.346   -9.085  1.00 37.01  ? 62  LEU A CD1 1 
ATOM   505  C CD2 . LEU A 1 63  ? -5.523  5.094   -10.674 1.00 39.17  ? 62  LEU A CD2 1 
ATOM   506  N N   . VAL A 1 64  ? -9.970  2.936   -10.950 1.00 35.48  ? 63  VAL A N   1 
ATOM   507  C CA  . VAL A 1 64  ? -10.873 1.927   -11.437 1.00 35.50  ? 63  VAL A CA  1 
ATOM   508  C C   . VAL A 1 64  ? -10.277 1.265   -12.703 1.00 37.98  ? 63  VAL A C   1 
ATOM   509  O O   . VAL A 1 64  ? -9.454  1.860   -13.432 1.00 31.44  ? 63  VAL A O   1 
ATOM   510  C CB  . VAL A 1 64  ? -12.274 2.529   -11.755 1.00 34.98  ? 63  VAL A CB  1 
ATOM   511  C CG1 . VAL A 1 64  ? -12.904 3.172   -10.514 1.00 35.13  ? 63  VAL A CG1 1 
ATOM   512  C CG2 . VAL A 1 64  ? -12.229 3.519   -12.922 1.00 34.56  ? 63  VAL A CG2 1 
ATOM   513  N N   . ASP A 1 65  ? -10.736 0.046   -12.981 1.00 37.75  ? 64  ASP A N   1 
ATOM   514  C CA  . ASP A 1 65  ? -10.317 -0.618  -14.177 1.00 43.11  ? 64  ASP A CA  1 
ATOM   515  C C   . ASP A 1 65  ? -11.106 -0.151  -15.402 1.00 49.37  ? 64  ASP A C   1 
ATOM   516  O O   . ASP A 1 65  ? -11.784 0.869   -15.367 1.00 52.72  ? 64  ASP A O   1 
ATOM   517  C CB  . ASP A 1 65  ? -10.323 -2.140  -13.984 1.00 41.80  ? 64  ASP A CB  1 
ATOM   518  C CG  . ASP A 1 65  ? -11.692 -2.729  -13.931 1.00 38.09  ? 64  ASP A CG  1 
ATOM   519  O OD1 . ASP A 1 65  ? -12.654 -2.099  -14.380 1.00 37.69  ? 64  ASP A OD1 1 
ATOM   520  O OD2 . ASP A 1 65  ? -11.798 -3.861  -13.438 1.00 43.15  ? 64  ASP A OD2 1 
ATOM   521  N N   . GLU A 1 66  ? -10.959 -0.865  -16.514 1.00 57.35  ? 65  GLU A N   1 
ATOM   522  C CA  . GLU A 1 66  ? -11.604 -0.451  -17.754 1.00 55.76  ? 65  GLU A CA  1 
ATOM   523  C C   . GLU A 1 66  ? -13.070 -0.854  -17.726 1.00 53.02  ? 65  GLU A C   1 
ATOM   524  O O   . GLU A 1 66  ? -13.873 -0.172  -18.341 1.00 47.95  ? 65  GLU A O   1 
ATOM   525  C CB  . GLU A 1 66  ? -10.840 -0.981  -18.989 1.00 57.68  ? 65  GLU A CB  1 
ATOM   526  C CG  . GLU A 1 66  ? -9.608  -0.118  -19.297 1.00 57.25  ? 65  GLU A CG  1 
ATOM   527  C CD  . GLU A 1 66  ? -8.819  -0.549  -20.530 1.00 60.77  ? 65  GLU A CD  1 
ATOM   528  O OE1 . GLU A 1 66  ? -8.997  -1.710  -20.982 1.00 56.69  ? 65  GLU A OE1 1 
ATOM   529  O OE2 . GLU A 1 66  ? -8.004  0.278   -21.033 1.00 58.26  ? 65  GLU A OE2 1 
ATOM   530  N N   . GLN A 1 67  ? -13.410 -1.925  -16.991 1.00 55.33  ? 66  GLN A N   1 
ATOM   531  C CA  . GLN A 1 67  ? -14.827 -2.309  -16.766 1.00 58.80  ? 66  GLN A CA  1 
ATOM   532  C C   . GLN A 1 67  ? -15.453 -1.572  -15.535 1.00 63.28  ? 66  GLN A C   1 
ATOM   533  O O   . GLN A 1 67  ? -16.342 -2.097  -14.845 1.00 64.39  ? 66  GLN A O   1 
ATOM   534  C CB  . GLN A 1 67  ? -15.023 -3.861  -16.725 1.00 57.54  ? 66  GLN A CB  1 
ATOM   535  C CG  . GLN A 1 67  ? -14.516 -4.671  -15.513 1.00 52.93  ? 66  GLN A CG  1 
ATOM   536  C CD  . GLN A 1 67  ? -15.149 -6.093  -15.390 1.00 55.97  ? 66  GLN A CD  1 
ATOM   537  O OE1 . GLN A 1 67  ? -14.566 -7.110  -15.826 1.00 57.29  ? 66  GLN A OE1 1 
ATOM   538  N NE2 . GLN A 1 67  ? -16.336 -6.166  -14.775 1.00 49.01  ? 66  GLN A NE2 1 
ATOM   539  N N   . GLY A 1 68  ? -14.968 -0.351  -15.290 1.00 62.29  ? 67  GLY A N   1 
ATOM   540  C CA  . GLY A 1 68  ? -15.504 0.542   -14.289 1.00 56.70  ? 67  GLY A CA  1 
ATOM   541  C C   . GLY A 1 68  ? -15.327 0.084   -12.873 1.00 50.51  ? 67  GLY A C   1 
ATOM   542  O O   . GLY A 1 68  ? -15.817 0.747   -11.962 1.00 53.07  ? 67  GLY A O   1 
ATOM   543  N N   . VAL A 1 69  ? -14.635 -1.028  -12.667 1.00 47.26  ? 68  VAL A N   1 
ATOM   544  C CA  . VAL A 1 69  ? -14.621 -1.629  -11.349 1.00 46.10  ? 68  VAL A CA  1 
ATOM   545  C C   . VAL A 1 69  ? -13.586 -0.948  -10.449 1.00 48.32  ? 68  VAL A C   1 
ATOM   546  O O   . VAL A 1 69  ? -12.621 -0.352  -10.916 1.00 50.70  ? 68  VAL A O   1 
ATOM   547  C CB  . VAL A 1 69  ? -14.414 -3.157  -11.368 1.00 46.79  ? 68  VAL A CB  1 
ATOM   548  C CG1 . VAL A 1 69  ? -14.412 -3.725  -9.951  1.00 43.42  ? 68  VAL A CG1 1 
ATOM   549  C CG2 . VAL A 1 69  ? -15.520 -3.836  -12.151 1.00 49.37  ? 68  VAL A CG2 1 
ATOM   550  N N   . ASN A 1 70  ? -13.860 -0.995  -9.155  1.00 47.93  ? 69  ASN A N   1 
ATOM   551  C CA  . ASN A 1 70  ? -12.986 -0.492  -8.124  1.00 46.77  ? 69  ASN A CA  1 
ATOM   552  C C   . ASN A 1 70  ? -11.637 -1.181  -8.161  1.00 46.33  ? 69  ASN A C   1 
ATOM   553  O O   . ASN A 1 70  ? -11.566 -2.351  -8.493  1.00 48.29  ? 69  ASN A O   1 
ATOM   554  C CB  . ASN A 1 70  ? -13.659 -0.771  -6.778  1.00 43.91  ? 69  ASN A CB  1 
ATOM   555  C CG  . ASN A 1 70  ? -12.827 -0.328  -5.599  1.00 40.69  ? 69  ASN A CG  1 
ATOM   556  O OD1 . ASN A 1 70  ? -12.383 0.806   -5.527  1.00 37.12  ? 69  ASN A OD1 1 
ATOM   557  N ND2 . ASN A 1 70  ? -12.648 -1.212  -4.660  1.00 39.77  ? 69  ASN A ND2 1 
ATOM   558  N N   . LEU A 1 71  ? -10.557 -0.473  -7.836  1.00 47.12  ? 70  LEU A N   1 
ATOM   559  C CA  . LEU A 1 71  ? -9.281  -1.178  -7.584  1.00 41.49  ? 70  LEU A CA  1 
ATOM   560  C C   . LEU A 1 71  ? -8.757  -0.980  -6.146  1.00 42.14  ? 70  LEU A C   1 
ATOM   561  O O   . LEU A 1 71  ? -7.849  -1.707  -5.704  1.00 38.59  ? 70  LEU A O   1 
ATOM   562  C CB  . LEU A 1 71  ? -8.235  -0.793  -8.627  1.00 42.01  ? 70  LEU A CB  1 
ATOM   563  C CG  . LEU A 1 71  ? -8.539  -1.092  -10.105 1.00 39.00  ? 70  LEU A CG  1 
ATOM   564  C CD1 . LEU A 1 71  ? -7.607  -0.295  -11.017 1.00 35.72  ? 70  LEU A CD1 1 
ATOM   565  C CD2 . LEU A 1 71  ? -8.422  -2.581  -10.380 1.00 38.95  ? 70  LEU A CD2 1 
ATOM   566  N N   . GLU A 1 72  ? -9.366  -0.055  -5.396  1.00 38.56  ? 71  GLU A N   1 
ATOM   567  C CA  . GLU A 1 72  ? -9.116  0.050   -3.950  1.00 35.88  ? 71  GLU A CA  1 
ATOM   568  C C   . GLU A 1 72  ? -7.829  0.829   -3.674  1.00 30.65  ? 71  GLU A C   1 
ATOM   569  O O   . GLU A 1 72  ? -7.204  0.701   -2.603  1.00 27.94  ? 71  GLU A O   1 
ATOM   570  C CB  . GLU A 1 72  ? -9.080  -1.338  -3.284  1.00 36.68  ? 71  GLU A CB  1 
ATOM   571  C CG  . GLU A 1 72  ? -9.472  -1.385  -1.808  1.00 38.31  ? 71  GLU A CG  1 
ATOM   572  C CD  . GLU A 1 72  ? -10.572 -0.407  -1.417  1.00 39.68  ? 71  GLU A CD  1 
ATOM   573  O OE1 . GLU A 1 72  ? -11.553 -0.187  -2.165  1.00 41.77  ? 71  GLU A OE1 1 
ATOM   574  O OE2 . GLU A 1 72  ? -10.454 0.152   -0.318  1.00 39.87  ? 71  GLU A OE2 1 
ATOM   575  N N   . LEU A 1 73  ? -7.504  1.708   -4.613  1.00 29.84  ? 72  LEU A N   1 
ATOM   576  C CA  . LEU A 1 73  ? -6.305  2.497   -4.541  1.00 26.54  ? 72  LEU A CA  1 
ATOM   577  C C   . LEU A 1 73  ? -6.645  3.896   -4.904  1.00 28.11  ? 72  LEU A C   1 
ATOM   578  O O   . LEU A 1 73  ? -7.348  4.164   -5.899  1.00 30.39  ? 72  LEU A O   1 
ATOM   579  C CB  . LEU A 1 73  ? -5.237  1.918   -5.457  1.00 27.08  ? 72  LEU A CB  1 
ATOM   580  C CG  . LEU A 1 73  ? -4.638  0.559   -5.054  1.00 28.27  ? 72  LEU A CG  1 
ATOM   581  C CD1 . LEU A 1 73  ? -3.845  -0.097  -6.192  1.00 31.23  ? 72  LEU A CD1 1 
ATOM   582  C CD2 . LEU A 1 73  ? -3.723  0.629   -3.828  1.00 29.16  ? 72  LEU A CD2 1 
ATOM   583  N N   . THR A 1 74  ? -6.167  4.816   -4.080  1.00 25.57  ? 73  THR A N   1 
ATOM   584  C CA  . THR A 1 74  ? -6.285  6.219   -4.362  1.00 25.51  ? 73  THR A CA  1 
ATOM   585  C C   . THR A 1 74  ? -4.910  6.779   -4.480  1.00 24.74  ? 73  THR A C   1 
ATOM   586  O O   . THR A 1 74  ? -4.073  6.595   -3.563  1.00 25.39  ? 73  THR A O   1 
ATOM   587  C CB  . THR A 1 74  ? -6.998  6.924   -3.202  1.00 25.70  ? 73  THR A CB  1 
ATOM   588  O OG1 . THR A 1 74  ? -8.208  6.213   -2.916  1.00 30.37  ? 73  THR A OG1 1 
ATOM   589  C CG2 . THR A 1 74  ? -7.307  8.349   -3.546  1.00 24.27  ? 73  THR A CG2 1 
ATOM   590  N N   . LEU A 1 75  ? -4.661  7.465   -5.582  1.00 25.11  ? 74  LEU A N   1 
ATOM   591  C CA  . LEU A 1 75  ? -3.407  8.170   -5.731  1.00 28.50  ? 74  LEU A CA  1 
ATOM   592  C C   . LEU A 1 75  ? -3.519  9.577   -5.168  1.00 28.36  ? 74  LEU A C   1 
ATOM   593  O O   . LEU A 1 75  ? -4.347  10.347  -5.654  1.00 34.50  ? 74  LEU A O   1 
ATOM   594  C CB  . LEU A 1 75  ? -3.039  8.308   -7.207  1.00 29.39  ? 74  LEU A CB  1 
ATOM   595  C CG  . LEU A 1 75  ? -2.986  7.019   -8.011  1.00 30.86  ? 74  LEU A CG  1 
ATOM   596  C CD1 . LEU A 1 75  ? -2.437  7.358   -9.403  1.00 29.05  ? 74  LEU A CD1 1 
ATOM   597  C CD2 . LEU A 1 75  ? -2.170  5.908   -7.317  1.00 29.21  ? 74  LEU A CD2 1 
ATOM   598  N N   . ILE A 1 76  ? -2.666  9.943   -4.203  1.00 24.15  ? 75  ILE A N   1 
ATOM   599  C CA  . ILE A 1 76  ? -2.655  11.310  -3.755  1.00 21.05  ? 75  ILE A CA  1 
ATOM   600  C C   . ILE A 1 76  ? -1.409  12.147  -4.076  1.00 21.61  ? 75  ILE A C   1 
ATOM   601  O O   . ILE A 1 76  ? -0.294  11.669  -4.122  1.00 22.73  ? 75  ILE A O   1 
ATOM   602  C CB  . ILE A 1 76  ? -3.061  11.463  -2.296  1.00 20.43  ? 75  ILE A CB  1 
ATOM   603  C CG1 . ILE A 1 76  ? -2.003  10.856  -1.371  1.00 22.14  ? 75  ILE A CG1 1 
ATOM   604  C CG2 . ILE A 1 76  ? -4.477  10.884  -2.098  1.00 21.48  ? 75  ILE A CG2 1 
ATOM   605  C CD1 . ILE A 1 76  ? -2.380  11.009  0.092   1.00 21.89  ? 75  ILE A CD1 1 
ATOM   606  N N   . THR A 1 77  ? -1.647  13.416  -4.370  1.00 20.15  ? 76  THR A N   1 
ATOM   607  C CA  . THR A 1 77  ? -0.592  14.373  -4.674  1.00 22.21  ? 76  THR A CA  1 
ATOM   608  C C   . THR A 1 77  ? -0.629  15.260  -3.480  1.00 22.32  ? 76  THR A C   1 
ATOM   609  O O   . THR A 1 77  ? -1.697  15.847  -3.177  1.00 20.85  ? 76  THR A O   1 
ATOM   610  C CB  . THR A 1 77  ? -0.918  15.159  -5.981  1.00 22.94  ? 76  THR A CB  1 
ATOM   611  O OG1 . THR A 1 77  ? -0.820  14.247  -7.069  1.00 24.35  ? 76  THR A OG1 1 
ATOM   612  C CG2 . THR A 1 77  ? 0.031   16.281  -6.231  1.00 22.98  ? 76  THR A CG2 1 
ATOM   613  N N   . LEU A 1 78  ? 0.520   15.339  -2.793  1.00 23.28  ? 77  LEU A N   1 
ATOM   614  C CA  . LEU A 1 78  ? 0.650   16.130  -1.571  1.00 24.90  ? 77  LEU A CA  1 
ATOM   615  C C   . LEU A 1 78  ? 1.269   17.495  -1.733  1.00 26.32  ? 77  LEU A C   1 
ATOM   616  O O   . LEU A 1 78  ? 2.139   17.722  -2.577  1.00 29.40  ? 77  LEU A O   1 
ATOM   617  C CB  . LEU A 1 78  ? 1.549   15.371  -0.594  1.00 25.13  ? 77  LEU A CB  1 
ATOM   618  C CG  . LEU A 1 78  ? 1.067   13.956  -0.263  1.00 26.20  ? 77  LEU A CG  1 
ATOM   619  C CD1 . LEU A 1 78  ? 2.178   13.273  0.519   1.00 27.28  ? 77  LEU A CD1 1 
ATOM   620  C CD2 . LEU A 1 78  ? -0.257  14.030  0.514   1.00 25.87  ? 77  LEU A CD2 1 
ATOM   621  N N   . ASP A 1 79  ? 0.899   18.398  -0.836  1.00 28.51  ? 78  ASP A N   1 
ATOM   622  C CA  . ASP A 1 79  ? 1.514   19.736  -0.807  1.00 27.40  ? 78  ASP A CA  1 
ATOM   623  C C   . ASP A 1 79  ? 2.633   19.732  0.249   1.00 28.97  ? 78  ASP A C   1 
ATOM   624  O O   . ASP A 1 79  ? 2.478   20.146  1.408   1.00 25.50  ? 78  ASP A O   1 
ATOM   625  C CB  . ASP A 1 79  ? 0.468   20.822  -0.539  1.00 26.35  ? 78  ASP A CB  1 
ATOM   626  C CG  . ASP A 1 79  ? 1.069   22.207  -0.429  1.00 26.43  ? 78  ASP A CG  1 
ATOM   627  O OD1 . ASP A 1 79  ? 2.143   22.452  -1.050  1.00 24.95  ? 78  ASP A OD1 1 
ATOM   628  O OD2 . ASP A 1 79  ? 0.459   23.030  0.311   1.00 26.47  ? 78  ASP A OD2 1 
ATOM   629  N N   . THR A 1 80  ? 3.789   19.306  -0.205  1.00 29.88  ? 79  THR A N   1 
ATOM   630  C CA  . THR A 1 80  ? 4.844   19.002  0.689   1.00 32.01  ? 79  THR A CA  1 
ATOM   631  C C   . THR A 1 80  ? 6.164   19.447  0.116   1.00 30.30  ? 79  THR A C   1 
ATOM   632  O O   . THR A 1 80  ? 6.294   19.580  -1.072  1.00 28.84  ? 79  THR A O   1 
ATOM   633  C CB  . THR A 1 80  ? 4.801   17.511  1.021   1.00 30.70  ? 79  THR A CB  1 
ATOM   634  O OG1 . THR A 1 80  ? 5.481   17.308  2.260   1.00 32.96  ? 79  THR A OG1 1 
ATOM   635  C CG2 . THR A 1 80  ? 5.422   16.714  -0.078  1.00 30.94  ? 79  THR A CG2 1 
ATOM   636  N N   . ASN A 1 81  ? 7.131   19.744  0.979   1.00 37.51  ? 80  ASN A N   1 
ATOM   637  C CA  . ASN A 1 81  ? 8.464   20.149  0.494   1.00 40.61  ? 80  ASN A CA  1 
ATOM   638  C C   . ASN A 1 81  ? 9.267   18.999  0.007   1.00 43.01  ? 80  ASN A C   1 
ATOM   639  O O   . ASN A 1 81  ? 10.010  19.131  -0.959  1.00 49.46  ? 80  ASN A O   1 
ATOM   640  C CB  . ASN A 1 81  ? 9.250   20.885  1.561   1.00 46.22  ? 80  ASN A CB  1 
ATOM   641  C CG  . ASN A 1 81  ? 9.009   22.379  1.495   1.00 54.07  ? 80  ASN A CG  1 
ATOM   642  O OD1 . ASN A 1 81  ? 8.858   22.952  0.384   1.00 56.38  ? 80  ASN A OD1 1 
ATOM   643  N ND2 . ASN A 1 81  ? 8.933   23.027  2.669   1.00 55.10  ? 80  ASN A ND2 1 
ATOM   644  N N   . GLU A 1 82  ? 9.103   17.884  0.707   1.00 39.25  ? 81  GLU A N   1 
ATOM   645  C CA  . GLU A 1 82  ? 9.634   16.581  0.347   1.00 44.96  ? 81  GLU A CA  1 
ATOM   646  C C   . GLU A 1 82  ? 9.261   15.989  -1.041  1.00 40.47  ? 81  GLU A C   1 
ATOM   647  O O   . GLU A 1 82  ? 8.091   15.932  -1.397  1.00 38.20  ? 81  GLU A O   1 
ATOM   648  C CB  . GLU A 1 82  ? 9.215   15.631  1.493   1.00 50.39  ? 81  GLU A CB  1 
ATOM   649  C CG  . GLU A 1 82  ? 8.585   14.287  1.137   1.00 56.35  ? 81  GLU A CG  1 
ATOM   650  C CD  . GLU A 1 82  ? 8.980   13.189  2.127   1.00 58.04  ? 81  GLU A CD  1 
ATOM   651  O OE1 . GLU A 1 82  ? 8.234   12.971  3.121   1.00 53.28  ? 81  GLU A OE1 1 
ATOM   652  O OE2 . GLU A 1 82  ? 10.045  12.549  1.884   1.00 59.16  ? 81  GLU A OE2 1 
ATOM   653  N N   . LYS A 1 83  ? 10.274  15.606  -1.824  1.00 37.22  ? 82  LYS A N   1 
ATOM   654  C CA  . LYS A 1 83  ? 10.124  14.638  -2.897  1.00 36.67  ? 82  LYS A CA  1 
ATOM   655  C C   . LYS A 1 83  ? 10.363  13.228  -2.323  1.00 33.96  ? 82  LYS A C   1 
ATOM   656  O O   . LYS A 1 83  ? 11.321  13.017  -1.548  1.00 33.62  ? 82  LYS A O   1 
ATOM   657  C CB  . LYS A 1 83  ? 11.127  14.920  -4.007  1.00 42.68  ? 82  LYS A CB  1 
ATOM   658  C CG  . LYS A 1 83  ? 10.617  15.884  -5.076  1.00 50.00  ? 82  LYS A CG  1 
ATOM   659  C CD  . LYS A 1 83  ? 11.565  15.966  -6.283  1.00 53.59  ? 82  LYS A CD  1 
ATOM   660  C CE  . LYS A 1 83  ? 10.960  16.692  -7.488  1.00 54.03  ? 82  LYS A CE  1 
ATOM   661  N NZ  . LYS A 1 83  ? 10.923  18.178  -7.372  1.00 52.99  ? 82  LYS A NZ  1 
ATOM   662  N N   . PHE A 1 84  ? 9.486   12.268  -2.633  1.00 29.36  ? 83  PHE A N   1 
ATOM   663  C CA  . PHE A 1 84  ? 9.773   10.891  -2.237  1.00 24.77  ? 83  PHE A CA  1 
ATOM   664  C C   . PHE A 1 84  ? 10.897  10.316  -3.113  1.00 25.02  ? 83  PHE A C   1 
ATOM   665  O O   . PHE A 1 84  ? 10.890  10.492  -4.348  1.00 23.78  ? 83  PHE A O   1 
ATOM   666  C CB  . PHE A 1 84  ? 8.570   9.967   -2.413  1.00 24.90  ? 83  PHE A CB  1 
ATOM   667  C CG  . PHE A 1 84  ? 7.429   10.285  -1.519  1.00 24.85  ? 83  PHE A CG  1 
ATOM   668  C CD1 . PHE A 1 84  ? 7.557   10.125  -0.162  1.00 24.04  ? 83  PHE A CD1 1 
ATOM   669  C CD2 . PHE A 1 84  ? 6.205   10.741  -2.038  1.00 23.37  ? 83  PHE A CD2 1 
ATOM   670  C CE1 . PHE A 1 84  ? 6.476   10.417  0.679   1.00 24.47  ? 83  PHE A CE1 1 
ATOM   671  C CE2 . PHE A 1 84  ? 5.137   11.024  -1.208  1.00 23.32  ? 83  PHE A CE2 1 
ATOM   672  C CZ  . PHE A 1 84  ? 5.272   10.863  0.154   1.00 22.67  ? 83  PHE A CZ  1 
ATOM   673  N N   . ARG A 1 85  ? 11.818  9.581   -2.493  1.00 23.53  ? 84  ARG A N   1 
ATOM   674  C CA  . ARG A 1 85  ? 12.710  8.709   -3.251  1.00 25.65  ? 84  ARG A CA  1 
ATOM   675  C C   . ARG A 1 85  ? 11.897  7.965   -4.311  1.00 26.35  ? 84  ARG A C   1 
ATOM   676  O O   . ARG A 1 85  ? 10.854  7.370   -4.013  1.00 25.74  ? 84  ARG A O   1 
ATOM   677  C CB  . ARG A 1 85  ? 13.338  7.651   -2.357  1.00 27.10  ? 84  ARG A CB  1 
ATOM   678  C CG  . ARG A 1 85  ? 14.583  7.003   -2.955  1.00 29.29  ? 84  ARG A CG  1 
ATOM   679  C CD  . ARG A 1 85  ? 14.569  5.494   -3.003  1.00 30.21  ? 84  ARG A CD  1 
ATOM   680  N NE  . ARG A 1 85  ? 13.989  4.898   -1.804  1.00 31.53  ? 84  ARG A NE  1 
ATOM   681  C CZ  . ARG A 1 85  ? 14.326  3.709   -1.301  1.00 34.22  ? 84  ARG A CZ  1 
ATOM   682  N NH1 . ARG A 1 85  ? 15.315  2.976   -1.820  1.00 36.00  ? 84  ARG A NH1 1 
ATOM   683  N NH2 . ARG A 1 85  ? 13.688  3.262   -0.243  1.00 33.20  ? 84  ARG A NH2 1 
ATOM   684  N N   . ASP A 1 86  ? 12.384  7.944   -5.539  1.00 25.69  ? 85  ASP A N   1 
ATOM   685  C CA  . ASP A 1 86  ? 11.558  7.375   -6.601  1.00 25.13  ? 85  ASP A CA  1 
ATOM   686  C C   . ASP A 1 86  ? 11.764  5.881   -6.591  1.00 22.53  ? 85  ASP A C   1 
ATOM   687  O O   . ASP A 1 86  ? 12.842  5.453   -6.887  1.00 23.63  ? 85  ASP A O   1 
ATOM   688  C CB  . ASP A 1 86  ? 11.924  7.984   -7.978  1.00 22.26  ? 85  ASP A CB  1 
ATOM   689  C CG  . ASP A 1 86  ? 11.141  7.370   -9.118  1.00 24.62  ? 85  ASP A CG  1 
ATOM   690  O OD1 . ASP A 1 86  ? 10.439  6.308   -8.958  1.00 25.64  ? 85  ASP A OD1 1 
ATOM   691  O OD2 . ASP A 1 86  ? 11.256  7.934   -10.205 1.00 23.29  ? 85  ASP A OD2 1 
ATOM   692  N N   . ILE A 1 87  ? 10.729  5.103   -6.255  1.00 24.42  ? 86  ILE A N   1 
ATOM   693  C CA  . ILE A 1 87  ? 10.834  3.649   -6.178  1.00 23.59  ? 86  ILE A CA  1 
ATOM   694  C C   . ILE A 1 87  ? 9.992   2.965   -7.242  1.00 23.01  ? 86  ILE A C   1 
ATOM   695  O O   . ILE A 1 87  ? 9.710   1.763   -7.115  1.00 21.23  ? 86  ILE A O   1 
ATOM   696  C CB  . ILE A 1 87  ? 10.337  3.091   -4.812  1.00 26.10  ? 86  ILE A CB  1 
ATOM   697  C CG1 . ILE A 1 87  ? 8.821   3.354   -4.669  1.00 27.33  ? 86  ILE A CG1 1 
ATOM   698  C CG2 . ILE A 1 87  ? 11.200  3.630   -3.680  1.00 25.97  ? 86  ILE A CG2 1 
ATOM   699  C CD1 . ILE A 1 87  ? 8.242   3.062   -3.312  1.00 28.93  ? 86  ILE A CD1 1 
ATOM   700  N N   . THR A 1 88  ? 9.573   3.695   -8.269  1.00 22.05  ? 87  THR A N   1 
ATOM   701  C CA  . THR A 1 88  ? 8.795   3.100   -9.361  1.00 23.69  ? 87  THR A CA  1 
ATOM   702  C C   . THR A 1 88  ? 9.564   2.019   -10.127 1.00 26.09  ? 87  THR A C   1 
ATOM   703  O O   . THR A 1 88  ? 8.938   1.151   -10.714 1.00 23.91  ? 87  THR A O   1 
ATOM   704  C CB  . THR A 1 88  ? 8.321   4.154   -10.399 1.00 24.49  ? 87  THR A CB  1 
ATOM   705  O OG1 . THR A 1 88  ? 9.411   4.969   -10.774 1.00 22.45  ? 87  THR A OG1 1 
ATOM   706  C CG2 . THR A 1 88  ? 7.259   5.054   -9.829  1.00 24.82  ? 87  THR A CG2 1 
ATOM   707  N N   . LYS A 1 89  ? 10.907  2.040   -10.144 1.00 28.38  ? 88  LYS A N   1 
ATOM   708  C CA  . LYS A 1 89  ? 11.615  0.895   -10.757 1.00 28.85  ? 88  LYS A CA  1 
ATOM   709  C C   . LYS A 1 89  ? 11.479  -0.458  -9.980  1.00 29.55  ? 88  LYS A C   1 
ATOM   710  O O   . LYS A 1 89  ? 11.770  -1.531  -10.552 1.00 24.46  ? 88  LYS A O   1 
ATOM   711  C CB  . LYS A 1 89  ? 13.077  1.203   -10.934 1.00 29.32  ? 88  LYS A CB  1 
ATOM   712  C CG  . LYS A 1 89  ? 13.891  1.234   -9.659  1.00 32.57  ? 88  LYS A CG  1 
ATOM   713  C CD  . LYS A 1 89  ? 15.343  1.390   -10.109 1.00 37.45  ? 88  LYS A CD  1 
ATOM   714  C CE  . LYS A 1 89  ? 16.305  1.667   -8.972  1.00 36.97  ? 88  LYS A CE  1 
ATOM   715  N NZ  . LYS A 1 89  ? 16.158  3.075   -8.520  1.00 37.82  ? 88  LYS A NZ  1 
ATOM   716  N N   . PHE A 1 90  ? 11.121  -0.390  -8.688  1.00 27.87  ? 89  PHE A N   1 
ATOM   717  C CA  . PHE A 1 90  ? 10.870  -1.592  -7.888  1.00 29.30  ? 89  PHE A CA  1 
ATOM   718  C C   . PHE A 1 90  ? 9.437   -2.083  -8.059  1.00 29.68  ? 89  PHE A C   1 
ATOM   719  O O   . PHE A 1 90  ? 9.078   -3.119  -7.540  1.00 35.15  ? 89  PHE A O   1 
ATOM   720  C CB  . PHE A 1 90  ? 11.136  -1.354  -6.387  1.00 29.45  ? 89  PHE A CB  1 
ATOM   721  C CG  . PHE A 1 90  ? 12.513  -0.843  -6.074  1.00 30.45  ? 89  PHE A CG  1 
ATOM   722  C CD1 . PHE A 1 90  ? 13.639  -1.571  -6.444  1.00 28.54  ? 89  PHE A CD1 1 
ATOM   723  C CD2 . PHE A 1 90  ? 12.690  0.362   -5.404  1.00 34.89  ? 89  PHE A CD2 1 
ATOM   724  C CE1 . PHE A 1 90  ? 14.898  -1.120  -6.172  1.00 29.42  ? 89  PHE A CE1 1 
ATOM   725  C CE2 . PHE A 1 90  ? 13.962  0.841   -5.136  1.00 32.41  ? 89  PHE A CE2 1 
ATOM   726  C CZ  . PHE A 1 90  ? 15.073  0.091   -5.510  1.00 33.75  ? 89  PHE A CZ  1 
ATOM   727  N N   . ILE A 1 91  ? 8.615   -1.370  -8.801  1.00 32.78  ? 90  ILE A N   1 
ATOM   728  C CA  . ILE A 1 91  ? 7.253   -1.808  -9.019  1.00 33.30  ? 90  ILE A CA  1 
ATOM   729  C C   . ILE A 1 91  ? 7.138   -2.445  -10.398 1.00 37.89  ? 90  ILE A C   1 
ATOM   730  O O   . ILE A 1 91  ? 7.447   -1.816  -11.404 1.00 37.01  ? 90  ILE A O   1 
ATOM   731  C CB  . ILE A 1 91  ? 6.294   -0.628  -8.926  1.00 32.12  ? 90  ILE A CB  1 
ATOM   732  C CG1 . ILE A 1 91  ? 6.398   -0.011  -7.529  1.00 31.06  ? 90  ILE A CG1 1 
ATOM   733  C CG2 . ILE A 1 91  ? 4.867   -1.082  -9.224  1.00 32.34  ? 90  ILE A CG2 1 
ATOM   734  C CD1 . ILE A 1 91  ? 5.527   1.193   -7.325  1.00 30.81  ? 90  ILE A CD1 1 
ATOM   735  N N   . PRO A 1 92  ? 6.683   -3.706  -10.452 1.00 43.11  ? 91  PRO A N   1 
ATOM   736  C CA  . PRO A 1 92  ? 6.598   -4.426  -11.719 1.00 43.28  ? 91  PRO A CA  1 
ATOM   737  C C   . PRO A 1 92  ? 5.688   -3.777  -12.769 1.00 40.42  ? 91  PRO A C   1 
ATOM   738  O O   . PRO A 1 92  ? 4.727   -3.074  -12.425 1.00 38.44  ? 91  PRO A O   1 
ATOM   739  C CB  . PRO A 1 92  ? 6.021   -5.770  -11.303 1.00 44.31  ? 91  PRO A CB  1 
ATOM   740  C CG  . PRO A 1 92  ? 5.285   -5.479  -10.045 1.00 45.09  ? 91  PRO A CG  1 
ATOM   741  C CD  . PRO A 1 92  ? 6.190   -4.526  -9.338  1.00 41.84  ? 91  PRO A CD  1 
ATOM   742  N N   . GLU A 1 93  ? 5.985   -4.035  -14.036 1.00 37.63  ? 92  GLU A N   1 
ATOM   743  C CA  . GLU A 1 93  ? 5.189   -3.469  -15.108 1.00 42.67  ? 92  GLU A CA  1 
ATOM   744  C C   . GLU A 1 93  ? 3.755   -3.987  -15.064 1.00 45.65  ? 92  GLU A C   1 
ATOM   745  O O   . GLU A 1 93  ? 2.805   -3.266  -15.439 1.00 39.83  ? 92  GLU A O   1 
ATOM   746  C CB  . GLU A 1 93  ? 5.791   -3.804  -16.452 1.00 45.96  ? 92  GLU A CB  1 
ATOM   747  C CG  . GLU A 1 93  ? 7.221   -3.364  -16.626 1.00 49.69  ? 92  GLU A CG  1 
ATOM   748  C CD  . GLU A 1 93  ? 7.448   -2.756  -17.997 1.00 56.15  ? 92  GLU A CD  1 
ATOM   749  O OE1 . GLU A 1 93  ? 8.363   -3.241  -18.691 1.00 58.12  ? 92  GLU A OE1 1 
ATOM   750  O OE2 . GLU A 1 93  ? 6.696   -1.816  -18.380 1.00 51.85  ? 92  GLU A OE2 1 
ATOM   751  N N   . ASN A 1 94  ? 3.615   -5.232  -14.598 1.00 46.57  ? 93  ASN A N   1 
ATOM   752  C CA  . ASN A 1 94  ? 2.315   -5.858  -14.442 1.00 47.09  ? 93  ASN A CA  1 
ATOM   753  C C   . ASN A 1 94  ? 2.274   -6.484  -13.119 1.00 45.19  ? 93  ASN A C   1 
ATOM   754  O O   . ASN A 1 94  ? 3.319   -6.766  -12.552 1.00 40.80  ? 93  ASN A O   1 
ATOM   755  C CB  . ASN A 1 94  ? 2.101   -6.946  -15.476 1.00 52.13  ? 93  ASN A CB  1 
ATOM   756  C CG  . ASN A 1 94  ? 1.825   -6.378  -16.842 1.00 53.22  ? 93  ASN A CG  1 
ATOM   757  O OD1 . ASN A 1 94  ? 0.706   -6.006  -17.147 1.00 53.96  ? 93  ASN A OD1 1 
ATOM   758  N ND2 . ASN A 1 94  ? 2.850   -6.310  -17.673 1.00 57.29  ? 93  ASN A ND2 1 
ATOM   759  N N   . ILE A 1 95  ? 1.063   -6.711  -12.635 1.00 45.62  ? 94  ILE A N   1 
ATOM   760  C CA  . ILE A 1 95  ? 0.889   -7.244  -11.291 1.00 47.00  ? 94  ILE A CA  1 
ATOM   761  C C   . ILE A 1 95  ? 1.598   -8.586  -11.202 1.00 48.46  ? 94  ILE A C   1 
ATOM   762  O O   . ILE A 1 95  ? 1.431   -9.443  -12.075 1.00 50.97  ? 94  ILE A O   1 
ATOM   763  C CB  . ILE A 1 95  ? -0.610  -7.340  -10.888 1.00 45.61  ? 94  ILE A CB  1 
ATOM   764  C CG1 . ILE A 1 95  ? -1.171  -5.936  -10.655 1.00 45.02  ? 94  ILE A CG1 1 
ATOM   765  C CG2 . ILE A 1 95  ? -0.798  -8.155  -9.618  1.00 45.10  ? 94  ILE A CG2 1 
ATOM   766  C CD1 . ILE A 1 95  ? -2.609  -5.776  -11.085 1.00 47.02  ? 94  ILE A CD1 1 
ATOM   767  N N   . SER A 1 96  ? 2.397   -8.744  -10.148 1.00 46.81  ? 95  SER A N   1 
ATOM   768  C CA  . SER A 1 96  ? 3.241   -9.898  -9.993  1.00 46.89  ? 95  SER A CA  1 
ATOM   769  C C   . SER A 1 96  ? 3.063   -10.524 -8.639  1.00 53.32  ? 95  SER A C   1 
ATOM   770  O O   . SER A 1 96  ? 2.862   -9.833  -7.626  1.00 53.32  ? 95  SER A O   1 
ATOM   771  C CB  . SER A 1 96  ? 4.696   -9.506  -10.148 1.00 49.19  ? 95  SER A CB  1 
ATOM   772  O OG  . SER A 1 96  ? 4.808   -8.617  -11.242 1.00 50.56  ? 95  SER A OG  1 
ATOM   773  N N   . THR A 1 97  ? 3.198   -11.844 -8.645  1.00 45.74  ? 96  THR A N   1 
ATOM   774  C CA  . THR A 1 97  ? 2.986   -12.662 -7.504  1.00 43.78  ? 96  THR A CA  1 
ATOM   775  C C   . THR A 1 97  ? 4.385   -12.805 -7.016  1.00 40.08  ? 96  THR A C   1 
ATOM   776  O O   . THR A 1 97  ? 5.284   -12.247 -7.624  1.00 42.06  ? 96  THR A O   1 
ATOM   777  C CB  . THR A 1 97  ? 2.395   -14.011 -7.935  1.00 48.00  ? 96  THR A CB  1 
ATOM   778  O OG1 . THR A 1 97  ? 3.421   -14.816 -8.545  1.00 53.55  ? 96  THR A OG1 1 
ATOM   779  C CG2 . THR A 1 97  ? 1.245   -13.785 -8.936  1.00 45.77  ? 96  THR A CG2 1 
ATOM   780  N N   . ALA A 1 98  ? 4.590   -13.551 -5.943  1.00 36.31  ? 97  ALA A N   1 
ATOM   781  C CA  . ALA A 1 98  ? 5.914   -13.656 -5.329  1.00 36.35  ? 97  ALA A CA  1 
ATOM   782  C C   . ALA A 1 98  ? 5.907   -14.752 -4.274  1.00 36.48  ? 97  ALA A C   1 
ATOM   783  O O   . ALA A 1 98  ? 4.881   -15.293 -3.964  1.00 40.65  ? 97  ALA A O   1 
ATOM   784  C CB  . ALA A 1 98  ? 6.335   -12.317 -4.694  1.00 34.76  ? 97  ALA A CB  1 
ATOM   785  N N   . SER A 1 99  ? 7.065   -15.046 -3.705  1.00 38.26  ? 98  SER A N   1 
ATOM   786  C CA  . SER A 1 99  ? 7.202   -16.123 -2.757  1.00 40.25  ? 98  SER A CA  1 
ATOM   787  C C   . SER A 1 99  ? 7.872   -15.553 -1.510  1.00 41.39  ? 98  SER A C   1 
ATOM   788  O O   . SER A 1 99  ? 8.669   -14.606 -1.612  1.00 43.70  ? 98  SER A O   1 
ATOM   789  C CB  . SER A 1 99  ? 8.017   -17.284 -3.406  1.00 40.85  ? 98  SER A CB  1 
ATOM   790  O OG  . SER A 1 99  ? 7.342   -17.851 -4.554  1.00 38.48  ? 98  SER A OG  1 
ATOM   791  N N   . ASP A 1 100 ? 7.571   -16.108 -0.327  1.00 44.16  ? 99  ASP A N   1 
ATOM   792  C CA  . ASP A 1 100 ? 8.197   -15.618 0.920   1.00 42.62  ? 99  ASP A CA  1 
ATOM   793  C C   . ASP A 1 100 ? 8.154   -14.071 0.985   1.00 39.08  ? 99  ASP A C   1 
ATOM   794  O O   . ASP A 1 100 ? 9.154   -13.425 1.316   1.00 40.33  ? 99  ASP A O   1 
ATOM   795  C CB  . ASP A 1 100 ? 9.670   -16.058 0.997   1.00 48.80  ? 99  ASP A CB  1 
ATOM   796  C CG  . ASP A 1 100 ? 9.854   -17.484 1.467   1.00 50.51  ? 99  ASP A CG  1 
ATOM   797  O OD1 . ASP A 1 100 ? 9.038   -17.941 2.292   1.00 49.63  ? 99  ASP A OD1 1 
ATOM   798  O OD2 . ASP A 1 100 ? 10.835  -18.134 1.008   1.00 52.48  ? 99  ASP A OD2 1 
ATOM   799  N N   . ALA A 1 101 ? 7.007   -13.496 0.628   1.00 38.24  ? 100 ALA A N   1 
ATOM   800  C CA  . ALA A 1 101 ? 6.797   -12.045 0.690   1.00 37.17  ? 100 ALA A CA  1 
ATOM   801  C C   . ALA A 1 101 ? 6.753   -11.521 2.126   1.00 39.53  ? 100 ALA A C   1 
ATOM   802  O O   . ALA A 1 101 ? 6.608   -12.277 3.080   1.00 37.29  ? 100 ALA A O   1 
ATOM   803  C CB  . ALA A 1 101 ? 5.522   -11.660 -0.044  1.00 35.51  ? 100 ALA A CB  1 
ATOM   804  N N   . THR A 1 102 ? 6.928   -10.219 2.275   1.00 36.83  ? 101 THR A N   1 
ATOM   805  C CA  . THR A 1 102 ? 6.822   -9.591  3.564   1.00 38.10  ? 101 THR A CA  1 
ATOM   806  C C   . THR A 1 102 ? 5.909   -8.384  3.474   1.00 35.39  ? 101 THR A C   1 
ATOM   807  O O   . THR A 1 102 ? 5.955   -7.609  2.534   1.00 34.12  ? 101 THR A O   1 
ATOM   808  C CB  . THR A 1 102 ? 8.175   -9.105  4.090   1.00 39.76  ? 101 THR A CB  1 
ATOM   809  O OG1 . THR A 1 102 ? 9.078   -10.204 4.156   1.00 40.20  ? 101 THR A OG1 1 
ATOM   810  C CG2 . THR A 1 102 ? 8.018   -8.542  5.475   1.00 39.35  ? 101 THR A CG2 1 
ATOM   811  N N   . LEU A 1 103 ? 5.079   -8.244  4.484   1.00 35.88  ? 102 LEU A N   1 
ATOM   812  C CA  . LEU A 1 103 ? 4.178   -7.126  4.571   1.00 33.89  ? 102 LEU A CA  1 
ATOM   813  C C   . LEU A 1 103 ? 4.801   -6.153  5.542   1.00 32.36  ? 102 LEU A C   1 
ATOM   814  O O   . LEU A 1 103 ? 5.123   -6.508  6.704   1.00 26.66  ? 102 LEU A O   1 
ATOM   815  C CB  . LEU A 1 103 ? 2.827   -7.576  5.093   1.00 31.99  ? 102 LEU A CB  1 
ATOM   816  C CG  . LEU A 1 103 ? 1.742   -6.545  5.267   1.00 31.87  ? 102 LEU A CG  1 
ATOM   817  C CD1 . LEU A 1 103 ? 1.414   -5.899  3.955   1.00 30.30  ? 102 LEU A CD1 1 
ATOM   818  C CD2 . LEU A 1 103 ? 0.502   -7.215  5.848   1.00 33.88  ? 102 LEU A CD2 1 
ATOM   819  N N   . VAL A 1 104 ? 4.966   -4.927  5.055   1.00 30.24  ? 103 VAL A N   1 
ATOM   820  C CA  . VAL A 1 104 ? 5.602   -3.886  5.847   1.00 30.18  ? 103 VAL A CA  1 
ATOM   821  C C   . VAL A 1 104 ? 4.540   -2.850  6.221   1.00 27.20  ? 103 VAL A C   1 
ATOM   822  O O   . VAL A 1 104 ? 4.015   -2.118  5.373   1.00 24.67  ? 103 VAL A O   1 
ATOM   823  C CB  . VAL A 1 104 ? 6.788   -3.230  5.097   1.00 31.71  ? 103 VAL A CB  1 
ATOM   824  C CG1 . VAL A 1 104 ? 7.331   -2.057  5.901   1.00 33.17  ? 103 VAL A CG1 1 
ATOM   825  C CG2 . VAL A 1 104 ? 7.898   -4.247  4.822   1.00 31.65  ? 103 VAL A CG2 1 
ATOM   826  N N   . ILE A 1 105 ? 4.295   -2.754  7.518   1.00 25.65  ? 104 ILE A N   1 
ATOM   827  C CA  . ILE A 1 105 ? 3.306   -1.857  8.115   1.00 25.43  ? 104 ILE A CA  1 
ATOM   828  C C   . ILE A 1 105 ? 4.042   -0.735  8.865   1.00 24.54  ? 104 ILE A C   1 
ATOM   829  O O   . ILE A 1 105 ? 5.153   -0.942  9.393   1.00 26.12  ? 104 ILE A O   1 
ATOM   830  C CB  . ILE A 1 105 ? 2.389   -2.727  9.032   1.00 24.76  ? 104 ILE A CB  1 
ATOM   831  C CG1 . ILE A 1 105 ? 1.541   -3.620  8.125   1.00 22.66  ? 104 ILE A CG1 1 
ATOM   832  C CG2 . ILE A 1 105 ? 1.513   -1.895  10.000  1.00 23.68  ? 104 ILE A CG2 1 
ATOM   833  C CD1 . ILE A 1 105 ? 1.216   -4.953  8.728   1.00 25.61  ? 104 ILE A CD1 1 
ATOM   834  N N   . ASN A 1 106 ? 3.429   0.457   8.870   1.00 25.67  ? 105 ASN A N   1 
ATOM   835  C CA  . ASN A 1 106 ? 3.947   1.635   9.573   1.00 22.58  ? 105 ASN A CA  1 
ATOM   836  C C   . ASN A 1 106 ? 2.826   2.628   9.873   1.00 24.43  ? 105 ASN A C   1 
ATOM   837  O O   . ASN A 1 106 ? 2.449   3.518   9.030   1.00 24.10  ? 105 ASN A O   1 
ATOM   838  C CB  . ASN A 1 106 ? 5.097   2.275   8.791   1.00 21.90  ? 105 ASN A CB  1 
ATOM   839  C CG  . ASN A 1 106 ? 5.932   3.201   9.625   1.00 20.45  ? 105 ASN A CG  1 
ATOM   840  O OD1 . ASN A 1 106 ? 6.077   3.070   10.862  1.00 22.07  ? 105 ASN A OD1 1 
ATOM   841  N ND2 . ASN A 1 106 ? 6.503   4.183   8.947   1.00 23.16  ? 105 ASN A ND2 1 
ATOM   842  N N   . THR A 1 107 ? 2.255   2.445   11.071  1.00 24.85  ? 106 THR A N   1 
ATOM   843  C CA  . THR A 1 107 ? 1.265   3.346   11.656  1.00 25.11  ? 106 THR A CA  1 
ATOM   844  C C   . THR A 1 107 ? 1.729   3.679   13.057  1.00 25.62  ? 106 THR A C   1 
ATOM   845  O O   . THR A 1 107 ? 2.690   3.086   13.565  1.00 26.49  ? 106 THR A O   1 
ATOM   846  C CB  . THR A 1 107 ? -0.167  2.726   11.742  1.00 26.92  ? 106 THR A CB  1 
ATOM   847  O OG1 . THR A 1 107 ? -0.283  1.849   12.879  1.00 24.69  ? 106 THR A OG1 1 
ATOM   848  C CG2 . THR A 1 107 ? -0.564  2.020   10.438  1.00 25.69  ? 106 THR A CG2 1 
ATOM   849  N N   . GLU A 1 108 ? 1.029   4.601   13.688  1.00 26.25  ? 107 GLU A N   1 
ATOM   850  C CA  . GLU A 1 108 ? 1.329   4.972   15.073  1.00 29.44  ? 107 GLU A CA  1 
ATOM   851  C C   . GLU A 1 108 ? 1.088   3.778   16.007  1.00 25.90  ? 107 GLU A C   1 
ATOM   852  O O   . GLU A 1 108 ? 1.837   3.574   16.948  1.00 25.23  ? 107 GLU A O   1 
ATOM   853  C CB  . GLU A 1 108 ? 0.440   6.150   15.461  1.00 34.29  ? 107 GLU A CB  1 
ATOM   854  C CG  . GLU A 1 108 ? 0.753   6.800   16.795  1.00 38.14  ? 107 GLU A CG  1 
ATOM   855  C CD  . GLU A 1 108 ? -0.401  7.675   17.272  1.00 37.91  ? 107 GLU A CD  1 
ATOM   856  O OE1 . GLU A 1 108 ? -0.998  8.408   16.468  1.00 40.40  ? 107 GLU A OE1 1 
ATOM   857  O OE2 . GLU A 1 108 ? -0.740  7.596   18.450  1.00 41.84  ? 107 GLU A OE2 1 
ATOM   858  N N   . HIS A 1 109 ? 0.089   2.966   15.701  1.00 25.12  ? 108 HIS A N   1 
ATOM   859  C CA  . HIS A 1 109 ? -0.224  1.764   16.499  1.00 29.83  ? 108 HIS A CA  1 
ATOM   860  C C   . HIS A 1 109 ? 0.687   0.559   16.210  1.00 28.40  ? 108 HIS A C   1 
ATOM   861  O O   . HIS A 1 109 ? 1.122   -0.097  17.146  1.00 31.18  ? 108 HIS A O   1 
ATOM   862  C CB  . HIS A 1 109 ? -1.727  1.461   16.441  1.00 29.96  ? 108 HIS A CB  1 
ATOM   863  C CG  . HIS A 1 109 ? -2.549  2.589   16.983  1.00 32.34  ? 108 HIS A CG  1 
ATOM   864  N ND1 . HIS A 1 109 ? -3.808  2.910   16.513  1.00 35.54  ? 108 HIS A ND1 1 
ATOM   865  C CD2 . HIS A 1 109 ? -2.245  3.525   17.920  1.00 35.26  ? 108 HIS A CD2 1 
ATOM   866  C CE1 . HIS A 1 109 ? -4.267  3.960   17.179  1.00 35.35  ? 108 HIS A CE1 1 
ATOM   867  N NE2 . HIS A 1 109 ? -3.335  4.353   18.037  1.00 37.39  ? 108 HIS A NE2 1 
ATOM   868  N N   . MET A 1 110 ? 1.062   0.369   14.947  1.00 27.51  ? 109 MET A N   1 
ATOM   869  C CA  . MET A 1 110 ? 1.978   -0.679  14.496  1.00 26.43  ? 109 MET A CA  1 
ATOM   870  C C   . MET A 1 110 ? 3.133   -0.075  13.717  1.00 25.94  ? 109 MET A C   1 
ATOM   871  O O   . MET A 1 110 ? 3.134   -0.033  12.472  1.00 24.77  ? 109 MET A O   1 
ATOM   872  C CB  . MET A 1 110 ? 1.198   -1.668  13.637  1.00 28.25  ? 109 MET A CB  1 
ATOM   873  C CG  . MET A 1 110 ? 0.222   -2.519  14.492  1.00 29.70  ? 109 MET A CG  1 
ATOM   874  S SD  . MET A 1 110 ? -0.957  -3.582  13.618  1.00 30.26  ? 109 MET A SD  1 
ATOM   875  C CE  . MET A 1 110 ? -1.909  -2.399  12.722  1.00 31.13  ? 109 MET A CE  1 
ATOM   876  N N   . PRO A 1 111 ? 4.091   0.476   14.440  1.00 25.07  ? 110 PRO A N   1 
ATOM   877  C CA  . PRO A 1 111 ? 5.226   1.111   13.810  1.00 25.30  ? 110 PRO A CA  1 
ATOM   878  C C   . PRO A 1 111 ? 6.326   0.137   13.416  1.00 25.16  ? 110 PRO A C   1 
ATOM   879  O O   . PRO A 1 111 ? 6.648   -0.761  14.169  1.00 25.68  ? 110 PRO A O   1 
ATOM   880  C CB  . PRO A 1 111 ? 5.738   2.051   14.898  1.00 26.10  ? 110 PRO A CB  1 
ATOM   881  C CG  . PRO A 1 111 ? 5.394   1.334   16.150  1.00 25.36  ? 110 PRO A CG  1 
ATOM   882  C CD  . PRO A 1 111 ? 4.081   0.692   15.894  1.00 25.34  ? 110 PRO A CD  1 
ATOM   883  N N   . SER A 1 112 ? 6.911   0.364   12.241  1.00 26.55  ? 111 SER A N   1 
ATOM   884  C CA  . SER A 1 112 ? 7.995   -0.461  11.681  1.00 25.56  ? 111 SER A CA  1 
ATOM   885  C C   . SER A 1 112 ? 7.794   -1.964  11.889  1.00 24.90  ? 111 SER A C   1 
ATOM   886  O O   . SER A 1 112 ? 8.672   -2.667  12.394  1.00 24.82  ? 111 SER A O   1 
ATOM   887  C CB  . SER A 1 112 ? 9.316   0.035   12.241  1.00 25.71  ? 111 SER A CB  1 
ATOM   888  O OG  . SER A 1 112 ? 9.277   1.456   12.284  1.00 24.03  ? 111 SER A OG  1 
ATOM   889  N N   . MET A 1 113 ? 6.637   -2.435  11.427  1.00 25.72  ? 112 MET A N   1 
ATOM   890  C CA  . MET A 1 113 ? 6.138   -3.771  11.719  1.00 25.17  ? 112 MET A CA  1 
ATOM   891  C C   . MET A 1 113 ? 6.296   -4.665  10.508  1.00 27.11  ? 112 MET A C   1 
ATOM   892  O O   . MET A 1 113 ? 5.813   -4.368  9.425   1.00 24.43  ? 112 MET A O   1 
ATOM   893  C CB  . MET A 1 113 ? 4.679   -3.711  12.167  1.00 23.52  ? 112 MET A CB  1 
ATOM   894  C CG  . MET A 1 113 ? 4.115   -5.070  12.573  1.00 24.03  ? 112 MET A CG  1 
ATOM   895  S SD  . MET A 1 113 ? 2.352   -5.047  12.872  1.00 25.26  ? 112 MET A SD  1 
ATOM   896  C CE  . MET A 1 113 ? 2.029   -6.731  13.376  1.00 25.71  ? 112 MET A CE  1 
ATOM   897  N N   . PHE A 1 114 ? 6.983   -5.785  10.715  1.00 30.46  ? 113 PHE A N   1 
ATOM   898  C CA  . PHE A 1 114 ? 7.229   -6.734  9.646   1.00 33.39  ? 113 PHE A CA  1 
ATOM   899  C C   . PHE A 1 114 ? 6.425   -8.025  9.845   1.00 30.53  ? 113 PHE A C   1 
ATOM   900  O O   . PHE A 1 114 ? 6.466   -8.671  10.912  1.00 27.67  ? 113 PHE A O   1 
ATOM   901  C CB  . PHE A 1 114 ? 8.733   -7.015  9.509   1.00 38.32  ? 113 PHE A CB  1 
ATOM   902  C CG  . PHE A 1 114 ? 9.510   -5.868  8.910   1.00 44.26  ? 113 PHE A CG  1 
ATOM   903  C CD1 . PHE A 1 114 ? 8.867   -4.771  8.263   1.00 51.61  ? 113 PHE A CD1 1 
ATOM   904  C CD2 . PHE A 1 114 ? 10.871  -5.878  8.953   1.00 42.76  ? 113 PHE A CD2 1 
ATOM   905  C CE1 . PHE A 1 114 ? 9.604   -3.719  7.726   1.00 47.58  ? 113 PHE A CE1 1 
ATOM   906  C CE2 . PHE A 1 114 ? 11.613  -4.848  8.397   1.00 46.82  ? 113 PHE A CE2 1 
ATOM   907  C CZ  . PHE A 1 114 ? 10.978  -3.767  7.792   1.00 48.89  ? 113 PHE A CZ  1 
ATOM   908  N N   . VAL A 1 115 ? 5.704   -8.385  8.798   1.00 24.93  ? 114 VAL A N   1 
ATOM   909  C CA  . VAL A 1 115 ? 4.804   -9.517  8.872   1.00 28.46  ? 114 VAL A CA  1 
ATOM   910  C C   . VAL A 1 115 ? 5.107   -10.471 7.712   1.00 29.44  ? 114 VAL A C   1 
ATOM   911  O O   . VAL A 1 115 ? 4.945   -10.119 6.526   1.00 28.95  ? 114 VAL A O   1 
ATOM   912  C CB  . VAL A 1 115 ? 3.320   -9.066  8.865   1.00 26.16  ? 114 VAL A CB  1 
ATOM   913  C CG1 . VAL A 1 115 ? 2.412   -10.250 8.980   1.00 27.37  ? 114 VAL A CG1 1 
ATOM   914  C CG2 . VAL A 1 115 ? 3.040   -8.106  10.027  1.00 24.84  ? 114 VAL A CG2 1 
ATOM   915  N N   . PRO A 1 116 ? 5.531   -11.696 8.050   1.00 34.62  ? 115 PRO A N   1 
ATOM   916  C CA  . PRO A 1 116 ? 5.920   -12.687 7.056   1.00 36.79  ? 115 PRO A CA  1 
ATOM   917  C C   . PRO A 1 116 ? 4.704   -13.384 6.460   1.00 35.75  ? 115 PRO A C   1 
ATOM   918  O O   . PRO A 1 116 ? 4.347   -14.490 6.905   1.00 43.96  ? 115 PRO A O   1 
ATOM   919  C CB  . PRO A 1 116 ? 6.696   -13.675 7.909   1.00 34.92  ? 115 PRO A CB  1 
ATOM   920  C CG  . PRO A 1 116 ? 5.857   -13.747 9.128   1.00 36.85  ? 115 PRO A CG  1 
ATOM   921  C CD  . PRO A 1 116 ? 5.356   -12.340 9.366   1.00 36.21  ? 115 PRO A CD  1 
ATOM   922  N N   . VAL A 1 117 ? 4.057   -12.769 5.487   1.00 34.61  ? 116 VAL A N   1 
ATOM   923  C CA  . VAL A 1 117 ? 2.763   -13.314 4.963   1.00 37.36  ? 116 VAL A CA  1 
ATOM   924  C C   . VAL A 1 117 ? 2.957   -14.518 4.045   1.00 42.39  ? 116 VAL A C   1 
ATOM   925  O O   . VAL A 1 117 ? 1.976   -15.095 3.533   1.00 37.64  ? 116 VAL A O   1 
ATOM   926  C CB  . VAL A 1 117 ? 1.916   -12.274 4.173   1.00 36.50  ? 116 VAL A CB  1 
ATOM   927  C CG1 . VAL A 1 117 ? 1.434   -11.155 5.089   1.00 40.66  ? 116 VAL A CG1 1 
ATOM   928  C CG2 . VAL A 1 117 ? 2.658   -11.737 2.962   1.00 37.87  ? 116 VAL A CG2 1 
ATOM   929  N N   . GLY A 1 118 ? 4.230   -14.822 3.781   1.00 45.77  ? 117 GLY A N   1 
ATOM   930  C CA  . GLY A 1 118 ? 4.600   -15.904 2.905   1.00 51.67  ? 117 GLY A CA  1 
ATOM   931  C C   . GLY A 1 118 ? 4.291   -15.647 1.451   1.00 53.58  ? 117 GLY A C   1 
ATOM   932  O O   . GLY A 1 118 ? 4.152   -14.498 1.018   1.00 51.48  ? 117 GLY A O   1 
ATOM   933  N N   . ASP A 1 119 ? 4.208   -16.753 0.708   1.00 55.34  ? 118 ASP A N   1 
ATOM   934  C CA  . ASP A 1 119 ? 4.044   -16.736 -0.730  1.00 48.96  ? 118 ASP A CA  1 
ATOM   935  C C   . ASP A 1 119 ? 2.815   -15.926 -1.004  1.00 44.12  ? 118 ASP A C   1 
ATOM   936  O O   . ASP A 1 119 ? 1.867   -15.971 -0.246  1.00 47.28  ? 118 ASP A O   1 
ATOM   937  C CB  . ASP A 1 119 ? 3.802   -18.149 -1.275  1.00 52.70  ? 118 ASP A CB  1 
ATOM   938  C CG  . ASP A 1 119 ? 5.065   -18.951 -1.500  1.00 51.48  ? 118 ASP A CG  1 
ATOM   939  O OD1 . ASP A 1 119 ? 6.158   -18.703 -0.910  1.00 50.27  ? 118 ASP A OD1 1 
ATOM   940  O OD2 . ASP A 1 119 ? 4.917   -19.895 -2.295  1.00 52.60  ? 118 ASP A OD2 1 
ATOM   941  N N   . VAL A 1 120 ? 2.834   -15.199 -2.104  1.00 43.16  ? 119 VAL A N   1 
ATOM   942  C CA  . VAL A 1 120 ? 1.740   -14.329 -2.509  1.00 40.97  ? 119 VAL A CA  1 
ATOM   943  C C   . VAL A 1 120 ? 1.318   -14.833 -3.836  1.00 41.27  ? 119 VAL A C   1 
ATOM   944  O O   . VAL A 1 120 ? 2.163   -15.034 -4.702  1.00 44.51  ? 119 VAL A O   1 
ATOM   945  C CB  . VAL A 1 120 ? 2.237   -12.879 -2.697  1.00 39.70  ? 119 VAL A CB  1 
ATOM   946  C CG1 . VAL A 1 120 ? 1.202   -11.994 -3.388  1.00 37.37  ? 119 VAL A CG1 1 
ATOM   947  C CG2 . VAL A 1 120 ? 2.666   -12.339 -1.353  1.00 39.25  ? 119 VAL A CG2 1 
ATOM   948  N N   . VAL A 1 121 ? 0.024   -15.019 -4.029  1.00 43.65  ? 120 VAL A N   1 
ATOM   949  C CA  . VAL A 1 121 ? -0.435  -15.677 -5.229  1.00 46.20  ? 120 VAL A CA  1 
ATOM   950  C C   . VAL A 1 121 ? -1.477  -14.821 -5.820  1.00 46.34  ? 120 VAL A C   1 
ATOM   951  O O   . VAL A 1 121 ? -1.993  -13.946 -5.137  1.00 49.58  ? 120 VAL A O   1 
ATOM   952  C CB  . VAL A 1 121 ? -0.994  -17.070 -4.925  1.00 47.04  ? 120 VAL A CB  1 
ATOM   953  C CG1 . VAL A 1 121 ? 0.126   -17.993 -4.412  1.00 48.28  ? 120 VAL A CG1 1 
ATOM   954  C CG2 . VAL A 1 121 ? -2.127  -16.976 -3.910  1.00 47.91  ? 120 VAL A CG2 1 
ATOM   955  N N   . GLN A 1 122 ? -1.796  -15.083 -7.084  1.00 53.20  ? 121 GLN A N   1 
ATOM   956  C CA  . GLN A 1 122 ? -2.803  -14.314 -7.782  1.00 53.14  ? 121 GLN A CA  1 
ATOM   957  C C   . GLN A 1 122 ? -4.062  -14.624 -7.056  1.00 54.33  ? 121 GLN A C   1 
ATOM   958  O O   . GLN A 1 122 ? -4.131  -15.646 -6.384  1.00 54.57  ? 121 GLN A O   1 
ATOM   959  C CB  . GLN A 1 122 ? -2.911  -14.725 -9.248  1.00 55.87  ? 121 GLN A CB  1 
ATOM   960  C CG  . GLN A 1 122 ? -3.557  -13.669 -10.130 1.00 56.16  ? 121 GLN A CG  1 
ATOM   961  C CD  . GLN A 1 122 ? -3.107  -12.243 -9.763  1.00 60.69  ? 121 GLN A CD  1 
ATOM   962  O OE1 . GLN A 1 122 ? -1.909  -11.873 -9.915  1.00 49.41  ? 121 GLN A OE1 1 
ATOM   963  N NE2 . GLN A 1 122 ? -4.073  -11.425 -9.273  1.00 54.59  ? 121 GLN A NE2 1 
ATOM   964  N N   . TYR A 1 123 ? -5.039  -13.740 -7.133  1.00 60.10  ? 122 TYR A N   1 
ATOM   965  C CA  . TYR A 1 123 ? -6.306  -13.989 -6.457  1.00 64.85  ? 122 TYR A CA  1 
ATOM   966  C C   . TYR A 1 123 ? -7.495  -13.539 -7.284  1.00 62.58  ? 122 TYR A C   1 
ATOM   967  O O   . TYR A 1 123 ? -8.444  -14.313 -7.466  1.00 73.72  ? 122 TYR A O   1 
ATOM   968  C CB  . TYR A 1 123 ? -6.364  -13.390 -5.032  1.00 65.36  ? 122 TYR A CB  1 
ATOM   969  C CG  . TYR A 1 123 ? -7.454  -14.049 -4.196  1.00 68.12  ? 122 TYR A CG  1 
ATOM   970  C CD1 . TYR A 1 123 ? -8.797  -13.652 -4.319  1.00 63.74  ? 122 TYR A CD1 1 
ATOM   971  C CD2 . TYR A 1 123 ? -7.153  -15.116 -3.324  1.00 65.92  ? 122 TYR A CD2 1 
ATOM   972  C CE1 . TYR A 1 123 ? -9.792  -14.278 -3.582  1.00 60.90  ? 122 TYR A CE1 1 
ATOM   973  C CE2 . TYR A 1 123 ? -8.143  -15.751 -2.586  1.00 61.10  ? 122 TYR A CE2 1 
ATOM   974  C CZ  . TYR A 1 123 ? -9.455  -15.322 -2.710  1.00 61.17  ? 122 TYR A CZ  1 
ATOM   975  O OH  . TYR A 1 123 ? -10.428 -15.944 -1.968  1.00 56.33  ? 122 TYR A OH  1 
ATOM   976  N N   . GLY A 1 124 ? -7.470  -12.315 -7.789  1.00 58.23  ? 123 GLY A N   1 
ATOM   977  C CA  . GLY A 1 124 ? -8.561  -11.827 -8.664  1.00 58.42  ? 123 GLY A CA  1 
ATOM   978  C C   . GLY A 1 124 ? -9.628  -11.048 -7.904  1.00 64.95  ? 123 GLY A C   1 
ATOM   979  O O   . GLY A 1 124 ? -9.286  -10.160 -7.126  1.00 67.12  ? 123 GLY A O   1 
ATOM   980  N N   . PHE A 1 125 ? -10.910 -11.374 -8.125  1.00 65.82  ? 124 PHE A N   1 
ATOM   981  C CA  . PHE A 1 125 ? -12.042 -10.650 -7.488  1.00 64.51  ? 124 PHE A CA  1 
ATOM   982  C C   . PHE A 1 125 ? -12.080 -10.895 -5.957  1.00 63.82  ? 124 PHE A C   1 
ATOM   983  O O   . PHE A 1 125 ? -11.742 -11.993 -5.478  1.00 58.66  ? 124 PHE A O   1 
ATOM   984  C CB  . PHE A 1 125 ? -13.363 -11.003 -8.197  1.00 63.01  ? 124 PHE A CB  1 
ATOM   985  C CG  . PHE A 1 125 ? -14.578 -11.041 -7.300  1.00 66.28  ? 124 PHE A CG  1 
ATOM   986  C CD1 . PHE A 1 125 ? -14.688 -11.984 -6.252  1.00 68.72  ? 124 PHE A CD1 1 
ATOM   987  C CD2 . PHE A 1 125 ? -15.663 -10.184 -7.534  1.00 69.05  ? 124 PHE A CD2 1 
ATOM   988  C CE1 . PHE A 1 125 ? -15.817 -12.033 -5.437  1.00 66.80  ? 124 PHE A CE1 1 
ATOM   989  C CE2 . PHE A 1 125 ? -16.804 -10.244 -6.728  1.00 70.15  ? 124 PHE A CE2 1 
ATOM   990  C CZ  . PHE A 1 125 ? -16.881 -11.174 -5.686  1.00 67.81  ? 124 PHE A CZ  1 
ATOM   991  N N   . LEU A 1 126 ? -12.433 -9.848  -5.200  1.00 66.02  ? 125 LEU A N   1 
ATOM   992  C CA  . LEU A 1 126 ? -12.530 -9.924  -3.743  1.00 61.81  ? 125 LEU A CA  1 
ATOM   993  C C   . LEU A 1 126 ? -13.750 -9.117  -3.320  1.00 68.09  ? 125 LEU A C   1 
ATOM   994  O O   . LEU A 1 126 ? -14.123 -8.127  -3.974  1.00 67.90  ? 125 LEU A O   1 
ATOM   995  C CB  . LEU A 1 126 ? -11.241 -9.414  -3.074  1.00 60.20  ? 125 LEU A CB  1 
ATOM   996  C CG  . LEU A 1 126 ? -10.960 -9.825  -1.617  1.00 61.69  ? 125 LEU A CG  1 
ATOM   997  C CD1 . LEU A 1 126 ? -10.998 -11.332 -1.433  1.00 65.63  ? 125 LEU A CD1 1 
ATOM   998  C CD2 . LEU A 1 126 ? -9.629  -9.304  -1.082  1.00 59.75  ? 125 LEU A CD2 1 
ATOM   999  N N   . ASN A 1 127 ? -14.416 -9.597  -2.274  1.00 71.80  ? 126 ASN A N   1 
ATOM   1000 C CA  . ASN A 1 127 ? -15.512 -8.870  -1.661  1.00 78.48  ? 126 ASN A CA  1 
ATOM   1001 C C   . ASN A 1 127 ? -15.112 -8.352  -0.327  1.00 82.33  ? 126 ASN A C   1 
ATOM   1002 O O   . ASN A 1 127 ? -14.939 -9.104  0.638   1.00 77.62  ? 126 ASN A O   1 
ATOM   1003 C CB  . ASN A 1 127 ? -16.728 -9.746  -1.478  1.00 82.83  ? 126 ASN A CB  1 
ATOM   1004 C CG  . ASN A 1 127 ? -17.717 -9.569  -2.589  1.00 94.49  ? 126 ASN A CG  1 
ATOM   1005 O OD1 . ASN A 1 127 ? -17.768 -8.505  -3.221  1.00 85.97  ? 126 ASN A OD1 1 
ATOM   1006 N ND2 . ASN A 1 127 ? -18.511 -10.609 -2.851  1.00 104.13 ? 126 ASN A ND2 1 
ATOM   1007 N N   . LEU A 1 128 ? -14.958 -7.052  -0.266  1.00 86.20  ? 127 LEU A N   1 
ATOM   1008 C CA  . LEU A 1 128 ? -14.666 -6.448  0.989   1.00 86.37  ? 127 LEU A CA  1 
ATOM   1009 C C   . LEU A 1 128 ? -15.827 -5.545  1.312   1.00 85.40  ? 127 LEU A C   1 
ATOM   1010 O O   . LEU A 1 128 ? -16.183 -4.673  0.513   1.00 78.12  ? 127 LEU A O   1 
ATOM   1011 C CB  . LEU A 1 128 ? -13.339 -5.728  0.878   1.00 84.30  ? 127 LEU A CB  1 
ATOM   1012 C CG  . LEU A 1 128 ? -12.245 -6.730  0.502   1.00 78.50  ? 127 LEU A CG  1 
ATOM   1013 C CD1 . LEU A 1 128 ? -10.940 -6.001  0.267   1.00 77.79  ? 127 LEU A CD1 1 
ATOM   1014 C CD2 . LEU A 1 128 ? -12.067 -7.798  1.572   1.00 76.95  ? 127 LEU A CD2 1 
ATOM   1015 N N   . SER A 1 129 ? -16.478 -5.827  2.440   1.00 87.38  ? 128 SER A N   1 
ATOM   1016 C CA  . SER A 1 129 ? -17.535 -4.965  2.952   1.00 86.44  ? 128 SER A CA  1 
ATOM   1017 C C   . SER A 1 129 ? -18.562 -4.671  1.850   1.00 88.41  ? 128 SER A C   1 
ATOM   1018 O O   . SER A 1 129 ? -18.978 -3.525  1.640   1.00 87.00  ? 128 SER A O   1 
ATOM   1019 C CB  . SER A 1 129 ? -16.909 -3.681  3.510   1.00 77.66  ? 128 SER A CB  1 
ATOM   1020 O OG  . SER A 1 129 ? -15.800 -4.016  4.329   1.00 63.71  ? 128 SER A OG  1 
ATOM   1021 N N   . GLY A 1 130 ? -18.946 -5.718  1.123   1.00 82.74  ? 129 GLY A N   1 
ATOM   1022 C CA  . GLY A 1 130 ? -19.879 -5.544  0.030   1.00 81.25  ? 129 GLY A CA  1 
ATOM   1023 C C   . GLY A 1 130 ? -19.373 -4.456  -0.891  1.00 78.71  ? 129 GLY A C   1 
ATOM   1024 O O   . GLY A 1 130 ? -20.134 -3.626  -1.389  1.00 70.55  ? 129 GLY A O   1 
ATOM   1025 N N   . LYS A 1 131 ? -18.057 -4.428  -1.065  1.00 81.28  ? 130 LYS A N   1 
ATOM   1026 C CA  . LYS A 1 131 ? -17.477 -3.774  -2.217  1.00 74.55  ? 130 LYS A CA  1 
ATOM   1027 C C   . LYS A 1 131 ? -16.528 -4.740  -2.947  1.00 71.41  ? 130 LYS A C   1 
ATOM   1028 O O   . LYS A 1 131 ? -15.715 -5.468  -2.322  1.00 58.42  ? 130 LYS A O   1 
ATOM   1029 C CB  . LYS A 1 131 ? -16.791 -2.453  -1.894  1.00 73.64  ? 130 LYS A CB  1 
ATOM   1030 C CG  . LYS A 1 131 ? -17.219 -1.360  -2.856  1.00 72.79  ? 130 LYS A CG  1 
ATOM   1031 C CD  . LYS A 1 131 ? -16.120 -0.347  -3.096  1.00 72.99  ? 130 LYS A CD  1 
ATOM   1032 C CE  . LYS A 1 131 ? -16.543 0.668   -4.139  1.00 73.62  ? 130 LYS A CE  1 
ATOM   1033 N NZ  . LYS A 1 131 ? -17.661 1.498   -3.632  1.00 71.77  ? 130 LYS A NZ  1 
ATOM   1034 N N   . PRO A 1 132 ? -16.687 -4.786  -4.277  1.00 74.89  ? 131 PRO A N   1 
ATOM   1035 C CA  . PRO A 1 132 ? -15.975 -5.731  -5.085  1.00 79.07  ? 131 PRO A CA  1 
ATOM   1036 C C   . PRO A 1 132 ? -14.820 -5.010  -5.752  1.00 85.27  ? 131 PRO A C   1 
ATOM   1037 O O   . PRO A 1 132 ? -14.964 -3.870  -6.245  1.00 77.71  ? 131 PRO A O   1 
ATOM   1038 C CB  . PRO A 1 132 ? -17.030 -6.146  -6.103  1.00 75.65  ? 131 PRO A CB  1 
ATOM   1039 C CG  . PRO A 1 132 ? -17.793 -4.878  -6.353  1.00 72.47  ? 131 PRO A CG  1 
ATOM   1040 C CD  . PRO A 1 132 ? -17.703 -4.071  -5.081  1.00 73.41  ? 131 PRO A CD  1 
ATOM   1041 N N   . THR A 1 133 ? -13.675 -5.669  -5.763  1.00 82.11  ? 132 THR A N   1 
ATOM   1042 C CA  . THR A 1 133 ? -12.465 -5.007  -6.172  1.00 76.34  ? 132 THR A CA  1 
ATOM   1043 C C   . THR A 1 133 ? -11.619 -5.927  -7.045  1.00 69.63  ? 132 THR A C   1 
ATOM   1044 O O   . THR A 1 133 ? -11.320 -7.055  -6.660  1.00 67.08  ? 132 THR A O   1 
ATOM   1045 C CB  . THR A 1 133 ? -11.690 -4.608  -4.915  1.00 73.92  ? 132 THR A CB  1 
ATOM   1046 O OG1 . THR A 1 133 ? -11.212 -5.787  -4.274  1.00 71.79  ? 132 THR A OG1 1 
ATOM   1047 C CG2 . THR A 1 133 ? -12.614 -3.911  -3.935  1.00 70.69  ? 132 THR A CG2 1 
ATOM   1048 N N   . HIS A 1 134 ? -11.209 -5.443  -8.211  1.00 64.43  ? 133 HIS A N   1 
ATOM   1049 C CA  . HIS A 1 134 ? -10.360 -6.267  -9.092  1.00 62.94  ? 133 HIS A CA  1 
ATOM   1050 C C   . HIS A 1 134 ? -8.884  -6.156  -8.846  1.00 58.19  ? 133 HIS A C   1 
ATOM   1051 O O   . HIS A 1 134 ? -8.432  -5.359  -8.005  1.00 42.41  ? 133 HIS A O   1 
ATOM   1052 C CB  . HIS A 1 134 ? -10.644 -5.978  -10.558 1.00 62.02  ? 133 HIS A CB  1 
ATOM   1053 C CG  . HIS A 1 134 ? -11.846 -6.693  -11.052 1.00 63.91  ? 133 HIS A CG  1 
ATOM   1054 N ND1 . HIS A 1 134 ? -12.218 -6.695  -12.372 1.00 64.76  ? 133 HIS A ND1 1 
ATOM   1055 C CD2 . HIS A 1 134 ? -12.763 -7.448  -10.394 1.00 68.03  ? 133 HIS A CD2 1 
ATOM   1056 C CE1 . HIS A 1 134 ? -13.336 -7.388  -12.503 1.00 69.81  ? 133 HIS A CE1 1 
ATOM   1057 N NE2 . HIS A 1 134 ? -13.689 -7.855  -11.317 1.00 66.27  ? 133 HIS A NE2 1 
ATOM   1058 N N   . ARG A 1 135 ? -8.170  -7.013  -9.584  1.00 53.51  ? 134 ARG A N   1 
ATOM   1059 C CA  . ARG A 1 135 ? -6.727  -6.999  -9.686  1.00 49.79  ? 134 ARG A CA  1 
ATOM   1060 C C   . ARG A 1 135 ? -6.054  -7.193  -8.350  1.00 50.36  ? 134 ARG A C   1 
ATOM   1061 O O   . ARG A 1 135 ? -5.125  -6.469  -7.975  1.00 48.81  ? 134 ARG A O   1 
ATOM   1062 C CB  . ARG A 1 135 ? -6.259  -5.710  -10.331 1.00 47.67  ? 134 ARG A CB  1 
ATOM   1063 C CG  . ARG A 1 135 ? -6.613  -5.586  -11.793 1.00 44.63  ? 134 ARG A CG  1 
ATOM   1064 C CD  . ARG A 1 135 ? -5.969  -4.328  -12.340 1.00 41.11  ? 134 ARG A CD  1 
ATOM   1065 N NE  . ARG A 1 135 ? -6.575  -3.817  -13.567 1.00 40.67  ? 134 ARG A NE  1 
ATOM   1066 C CZ  . ARG A 1 135 ? -6.160  -2.710  -14.191 1.00 47.56  ? 134 ARG A CZ  1 
ATOM   1067 N NH1 . ARG A 1 135 ? -5.144  -2.020  -13.689 1.00 47.75  ? 134 ARG A NH1 1 
ATOM   1068 N NH2 . ARG A 1 135 ? -6.756  -2.273  -15.313 1.00 46.59  ? 134 ARG A NH2 1 
ATOM   1069 N N   . THR A 1 136 ? -6.484  -8.256  -7.700  1.00 47.44  ? 135 THR A N   1 
ATOM   1070 C CA  . THR A 1 136 ? -6.319  -8.457  -6.282  1.00 44.23  ? 135 THR A CA  1 
ATOM   1071 C C   . THR A 1 136 ? -5.377  -9.644  -6.086  1.00 40.92  ? 135 THR A C   1 
ATOM   1072 O O   . THR A 1 136 ? -5.315  -10.499 -6.952  1.00 41.67  ? 135 THR A O   1 
ATOM   1073 C CB  . THR A 1 136 ? -7.750  -8.668  -5.686  1.00 45.18  ? 135 THR A CB  1 
ATOM   1074 O OG1 . THR A 1 136 ? -8.174  -7.484  -4.988  1.00 44.06  ? 135 THR A OG1 1 
ATOM   1075 C CG2 . THR A 1 136 ? -7.868  -9.945  -4.794  1.00 43.42  ? 135 THR A CG2 1 
ATOM   1076 N N   . MET A 1 137 ? -4.635  -9.693  -4.985  1.00 36.31  ? 136 MET A N   1 
ATOM   1077 C CA  . MET A 1 137 ? -3.779  -10.861 -4.692  1.00 41.25  ? 136 MET A CA  1 
ATOM   1078 C C   . MET A 1 137 ? -4.000  -11.356 -3.263  1.00 39.08  ? 136 MET A C   1 
ATOM   1079 O O   . MET A 1 137 ? -4.576  -10.624 -2.470  1.00 36.34  ? 136 MET A O   1 
ATOM   1080 C CB  . MET A 1 137 ? -2.296  -10.546 -4.968  1.00 44.44  ? 136 MET A CB  1 
ATOM   1081 C CG  . MET A 1 137 ? -1.945  -10.576 -6.465  1.00 49.32  ? 136 MET A CG  1 
ATOM   1082 S SD  . MET A 1 137 ? -0.185  -10.300 -6.861  1.00 51.53  ? 136 MET A SD  1 
ATOM   1083 C CE  . MET A 1 137 ? 0.039   -8.730  -5.999  1.00 46.62  ? 136 MET A CE  1 
ATOM   1084 N N   . MET A 1 138 ? -3.551  -12.583 -2.952  1.00 40.26  ? 137 MET A N   1 
ATOM   1085 C CA  . MET A 1 138 ? -3.826  -13.256 -1.661  1.00 39.00  ? 137 MET A CA  1 
ATOM   1086 C C   . MET A 1 138 ? -2.566  -13.848 -1.079  1.00 39.13  ? 137 MET A C   1 
ATOM   1087 O O   . MET A 1 138 ? -1.684  -14.303 -1.800  1.00 39.71  ? 137 MET A O   1 
ATOM   1088 C CB  . MET A 1 138 ? -4.870  -14.376 -1.838  1.00 42.37  ? 137 MET A CB  1 
ATOM   1089 C CG  . MET A 1 138 ? -5.164  -15.331 -0.658  1.00 40.88  ? 137 MET A CG  1 
ATOM   1090 S SD  . MET A 1 138 ? -3.932  -16.430 0.132   1.00 48.01  ? 137 MET A SD  1 
ATOM   1091 C CE  . MET A 1 138 ? -4.041  -17.905 -0.900  1.00 43.59  ? 137 MET A CE  1 
ATOM   1092 N N   . TYR A 1 139 ? -2.501  -13.827 0.244   1.00 40.41  ? 138 TYR A N   1 
ATOM   1093 C CA  . TYR A 1 139 ? -1.480  -14.497 1.046   1.00 45.38  ? 138 TYR A CA  1 
ATOM   1094 C C   . TYR A 1 139 ? -2.239  -15.240 2.153   1.00 50.39  ? 138 TYR A C   1 
ATOM   1095 O O   . TYR A 1 139 ? -3.246  -14.737 2.679   1.00 52.45  ? 138 TYR A O   1 
ATOM   1096 C CB  . TYR A 1 139 ? -0.485  -13.510 1.672   1.00 46.71  ? 138 TYR A CB  1 
ATOM   1097 C CG  . TYR A 1 139 ? -0.887  -12.038 1.614   1.00 48.60  ? 138 TYR A CG  1 
ATOM   1098 C CD1 . TYR A 1 139 ? -0.766  -11.311 0.418   1.00 48.55  ? 138 TYR A CD1 1 
ATOM   1099 C CD2 . TYR A 1 139 ? -1.369  -11.369 2.746   1.00 45.56  ? 138 TYR A CD2 1 
ATOM   1100 C CE1 . TYR A 1 139 ? -1.131  -9.986  0.348   1.00 44.46  ? 138 TYR A CE1 1 
ATOM   1101 C CE2 . TYR A 1 139 ? -1.702  -10.039 2.680   1.00 42.95  ? 138 TYR A CE2 1 
ATOM   1102 C CZ  . TYR A 1 139 ? -1.583  -9.355  1.475   1.00 45.91  ? 138 TYR A CZ  1 
ATOM   1103 O OH  . TYR A 1 139 ? -1.930  -8.027  1.376   1.00 44.63  ? 138 TYR A OH  1 
ATOM   1104 N N   . ASN A 1 140 ? -1.804  -16.451 2.481   1.00 50.30  ? 139 ASN A N   1 
ATOM   1105 C CA  . ASN A 1 140 ? -2.456  -17.185 3.546   1.00 42.81  ? 139 ASN A CA  1 
ATOM   1106 C C   . ASN A 1 140 ? -1.822  -16.763 4.834   1.00 42.10  ? 139 ASN A C   1 
ATOM   1107 O O   . ASN A 1 140 ? -1.012  -17.468 5.397   1.00 43.54  ? 139 ASN A O   1 
ATOM   1108 C CB  . ASN A 1 140 ? -2.352  -18.686 3.313   1.00 47.39  ? 139 ASN A CB  1 
ATOM   1109 C CG  . ASN A 1 140 ? -3.286  -19.166 2.192   1.00 45.48  ? 139 ASN A CG  1 
ATOM   1110 O OD1 . ASN A 1 140 ? -2.850  -19.803 1.232   1.00 42.43  ? 139 ASN A OD1 1 
ATOM   1111 N ND2 . ASN A 1 140 ? -4.575  -18.890 2.333   1.00 45.16  ? 139 ASN A ND2 1 
ATOM   1112 N N   . PHE A 1 141 ? -2.175  -15.555 5.261   1.00 42.56  ? 140 PHE A N   1 
ATOM   1113 C CA  . PHE A 1 141 ? -1.771  -15.030 6.560   1.00 41.07  ? 140 PHE A CA  1 
ATOM   1114 C C   . PHE A 1 141 ? -2.976  -14.320 7.174   1.00 38.42  ? 140 PHE A C   1 
ATOM   1115 O O   . PHE A 1 141 ? -3.682  -13.586 6.458   1.00 33.44  ? 140 PHE A O   1 
ATOM   1116 C CB  . PHE A 1 141 ? -0.610  -14.043 6.461   1.00 42.52  ? 140 PHE A CB  1 
ATOM   1117 C CG  . PHE A 1 141 ? 0.025   -13.750 7.794   1.00 41.86  ? 140 PHE A CG  1 
ATOM   1118 C CD1 . PHE A 1 141 ? 0.980   -14.593 8.290   1.00 39.17  ? 140 PHE A CD1 1 
ATOM   1119 C CD2 . PHE A 1 141 ? -0.383  -12.652 8.564   1.00 42.88  ? 140 PHE A CD2 1 
ATOM   1120 C CE1 . PHE A 1 141 ? 1.566   -14.364 9.512   1.00 44.01  ? 140 PHE A CE1 1 
ATOM   1121 C CE2 . PHE A 1 141 ? 0.198   -12.402 9.792   1.00 42.10  ? 140 PHE A CE2 1 
ATOM   1122 C CZ  . PHE A 1 141 ? 1.176   -13.266 10.272  1.00 45.34  ? 140 PHE A CZ  1 
ATOM   1123 N N   . PRO A 1 142 ? -3.235  -14.559 8.484   1.00 34.53  ? 141 PRO A N   1 
ATOM   1124 C CA  . PRO A 1 142 ? -4.451  -13.995 9.063   1.00 37.92  ? 141 PRO A CA  1 
ATOM   1125 C C   . PRO A 1 142 ? -4.206  -12.517 9.417   1.00 42.50  ? 141 PRO A C   1 
ATOM   1126 O O   . PRO A 1 142 ? -3.735  -12.186 10.521  1.00 41.62  ? 141 PRO A O   1 
ATOM   1127 C CB  . PRO A 1 142 ? -4.657  -14.857 10.295  1.00 34.27  ? 141 PRO A CB  1 
ATOM   1128 C CG  . PRO A 1 142 ? -3.282  -15.226 10.719  1.00 32.73  ? 141 PRO A CG  1 
ATOM   1129 C CD  . PRO A 1 142 ? -2.445  -15.300 9.487   1.00 32.44  ? 141 PRO A CD  1 
ATOM   1130 N N   . THR A 1 143 ? -4.476  -11.649 8.450   1.00 43.22  ? 142 THR A N   1 
ATOM   1131 C CA  . THR A 1 143 ? -4.144  -10.254 8.633   1.00 43.27  ? 142 THR A CA  1 
ATOM   1132 C C   . THR A 1 143 ? -5.207  -9.608  9.514   1.00 49.14  ? 142 THR A C   1 
ATOM   1133 O O   . THR A 1 143 ? -6.200  -10.249 9.838   1.00 51.63  ? 142 THR A O   1 
ATOM   1134 C CB  . THR A 1 143 ? -3.901  -9.547  7.297   1.00 37.31  ? 142 THR A CB  1 
ATOM   1135 O OG1 . THR A 1 143 ? -4.992  -9.754  6.391   1.00 35.72  ? 142 THR A OG1 1 
ATOM   1136 C CG2 . THR A 1 143 ? -2.601  -10.062 6.689   1.00 40.02  ? 142 THR A CG2 1 
ATOM   1137 N N   . LYS A 1 144 ? -4.968  -8.352  9.900   1.00 53.07  ? 143 LYS A N   1 
ATOM   1138 C CA  . LYS A 1 144 ? -5.600  -7.701  11.056  1.00 47.49  ? 143 LYS A CA  1 
ATOM   1139 C C   . LYS A 1 144 ? -6.108  -6.337  10.708  1.00 43.24  ? 143 LYS A C   1 
ATOM   1140 O O   . LYS A 1 144 ? -5.605  -5.679  9.769   1.00 36.09  ? 143 LYS A O   1 
ATOM   1141 C CB  . LYS A 1 144 ? -4.547  -7.468  12.133  1.00 53.65  ? 143 LYS A CB  1 
ATOM   1142 C CG  . LYS A 1 144 ? -4.637  -8.307  13.370  1.00 55.92  ? 143 LYS A CG  1 
ATOM   1143 C CD  . LYS A 1 144 ? -3.492  -7.948  14.324  1.00 61.43  ? 143 LYS A CD  1 
ATOM   1144 C CE  . LYS A 1 144 ? -3.782  -6.674  15.117  1.00 67.75  ? 143 LYS A CE  1 
ATOM   1145 N NZ  . LYS A 1 144 ? -2.563  -6.066  15.735  1.00 70.72  ? 143 LYS A NZ  1 
ATOM   1146 N N   . ALA A 1 145 ? -7.073  -5.872  11.495  1.00 37.54  ? 144 ALA A N   1 
ATOM   1147 C CA  . ALA A 1 145 ? -7.467  -4.487  11.376  1.00 36.10  ? 144 ALA A CA  1 
ATOM   1148 C C   . ALA A 1 145 ? -6.226  -3.662  11.748  1.00 31.78  ? 144 ALA A C   1 
ATOM   1149 O O   . ALA A 1 145 ? -5.417  -4.070  12.621  1.00 27.28  ? 144 ALA A O   1 
ATOM   1150 C CB  . ALA A 1 145 ? -8.652  -4.140  12.281  1.00 37.45  ? 144 ALA A CB  1 
ATOM   1151 N N   . GLY A 1 146 ? -6.118  -2.508  11.073  1.00 29.79  ? 145 GLY A N   1 
ATOM   1152 C CA  . GLY A 1 146 ? -5.014  -1.587  11.217  1.00 30.68  ? 145 GLY A CA  1 
ATOM   1153 C C   . GLY A 1 146 ? -3.841  -1.839  10.272  1.00 30.46  ? 145 GLY A C   1 
ATOM   1154 O O   . GLY A 1 146 ? -2.782  -1.176  10.367  1.00 29.32  ? 145 GLY A O   1 
ATOM   1155 N N   . GLN A 1 147 ? -3.959  -2.825  9.400   1.00 26.66  ? 146 GLN A N   1 
ATOM   1156 C CA  . GLN A 1 147 ? -2.797  -3.190  8.630   1.00 25.44  ? 146 GLN A CA  1 
ATOM   1157 C C   . GLN A 1 147 ? -2.961  -2.755  7.201   1.00 24.91  ? 146 GLN A C   1 
ATOM   1158 O O   . GLN A 1 147 ? -2.081  -3.026  6.371   1.00 23.75  ? 146 GLN A O   1 
ATOM   1159 C CB  . GLN A 1 147 ? -2.511  -4.668  8.775   1.00 25.16  ? 146 GLN A CB  1 
ATOM   1160 C CG  . GLN A 1 147 ? -2.168  -4.966  10.227  1.00 25.89  ? 146 GLN A CG  1 
ATOM   1161 C CD  . GLN A 1 147 ? -1.621  -6.337  10.458  1.00 24.80  ? 146 GLN A CD  1 
ATOM   1162 O OE1 . GLN A 1 147 ? -2.109  -7.335  9.877   1.00 21.60  ? 146 GLN A OE1 1 
ATOM   1163 N NE2 . GLN A 1 147 ? -0.593  -6.414  11.319  1.00 27.35  ? 146 GLN A NE2 1 
ATOM   1164 N N   . CYS A 1 148 ? -4.034  -2.012  6.949   1.00 25.65  ? 147 CYS A N   1 
ATOM   1165 C CA  . CYS A 1 148 ? -4.344  -1.581  5.602   1.00 27.81  ? 147 CYS A CA  1 
ATOM   1166 C C   . CYS A 1 148 ? -3.346  -0.503  5.207   1.00 27.05  ? 147 CYS A C   1 
ATOM   1167 O O   . CYS A 1 148 ? -2.920  0.291   6.037   1.00 27.93  ? 147 CYS A O   1 
ATOM   1168 C CB  . CYS A 1 148 ? -5.792  -1.082  5.471   1.00 28.46  ? 147 CYS A CB  1 
ATOM   1169 S SG  . CYS A 1 148 ? -6.903  -2.474  5.439   1.00 32.81  ? 147 CYS A SG  1 
ATOM   1170 N N   . GLY A 1 149 ? -2.912  -0.567  3.958   1.00 26.94  ? 148 GLY A N   1 
ATOM   1171 C CA  . GLY A 1 149 ? -1.965  0.359   3.431   1.00 26.51  ? 148 GLY A CA  1 
ATOM   1172 C C   . GLY A 1 149 ? -0.592  -0.244  3.486   1.00 26.62  ? 148 GLY A C   1 
ATOM   1173 O O   . GLY A 1 149 ? 0.337   0.280   2.861   1.00 24.18  ? 148 GLY A O   1 
ATOM   1174 N N   . GLY A 1 150 ? -0.457  -1.353  4.225   1.00 26.57  ? 149 GLY A N   1 
ATOM   1175 C CA  . GLY A 1 150 ? 0.818   -2.005  4.454   1.00 25.21  ? 149 GLY A CA  1 
ATOM   1176 C C   . GLY A 1 150 ? 1.399   -2.519  3.159   1.00 27.25  ? 149 GLY A C   1 
ATOM   1177 O O   . GLY A 1 150 ? 0.659   -2.867  2.222   1.00 25.82  ? 149 GLY A O   1 
ATOM   1178 N N   . VAL A 1 151 ? 2.732   -2.567  3.085   1.00 26.74  ? 150 VAL A N   1 
ATOM   1179 C CA  . VAL A 1 151 ? 3.388   -2.751  1.779   1.00 30.15  ? 150 VAL A CA  1 
ATOM   1180 C C   . VAL A 1 151 ? 3.900   -4.158  1.574   1.00 27.01  ? 150 VAL A C   1 
ATOM   1181 O O   . VAL A 1 151 ? 4.722   -4.627  2.348   1.00 25.75  ? 150 VAL A O   1 
ATOM   1182 C CB  . VAL A 1 151 ? 4.534   -1.758  1.592   1.00 31.08  ? 150 VAL A CB  1 
ATOM   1183 C CG1 . VAL A 1 151 ? 5.034   -1.819  0.152   1.00 32.35  ? 150 VAL A CG1 1 
ATOM   1184 C CG2 . VAL A 1 151 ? 4.085   -0.343  1.967   1.00 29.74  ? 150 VAL A CG2 1 
ATOM   1185 N N   . VAL A 1 152 ? 3.371   -4.802  0.535   1.00 29.11  ? 151 VAL A N   1 
ATOM   1186 C CA  . VAL A 1 152 ? 3.697   -6.210  0.198   1.00 35.23  ? 151 VAL A CA  1 
ATOM   1187 C C   . VAL A 1 152 ? 4.991   -6.187  -0.617  1.00 37.89  ? 151 VAL A C   1 
ATOM   1188 O O   . VAL A 1 152 ? 5.072   -5.568  -1.699  1.00 38.89  ? 151 VAL A O   1 
ATOM   1189 C CB  . VAL A 1 152 ? 2.589   -6.928  -0.645  1.00 31.03  ? 151 VAL A CB  1 
ATOM   1190 C CG1 . VAL A 1 152 ? 2.819   -8.414  -0.654  1.00 31.41  ? 151 VAL A CG1 1 
ATOM   1191 C CG2 . VAL A 1 152 ? 1.184   -6.663  -0.091  1.00 31.40  ? 151 VAL A CG2 1 
ATOM   1192 N N   . THR A 1 153 ? 5.997   -6.879  -0.123  1.00 42.21  ? 152 THR A N   1 
ATOM   1193 C CA  . THR A 1 153 ? 7.312   -6.741  -0.704  1.00 42.49  ? 152 THR A CA  1 
ATOM   1194 C C   . THR A 1 153 ? 8.137   -8.051  -0.687  1.00 43.81  ? 152 THR A C   1 
ATOM   1195 O O   . THR A 1 153 ? 7.990   -8.875  0.217   1.00 36.03  ? 152 THR A O   1 
ATOM   1196 C CB  . THR A 1 153 ? 8.046   -5.626  0.040   1.00 42.39  ? 152 THR A CB  1 
ATOM   1197 O OG1 . THR A 1 153 ? 9.120   -5.179  -0.777  1.00 48.51  ? 152 THR A OG1 1 
ATOM   1198 C CG2 . THR A 1 153 ? 8.611   -6.111  1.396   1.00 43.27  ? 152 THR A CG2 1 
ATOM   1199 N N   . SER A 1 154 ? 9.015   -8.232  -1.677  1.00 45.62  ? 153 SER A N   1 
ATOM   1200 C CA  . SER A 1 154 ? 9.907   -9.393  -1.679  1.00 43.65  ? 153 SER A CA  1 
ATOM   1201 C C   . SER A 1 154 ? 10.984  -9.249  -2.720  1.00 45.43  ? 153 SER A C   1 
ATOM   1202 O O   . SER A 1 154 ? 10.691  -8.959  -3.882  1.00 45.52  ? 153 SER A O   1 
ATOM   1203 C CB  . SER A 1 154 ? 9.107   -10.676 -1.992  1.00 46.62  ? 153 SER A CB  1 
ATOM   1204 O OG  . SER A 1 154 ? 9.484   -11.317 -3.201  1.00 43.93  ? 153 SER A OG  1 
ATOM   1205 N N   . VAL A 1 155 ? 12.224  -9.505  -2.318  1.00 49.90  ? 154 VAL A N   1 
ATOM   1206 C CA  . VAL A 1 155 ? 13.342  -9.609  -3.268  1.00 51.95  ? 154 VAL A CA  1 
ATOM   1207 C C   . VAL A 1 155 ? 13.565  -8.259  -3.953  1.00 50.67  ? 154 VAL A C   1 
ATOM   1208 O O   . VAL A 1 155 ? 13.865  -8.187  -5.139  1.00 58.86  ? 154 VAL A O   1 
ATOM   1209 C CB  . VAL A 1 155 ? 13.083  -10.747 -4.312  1.00 50.00  ? 154 VAL A CB  1 
ATOM   1210 C CG1 . VAL A 1 155 ? 14.265  -10.942 -5.249  1.00 52.09  ? 154 VAL A CG1 1 
ATOM   1211 C CG2 . VAL A 1 155 ? 12.787  -12.071 -3.596  1.00 51.68  ? 154 VAL A CG2 1 
ATOM   1212 N N   . GLY A 1 156 ? 13.404  -7.183  -3.198  1.00 45.56  ? 155 GLY A N   1 
ATOM   1213 C CA  . GLY A 1 156 ? 13.633  -5.846  -3.732  1.00 45.49  ? 155 GLY A CA  1 
ATOM   1214 C C   . GLY A 1 156 ? 12.589  -5.430  -4.743  1.00 40.13  ? 155 GLY A C   1 
ATOM   1215 O O   . GLY A 1 156 ? 12.841  -4.597  -5.575  1.00 40.14  ? 155 GLY A O   1 
ATOM   1216 N N   . LYS A 1 157 ? 11.415  -6.017  -4.665  1.00 37.13  ? 156 LYS A N   1 
ATOM   1217 C CA  . LYS A 1 157 ? 10.325  -5.586  -5.486  1.00 37.42  ? 156 LYS A CA  1 
ATOM   1218 C C   . LYS A 1 157 ? 9.114   -5.150  -4.622  1.00 31.98  ? 156 LYS A C   1 
ATOM   1219 O O   . LYS A 1 157 ? 8.889   -5.684  -3.554  1.00 31.57  ? 156 LYS A O   1 
ATOM   1220 C CB  . LYS A 1 157 ? 9.949   -6.713  -6.445  1.00 43.45  ? 156 LYS A CB  1 
ATOM   1221 C CG  . LYS A 1 157 ? 10.835  -6.805  -7.689  1.00 47.60  ? 156 LYS A CG  1 
ATOM   1222 C CD  . LYS A 1 157 ? 10.420  -7.964  -8.606  1.00 52.65  ? 156 LYS A CD  1 
ATOM   1223 C CE  . LYS A 1 157 ? 9.426   -7.558  -9.707  1.00 54.63  ? 156 LYS A CE  1 
ATOM   1224 N NZ  . LYS A 1 157 ? 10.074  -7.468  -11.065 1.00 52.81  ? 156 LYS A NZ  1 
ATOM   1225 N N   . VAL A 1 158 ? 8.358   -4.177  -5.107  1.00 27.82  ? 157 VAL A N   1 
ATOM   1226 C CA  . VAL A 1 158 ? 7.174   -3.631  -4.418  1.00 29.34  ? 157 VAL A CA  1 
ATOM   1227 C C   . VAL A 1 158 ? 5.869   -3.969  -5.185  1.00 30.73  ? 157 VAL A C   1 
ATOM   1228 O O   . VAL A 1 158 ? 5.522   -3.326  -6.188  1.00 28.74  ? 157 VAL A O   1 
ATOM   1229 C CB  . VAL A 1 158 ? 7.287   -2.095  -4.233  1.00 30.29  ? 157 VAL A CB  1 
ATOM   1230 C CG1 . VAL A 1 158 ? 5.997   -1.517  -3.663  1.00 32.54  ? 157 VAL A CG1 1 
ATOM   1231 C CG2 . VAL A 1 158 ? 8.477   -1.718  -3.363  1.00 28.86  ? 157 VAL A CG2 1 
ATOM   1232 N N   . ILE A 1 159 ? 5.119   -4.930  -4.664  1.00 28.81  ? 158 ILE A N   1 
ATOM   1233 C CA  . ILE A 1 159 ? 4.088   -5.608  -5.446  1.00 29.05  ? 158 ILE A CA  1 
ATOM   1234 C C   . ILE A 1 159 ? 2.636   -5.387  -4.992  1.00 29.26  ? 158 ILE A C   1 
ATOM   1235 O O   . ILE A 1 159 ? 1.727   -5.655  -5.771  1.00 30.67  ? 158 ILE A O   1 
ATOM   1236 C CB  . ILE A 1 159 ? 4.360   -7.152  -5.481  1.00 33.57  ? 158 ILE A CB  1 
ATOM   1237 C CG1 . ILE A 1 159 ? 4.134   -7.793  -4.085  1.00 35.78  ? 158 ILE A CG1 1 
ATOM   1238 C CG2 . ILE A 1 159 ? 5.754   -7.437  -6.089  1.00 33.09  ? 158 ILE A CG2 1 
ATOM   1239 C CD1 . ILE A 1 159 ? 4.969   -9.022  -3.754  1.00 38.09  ? 158 ILE A CD1 1 
ATOM   1240 N N   . GLY A 1 160 ? 2.382   -4.894  -3.775  1.00 25.15  ? 159 GLY A N   1 
ATOM   1241 C CA  . GLY A 1 160 ? 0.984   -4.672  -3.366  1.00 25.09  ? 159 GLY A CA  1 
ATOM   1242 C C   . GLY A 1 160 ? 0.753   -3.774  -2.175  1.00 25.29  ? 159 GLY A C   1 
ATOM   1243 O O   . GLY A 1 160 ? 1.669   -3.455  -1.431  1.00 27.17  ? 159 GLY A O   1 
ATOM   1244 N N   . ILE A 1 161 ? -0.495  -3.384  -1.996  1.00 27.06  ? 160 ILE A N   1 
ATOM   1245 C CA  . ILE A 1 161 ? -0.930  -2.567  -0.869  1.00 28.99  ? 160 ILE A CA  1 
ATOM   1246 C C   . ILE A 1 161 ? -2.033  -3.334  -0.150  1.00 30.62  ? 160 ILE A C   1 
ATOM   1247 O O   . ILE A 1 161 ? -3.063  -3.561  -0.740  1.00 34.01  ? 160 ILE A O   1 
ATOM   1248 C CB  . ILE A 1 161 ? -1.505  -1.187  -1.365  1.00 28.05  ? 160 ILE A CB  1 
ATOM   1249 C CG1 . ILE A 1 161 ? -0.380  -0.245  -1.868  1.00 27.20  ? 160 ILE A CG1 1 
ATOM   1250 C CG2 . ILE A 1 161 ? -2.241  -0.474  -0.251  1.00 28.16  ? 160 ILE A CG2 1 
ATOM   1251 C CD1 . ILE A 1 161 ? 0.836   -0.188  -0.943  1.00 27.02  ? 160 ILE A CD1 1 
ATOM   1252 N N   . HIS A 1 162 ? -1.820  -3.732  1.098   1.00 30.39  ? 161 HIS A N   1 
ATOM   1253 C CA  . HIS A 1 162 ? -2.849  -4.429  1.847   1.00 34.64  ? 161 HIS A CA  1 
ATOM   1254 C C   . HIS A 1 162 ? -4.156  -3.657  1.934   1.00 34.59  ? 161 HIS A C   1 
ATOM   1255 O O   . HIS A 1 162 ? -4.166  -2.484  2.295   1.00 36.64  ? 161 HIS A O   1 
ATOM   1256 C CB  . HIS A 1 162 ? -2.364  -4.741  3.244   1.00 36.61  ? 161 HIS A CB  1 
ATOM   1257 C CG  . HIS A 1 162 ? -3.192  -5.774  3.935   1.00 43.06  ? 161 HIS A CG  1 
ATOM   1258 N ND1 . HIS A 1 162 ? -4.261  -5.467  4.756   1.00 44.48  ? 161 HIS A ND1 1 
ATOM   1259 C CD2 . HIS A 1 162 ? -3.114  -7.123  3.916   1.00 44.50  ? 161 HIS A CD2 1 
ATOM   1260 C CE1 . HIS A 1 162 ? -4.798  -6.586  5.213   1.00 46.16  ? 161 HIS A CE1 1 
ATOM   1261 N NE2 . HIS A 1 162 ? -4.118  -7.606  4.718   1.00 45.76  ? 161 HIS A NE2 1 
ATOM   1262 N N   . ILE A 1 163 ? -5.258  -4.313  1.572   1.00 35.13  ? 162 ILE A N   1 
ATOM   1263 C CA  . ILE A 1 163 ? -6.589  -3.719  1.628   1.00 40.92  ? 162 ILE A CA  1 
ATOM   1264 C C   . ILE A 1 163 ? -7.666  -4.479  2.455   1.00 42.80  ? 162 ILE A C   1 
ATOM   1265 O O   . ILE A 1 163 ? -8.682  -3.896  2.815   1.00 42.44  ? 162 ILE A O   1 
ATOM   1266 C CB  . ILE A 1 163 ? -7.173  -3.510  0.215   1.00 39.45  ? 162 ILE A CB  1 
ATOM   1267 C CG1 . ILE A 1 163 ? -7.209  -4.823  -0.546  1.00 39.00  ? 162 ILE A CG1 1 
ATOM   1268 C CG2 . ILE A 1 163 ? -6.389  -2.449  -0.544  1.00 40.01  ? 162 ILE A CG2 1 
ATOM   1269 C CD1 . ILE A 1 163 ? -8.294  -4.844  -1.599  1.00 39.22  ? 162 ILE A CD1 1 
ATOM   1270 N N   . GLY A 1 164 ? -7.457  -5.750  2.763   1.00 44.29  ? 163 GLY A N   1 
ATOM   1271 C CA  . GLY A 1 164 ? -8.577  -6.568  3.210   1.00 45.26  ? 163 GLY A CA  1 
ATOM   1272 C C   . GLY A 1 164 ? -8.158  -7.897  3.748   1.00 43.48  ? 163 GLY A C   1 
ATOM   1273 O O   . GLY A 1 164 ? -7.005  -8.261  3.640   1.00 40.10  ? 163 GLY A O   1 
ATOM   1274 N N   . GLY A 1 165 ? -9.129  -8.622  4.306   1.00 47.76  ? 164 GLY A N   1 
ATOM   1275 C CA  . GLY A 1 165 ? -8.862  -9.846  5.086   1.00 49.16  ? 164 GLY A CA  1 
ATOM   1276 C C   . GLY A 1 165 ? -10.116 -10.630 5.496   1.00 49.39  ? 164 GLY A C   1 
ATOM   1277 O O   . GLY A 1 165 ? -11.224 -10.261 5.099   1.00 43.16  ? 164 GLY A O   1 
ATOM   1278 N N   . ASN A 1 166 ? -9.923  -11.741 6.231   1.00 48.84  ? 165 ASN A N   1 
ATOM   1279 C CA  . ASN A 1 166 ? -11.045 -12.645 6.681   1.00 44.21  ? 165 ASN A CA  1 
ATOM   1280 C C   . ASN A 1 166 ? -10.759 -13.502 7.928   1.00 46.73  ? 165 ASN A C   1 
ATOM   1281 O O   . ASN A 1 166 ? -11.572 -14.336 8.326   1.00 49.82  ? 165 ASN A O   1 
ATOM   1282 C CB  . ASN A 1 166 ? -11.531 -13.567 5.557   1.00 42.55  ? 165 ASN A CB  1 
ATOM   1283 C CG  . ASN A 1 166 ? -10.502 -14.641 5.153   1.00 38.15  ? 165 ASN A CG  1 
ATOM   1284 O OD1 . ASN A 1 166 ? -9.652  -15.109 5.944   1.00 41.80  ? 165 ASN A OD1 1 
ATOM   1285 N ND2 . ASN A 1 166 ? -10.565 -15.017 3.898   1.00 35.39  ? 165 ASN A ND2 1 
ATOM   1286 N N   . GLY A 1 167 ? -9.624  -13.294 8.566   1.00 43.38  ? 166 GLY A N   1 
ATOM   1287 C CA  . GLY A 1 167 ? -9.309  -14.050 9.745   1.00 46.26  ? 166 GLY A CA  1 
ATOM   1288 C C   . GLY A 1 167 ? -8.334  -15.139 9.406   1.00 41.23  ? 166 GLY A C   1 
ATOM   1289 O O   . GLY A 1 167 ? -7.670  -15.658 10.290  1.00 46.58  ? 166 GLY A O   1 
ATOM   1290 N N   . ARG A 1 168 ? -8.238  -15.493 8.129   1.00 45.85  ? 167 ARG A N   1 
ATOM   1291 C CA  . ARG A 1 168 ? -7.350  -16.589 7.717   1.00 46.83  ? 167 ARG A CA  1 
ATOM   1292 C C   . ARG A 1 168 ? -6.432  -16.217 6.590   1.00 43.59  ? 167 ARG A C   1 
ATOM   1293 O O   . ARG A 1 168 ? -5.253  -16.597 6.586   1.00 42.00  ? 167 ARG A O   1 
ATOM   1294 C CB  . ARG A 1 168 ? -8.183  -17.780 7.280   1.00 47.10  ? 167 ARG A CB  1 
ATOM   1295 C CG  . ARG A 1 168 ? -8.973  -18.373 8.429   1.00 48.22  ? 167 ARG A CG  1 
ATOM   1296 C CD  . ARG A 1 168 ? -10.082 -19.254 7.893   1.00 46.16  ? 167 ARG A CD  1 
ATOM   1297 N NE  . ARG A 1 168 ? -10.643 -18.802 6.607   1.00 45.00  ? 167 ARG A NE  1 
ATOM   1298 C CZ  . ARG A 1 168 ? -11.708 -18.018 6.474   1.00 38.61  ? 167 ARG A CZ  1 
ATOM   1299 N NH1 . ARG A 1 168 ? -12.325 -17.527 7.532   1.00 43.21  ? 167 ARG A NH1 1 
ATOM   1300 N NH2 . ARG A 1 168 ? -12.166 -17.725 5.282   1.00 34.92  ? 167 ARG A NH2 1 
ATOM   1301 N N   . GLN A 1 169 ? -7.010  -15.511 5.628   1.00 44.78  ? 168 GLN A N   1 
ATOM   1302 C CA  . GLN A 1 169 ? -6.291  -15.003 4.474   1.00 49.47  ? 168 GLN A CA  1 
ATOM   1303 C C   . GLN A 1 169 ? -6.353  -13.463 4.341   1.00 53.29  ? 168 GLN A C   1 
ATOM   1304 O O   . GLN A 1 169 ? -7.413  -12.865 4.513   1.00 49.13  ? 168 GLN A O   1 
ATOM   1305 C CB  . GLN A 1 169 ? -6.902  -15.601 3.231   1.00 43.88  ? 168 GLN A CB  1 
ATOM   1306 C CG  . GLN A 1 169 ? -6.747  -17.096 3.103   1.00 40.68  ? 168 GLN A CG  1 
ATOM   1307 C CD  . GLN A 1 169 ? -7.646  -17.583 2.001   1.00 39.53  ? 168 GLN A CD  1 
ATOM   1308 O OE1 . GLN A 1 169 ? -8.849  -17.378 2.072   1.00 39.88  ? 168 GLN A OE1 1 
ATOM   1309 N NE2 . GLN A 1 169 ? -7.073  -18.146 0.934   1.00 38.27  ? 168 GLN A NE2 1 
ATOM   1310 N N   . GLY A 1 170 ? -5.216  -12.851 3.998   1.00 53.88  ? 169 GLY A N   1 
ATOM   1311 C CA  . GLY A 1 170 ? -5.119  -11.415 3.788   1.00 47.43  ? 169 GLY A CA  1 
ATOM   1312 C C   . GLY A 1 170 ? -4.907  -11.116 2.322   1.00 44.92  ? 169 GLY A C   1 
ATOM   1313 O O   . GLY A 1 170 ? -4.236  -11.891 1.645   1.00 47.60  ? 169 GLY A O   1 
ATOM   1314 N N   . PHE A 1 171 ? -5.437  -9.976  1.859   1.00 41.47  ? 170 PHE A N   1 
ATOM   1315 C CA  . PHE A 1 171 ? -5.464  -9.609  0.447   1.00 43.94  ? 170 PHE A CA  1 
ATOM   1316 C C   . PHE A 1 171 ? -5.051  -8.184  0.121   1.00 45.08  ? 170 PHE A C   1 
ATOM   1317 O O   . PHE A 1 171 ? -5.428  -7.251  0.831   1.00 45.96  ? 170 PHE A O   1 
ATOM   1318 C CB  . PHE A 1 171 ? -6.863  -9.756  -0.057  1.00 48.40  ? 170 PHE A CB  1 
ATOM   1319 C CG  . PHE A 1 171 ? -7.473  -11.046 0.338   1.00 56.54  ? 170 PHE A CG  1 
ATOM   1320 C CD1 . PHE A 1 171 ? -7.171  -12.196 -0.363  1.00 53.24  ? 170 PHE A CD1 1 
ATOM   1321 C CD2 . PHE A 1 171 ? -8.297  -11.126 1.459   1.00 58.20  ? 170 PHE A CD2 1 
ATOM   1322 C CE1 . PHE A 1 171 ? -7.715  -13.392 0.007   1.00 53.57  ? 170 PHE A CE1 1 
ATOM   1323 C CE2 . PHE A 1 171 ? -8.843  -12.334 1.835   1.00 59.32  ? 170 PHE A CE2 1 
ATOM   1324 C CZ  . PHE A 1 171 ? -8.542  -13.472 1.113   1.00 57.45  ? 170 PHE A CZ  1 
ATOM   1325 N N   . CYS A 1 172 ? -4.350  -8.024  -1.002  1.00 39.86  ? 171 CYS A N   1 
ATOM   1326 C CA  . CYS A 1 172 ? -3.798  -6.735  -1.392  1.00 38.23  ? 171 CYS A CA  1 
ATOM   1327 C C   . CYS A 1 172 ? -4.296  -6.320  -2.731  1.00 37.15  ? 171 CYS A C   1 
ATOM   1328 O O   . CYS A 1 172 ? -4.795  -7.126  -3.474  1.00 39.01  ? 171 CYS A O   1 
ATOM   1329 C CB  . CYS A 1 172 ? -2.283  -6.811  -1.457  1.00 34.78  ? 171 CYS A CB  1 
ATOM   1330 S SG  . CYS A 1 172 ? -1.672  -7.692  -2.886  1.00 32.47  ? 171 CYS A SG  1 
ATOM   1331 N N   . ALA A 1 173 ? -4.185  -5.038  -3.025  1.00 35.28  ? 172 ALA A N   1 
ATOM   1332 C CA  . ALA A 1 173 ? -4.418  -4.577  -4.368  1.00 35.14  ? 172 ALA A CA  1 
ATOM   1333 C C   . ALA A 1 173 ? -3.036  -4.667  -5.049  1.00 36.48  ? 172 ALA A C   1 
ATOM   1334 O O   . ALA A 1 173 ? -2.056  -4.137  -4.543  1.00 38.40  ? 172 ALA A O   1 
ATOM   1335 C CB  . ALA A 1 173 ? -4.937  -3.163  -4.346  1.00 33.18  ? 172 ALA A CB  1 
ATOM   1336 N N   . GLY A 1 174 ? -2.938  -5.375  -6.163  1.00 34.87  ? 173 GLY A N   1 
ATOM   1337 C CA  . GLY A 1 174 ? -1.643  -5.510  -6.836  1.00 35.89  ? 173 GLY A CA  1 
ATOM   1338 C C   . GLY A 1 174 ? -1.175  -4.157  -7.377  1.00 33.94  ? 173 GLY A C   1 
ATOM   1339 O O   . GLY A 1 174 ? -1.980  -3.339  -7.751  1.00 31.78  ? 173 GLY A O   1 
ATOM   1340 N N   . LEU A 1 175 ? 0.133   -3.926  -7.396  1.00 33.19  ? 174 LEU A N   1 
ATOM   1341 C CA  . LEU A 1 175 ? 0.669   -2.688  -7.969  1.00 33.59  ? 174 LEU A CA  1 
ATOM   1342 C C   . LEU A 1 175 ? 1.259   -2.946  -9.338  1.00 34.15  ? 174 LEU A C   1 
ATOM   1343 O O   . LEU A 1 175 ? 1.792   -4.029  -9.615  1.00 32.93  ? 174 LEU A O   1 
ATOM   1344 C CB  . LEU A 1 175 ? 1.743   -2.078  -7.077  1.00 32.62  ? 174 LEU A CB  1 
ATOM   1345 C CG  . LEU A 1 175 ? 1.327   -1.738  -5.659  1.00 33.40  ? 174 LEU A CG  1 
ATOM   1346 C CD1 . LEU A 1 175 ? 2.477   -1.021  -4.959  1.00 34.57  ? 174 LEU A CD1 1 
ATOM   1347 C CD2 . LEU A 1 175 ? 0.057   -0.907  -5.630  1.00 32.84  ? 174 LEU A CD2 1 
ATOM   1348 N N   . LYS A 1 176 ? 1.133   -1.953  -10.199 1.00 34.92  ? 175 LYS A N   1 
ATOM   1349 C CA  . LYS A 1 176 ? 1.830   -1.995  -11.448 1.00 37.32  ? 175 LYS A CA  1 
ATOM   1350 C C   . LYS A 1 176 ? 2.395   -0.590  -11.733 1.00 36.93  ? 175 LYS A C   1 
ATOM   1351 O O   . LYS A 1 176 ? 1.869   0.423   -11.279 1.00 37.90  ? 175 LYS A O   1 
ATOM   1352 C CB  . LYS A 1 176 ? 0.882   -2.492  -12.538 1.00 41.51  ? 175 LYS A CB  1 
ATOM   1353 C CG  . LYS A 1 176 ? 0.030   -1.368  -13.123 1.00 45.18  ? 175 LYS A CG  1 
ATOM   1354 C CD  . LYS A 1 176 ? -1.218  -1.870  -13.841 1.00 46.90  ? 175 LYS A CD  1 
ATOM   1355 C CE  . LYS A 1 176 ? -0.911  -2.594  -15.138 1.00 47.57  ? 175 LYS A CE  1 
ATOM   1356 N NZ  . LYS A 1 176 ? -1.234  -4.036  -15.006 1.00 52.56  ? 175 LYS A NZ  1 
ATOM   1357 N N   . ARG A 1 177 ? 3.478   -0.543  -12.491 1.00 38.00  ? 176 ARG A N   1 
ATOM   1358 C CA  . ARG A 1 177 ? 4.182   0.706   -12.722 1.00 35.65  ? 176 ARG A CA  1 
ATOM   1359 C C   . ARG A 1 177 ? 3.345   1.762   -13.409 1.00 35.58  ? 176 ARG A C   1 
ATOM   1360 O O   . ARG A 1 177 ? 3.547   2.939   -13.136 1.00 34.25  ? 176 ARG A O   1 
ATOM   1361 C CB  . ARG A 1 177 ? 5.489   0.480   -13.480 1.00 35.16  ? 176 ARG A CB  1 
ATOM   1362 C CG  . ARG A 1 177 ? 6.443   1.684   -13.414 1.00 35.41  ? 176 ARG A CG  1 
ATOM   1363 C CD  . ARG A 1 177 ? 7.827   1.347   -13.950 1.00 34.05  ? 176 ARG A CD  1 
ATOM   1364 N NE  . ARG A 1 177 ? 8.285   0.085   -13.359 1.00 32.85  ? 176 ARG A NE  1 
ATOM   1365 C CZ  . ARG A 1 177 ? 9.158   -0.739  -13.917 1.00 35.39  ? 176 ARG A CZ  1 
ATOM   1366 N NH1 . ARG A 1 177 ? 9.718   -0.451  -15.094 1.00 37.85  ? 176 ARG A NH1 1 
ATOM   1367 N NH2 . ARG A 1 177 ? 9.488   -1.861  -13.276 1.00 38.28  ? 176 ARG A NH2 1 
ATOM   1368 N N   . SER A 1 178 ? 2.425   1.378   -14.294 1.00 33.92  ? 177 SER A N   1 
ATOM   1369 C CA  . SER A 1 178 ? 1.650   2.401   -15.044 1.00 34.49  ? 177 SER A CA  1 
ATOM   1370 C C   . SER A 1 178 ? 0.836   3.346   -14.163 1.00 32.27  ? 177 SER A C   1 
ATOM   1371 O O   . SER A 1 178 ? 0.475   4.443   -14.611 1.00 32.18  ? 177 SER A O   1 
ATOM   1372 C CB  . SER A 1 178 ? 0.674   1.736   -16.008 1.00 32.87  ? 177 SER A CB  1 
ATOM   1373 O OG  . SER A 1 178 ? 0.399   0.427   -15.535 1.00 38.03  ? 177 SER A OG  1 
ATOM   1374 N N   . TYR A 1 179 ? 0.498   2.898   -12.949 1.00 28.63  ? 178 TYR A N   1 
ATOM   1375 C CA  . TYR A 1 179 ? -0.326  3.703   -12.034 1.00 28.25  ? 178 TYR A CA  1 
ATOM   1376 C C   . TYR A 1 179 ? 0.375   4.966   -11.615 1.00 26.90  ? 178 TYR A C   1 
ATOM   1377 O O   . TYR A 1 179 ? -0.281  5.901   -11.173 1.00 24.68  ? 178 TYR A O   1 
ATOM   1378 C CB  . TYR A 1 179 ? -0.617  2.928   -10.768 1.00 28.38  ? 178 TYR A CB  1 
ATOM   1379 C CG  . TYR A 1 179 ? -1.465  1.723   -10.911 1.00 29.19  ? 178 TYR A CG  1 
ATOM   1380 C CD1 . TYR A 1 179 ? -2.336  1.539   -11.997 1.00 30.24  ? 178 TYR A CD1 1 
ATOM   1381 C CD2 . TYR A 1 179 ? -1.487  0.813   -9.902  1.00 30.19  ? 178 TYR A CD2 1 
ATOM   1382 C CE1 . TYR A 1 179 ? -3.135  0.402   -12.056 1.00 33.13  ? 178 TYR A CE1 1 
ATOM   1383 C CE2 . TYR A 1 179 ? -2.283  -0.301  -9.941  1.00 32.43  ? 178 TYR A CE2 1 
ATOM   1384 C CZ  . TYR A 1 179 ? -3.091  -0.527  -11.010 1.00 30.91  ? 178 TYR A CZ  1 
ATOM   1385 O OH  . TYR A 1 179 ? -3.848  -1.694  -10.944 1.00 35.24  ? 178 TYR A OH  1 
ATOM   1386 N N   . PHE A 1 180 ? 1.713   4.949   -11.706 1.00 28.77  ? 179 PHE A N   1 
ATOM   1387 C CA  . PHE A 1 180 ? 2.576   6.027   -11.195 1.00 31.37  ? 179 PHE A CA  1 
ATOM   1388 C C   . PHE A 1 180 ? 3.342   6.731   -12.327 1.00 38.61  ? 179 PHE A C   1 
ATOM   1389 O O   . PHE A 1 180 ? 4.234   7.548   -12.062 1.00 42.67  ? 179 PHE A O   1 
ATOM   1390 C CB  . PHE A 1 180 ? 3.512   5.476   -10.081 1.00 29.39  ? 179 PHE A CB  1 
ATOM   1391 C CG  . PHE A 1 180 ? 2.779   4.606   -9.046  1.00 26.92  ? 179 PHE A CG  1 
ATOM   1392 C CD1 . PHE A 1 180 ? 1.939   5.183   -8.095  1.00 24.66  ? 179 PHE A CD1 1 
ATOM   1393 C CD2 . PHE A 1 180 ? 2.900   3.231   -9.060  1.00 25.73  ? 179 PHE A CD2 1 
ATOM   1394 C CE1 . PHE A 1 180 ? 1.227   4.423   -7.207  1.00 24.98  ? 179 PHE A CE1 1 
ATOM   1395 C CE2 . PHE A 1 180 ? 2.187   2.451   -8.164  1.00 24.19  ? 179 PHE A CE2 1 
ATOM   1396 C CZ  . PHE A 1 180 ? 1.352   3.052   -7.226  1.00 25.40  ? 179 PHE A CZ  1 
ATOM   1397 N N   . ALA A 1 181 ? 2.969   6.473   -13.588 1.00 39.25  ? 180 ALA A N   1 
ATOM   1398 C CA  . ALA A 1 181 ? 3.635   7.129   -14.709 1.00 39.20  ? 180 ALA A CA  1 
ATOM   1399 C C   . ALA A 1 181 ? 3.087   8.538   -14.968 1.00 38.83  ? 180 ALA A C   1 
ATOM   1400 O O   . ALA A 1 181 ? 3.857   9.515   -15.025 1.00 42.13  ? 180 ALA A O   1 
ATOM   1401 C CB  . ALA A 1 181 ? 3.529   6.256   -15.953 1.00 37.95  ? 180 ALA A CB  1 
HETATM 1402 N N1  . 5F2 B 2 .   ? -8.517  -8.038  8.780   1.00 48.47  ? 201 5F2 A N1  1 
HETATM 1403 C C2  . 5F2 B 2 .   ? -11.479 -3.788  4.578   1.00 39.78  ? 201 5F2 A C2  1 
HETATM 1404 C C3  . 5F2 B 2 .   ? -11.989 -2.407  4.254   1.00 39.18  ? 201 5F2 A C3  1 
HETATM 1405 C C4  . 5F2 B 2 .   ? -12.516 -2.309  2.851   1.00 43.81  ? 201 5F2 A C4  1 
HETATM 1406 C C5  . 5F2 B 2 .   ? -11.812 -2.838  1.759   1.00 46.47  ? 201 5F2 A C5  1 
HETATM 1407 C C6  . 5F2 B 2 .   ? -12.311 -2.680  0.459   1.00 46.13  ? 201 5F2 A C6  1 
HETATM 1408 C C7  . 5F2 B 2 .   ? -13.514 -2.013  0.253   1.00 49.19  ? 201 5F2 A C7  1 
HETATM 1409 C C8  . 5F2 B 2 .   ? -14.222 -1.485  1.348   1.00 53.56  ? 201 5F2 A C8  1 
HETATM 1410 C C9  . 5F2 B 2 .   ? -13.717 -1.622  2.649   1.00 47.97  ? 201 5F2 A C9  1 
HETATM 1411 C C19 . 5F2 B 2 .   ? -12.298 -1.371  9.994   1.00 44.90  ? 201 5F2 A C19 1 
HETATM 1412 C C20 . 5F2 B 2 .   ? -12.492 -5.997  4.846   1.00 41.59  ? 201 5F2 A C20 1 
HETATM 1413 C C22 . 5F2 B 2 .   ? -13.779 -6.778  4.824   1.00 43.15  ? 201 5F2 A C22 1 
HETATM 1414 O O3  . 5F2 B 2 .   ? -8.248  -1.424  9.765   1.00 42.18  ? 201 5F2 A O3  1 
HETATM 1415 C C16 . 5F2 B 2 .   ? -8.973  -1.238  8.780   1.00 38.74  ? 201 5F2 A C16 1 
HETATM 1416 O O2  . 5F2 B 2 .   ? -10.295 -0.687  8.980   1.00 44.86  ? 201 5F2 A O2  1 
HETATM 1417 C C18 . 5F2 B 2 .   ? -10.942 -0.748  10.241  1.00 43.66  ? 201 5F2 A C18 1 
HETATM 1418 C C15 . 5F2 B 2 .   ? -8.600  -1.476  7.318   1.00 35.11  ? 201 5F2 A C15 1 
HETATM 1419 C C14 . 5F2 B 2 .   ? -7.747  -2.705  7.023   1.00 32.92  ? 201 5F2 A C14 1 
HETATM 1420 C C10 . 5F2 B 2 .   ? -8.582  -4.019  7.079   1.00 34.67  ? 201 5F2 A C10 1 
HETATM 1421 C C11 . 5F2 B 2 .   ? -7.609  -5.201  7.228   1.00 36.37  ? 201 5F2 A C11 1 
HETATM 1422 C C12 . 5F2 B 2 .   ? -8.166  -6.605  6.955   1.00 45.84  ? 201 5F2 A C12 1 
HETATM 1423 C C26 . 5F2 B 2 .   ? -9.666  -6.753  7.238   1.00 47.48  ? 201 5F2 A C26 1 
HETATM 1424 C C25 . 5F2 B 2 .   ? -9.787  -7.383  8.617   1.00 46.05  ? 201 5F2 A C25 1 
HETATM 1425 C C13 . 5F2 B 2 .   ? -7.607  -7.643  7.897   1.00 51.37  ? 201 5F2 A C13 1 
HETATM 1426 O O1  . 5F2 B 2 .   ? -6.468  -8.058  7.847   1.00 55.40  ? 201 5F2 A O1  1 
HETATM 1427 N N   . 5F2 B 2 .   ? -9.425  -4.030  5.887   1.00 32.60  ? 201 5F2 A N   1 
HETATM 1428 C C17 . 5F2 B 2 .   ? -10.752 -3.752  5.887   1.00 35.20  ? 201 5F2 A C17 1 
HETATM 1429 O O4  . 5F2 B 2 .   ? -11.433 -3.509  6.877   1.00 33.30  ? 201 5F2 A O4  1 
HETATM 1430 N N2  . 5F2 B 2 .   ? -12.620 -4.695  4.586   1.00 43.27  ? 201 5F2 A N2  1 
HETATM 1431 O O21 . 5F2 B 2 .   ? -11.415 -6.508  5.091   1.00 38.01  ? 201 5F2 A O21 1 
HETATM 1432 O O   . HOH C 3 .   ? 12.846  -10.646 0.705   1.00 20.79  ? 301 HOH A O   1 
HETATM 1433 O O   . HOH C 3 .   ? -11.175 10.648  5.889   1.00 37.32  ? 302 HOH A O   1 
HETATM 1434 O O   . HOH C 3 .   ? -4.433  -2.963  -9.020  1.00 36.29  ? 303 HOH A O   1 
HETATM 1435 O O   . HOH C 3 .   ? 3.351   24.311  -0.060  1.00 36.19  ? 304 HOH A O   1 
HETATM 1436 O O   . HOH C 3 .   ? -2.394  0.603   12.795  1.00 34.17  ? 305 HOH A O   1 
HETATM 1437 O O   . HOH C 3 .   ? 0.671   20.874  3.011   1.00 20.17  ? 306 HOH A O   1 
HETATM 1438 O O   . HOH C 3 .   ? 11.862  9.679   0.314   1.00 25.13  ? 307 HOH A O   1 
HETATM 1439 O O   . HOH C 3 .   ? -1.329  -6.587  -14.649 1.00 41.25  ? 308 HOH A O   1 
HETATM 1440 O O   . HOH C 3 .   ? -7.519  12.458  5.208   1.00 27.95  ? 309 HOH A O   1 
HETATM 1441 O O   . HOH C 3 .   ? -10.169 7.304   -1.616  1.00 35.30  ? 310 HOH A O   1 
HETATM 1442 O O   . HOH C 3 .   ? 2.528   -6.167  -8.310  1.00 35.84  ? 311 HOH A O   1 
HETATM 1443 O O   . HOH C 3 .   ? 4.906   14.666  7.748   1.00 21.33  ? 312 HOH A O   1 
HETATM 1444 O O   . HOH C 3 .   ? -7.492  -11.733 7.210   1.00 43.68  ? 313 HOH A O   1 
HETATM 1445 O O   . HOH C 3 .   ? 6.509   13.857  -1.035  1.00 28.95  ? 314 HOH A O   1 
HETATM 1446 O O   . HOH C 3 .   ? 12.600  -6.972  2.059   1.00 44.26  ? 315 HOH A O   1 
HETATM 1447 O O   . HOH C 3 .   ? -1.242  -0.247  8.116   1.00 21.11  ? 316 HOH A O   1 
HETATM 1448 O O   . HOH C 3 .   ? 10.755  -12.761 -0.699  1.00 37.15  ? 317 HOH A O   1 
HETATM 1449 O O   . HOH C 3 .   ? -9.096  9.578   12.685  1.00 36.90  ? 318 HOH A O   1 
HETATM 1450 O O   . HOH C 3 .   ? 14.653  0.322   0.131   1.00 27.33  ? 319 HOH A O   1 
HETATM 1451 O O   . HOH C 3 .   ? 4.073   21.208  -2.411  1.00 28.87  ? 320 HOH A O   1 
HETATM 1452 O O   . HOH C 3 .   ? -9.026  4.884   -12.543 1.00 31.04  ? 321 HOH A O   1 
HETATM 1453 O O   . HOH C 3 .   ? 11.433  -4.158  -10.033 1.00 28.46  ? 322 HOH A O   1 
HETATM 1454 O O   . HOH C 3 .   ? 0.598   8.274   -12.111 1.00 32.34  ? 323 HOH A O   1 
HETATM 1455 O O   . HOH C 3 .   ? -6.456  -3.591  -7.472  1.00 35.97  ? 324 HOH A O   1 
HETATM 1456 O O   . HOH C 3 .   ? 15.101  9.714   0.573   1.00 20.42  ? 325 HOH A O   1 
HETATM 1457 O O   . HOH C 3 .   ? 20.209  8.904   -1.514  1.00 35.53  ? 326 HOH A O   1 
HETATM 1458 O O   . HOH C 3 .   ? 0.611   11.499  15.330  1.00 35.28  ? 327 HOH A O   1 
HETATM 1459 O O   . HOH C 3 .   ? 8.451   -12.576 5.362   1.00 34.17  ? 328 HOH A O   1 
HETATM 1460 O O   . HOH C 3 .   ? -12.843 14.270  5.493   1.00 39.69  ? 329 HOH A O   1 
HETATM 1461 O O   . HOH C 3 .   ? 16.932  2.750   7.842   1.00 25.22  ? 330 HOH A O   1 
HETATM 1462 O O   . HOH C 3 .   ? 7.391   -9.314  -11.937 1.00 33.61  ? 331 HOH A O   1 
HETATM 1463 O O   . HOH C 3 .   ? 15.817  5.679   -9.398  1.00 36.44  ? 332 HOH A O   1 
HETATM 1464 O O   . HOH C 3 .   ? -3.119  12.222  -7.303  1.00 34.45  ? 333 HOH A O   1 
HETATM 1465 O O   . HOH C 3 .   ? 6.927   20.898  3.521   1.00 36.05  ? 334 HOH A O   1 
HETATM 1466 O O   . HOH C 3 .   ? 4.959   -2.428  15.669  0.50 31.99  ? 335 HOH A O   1 
HETATM 1467 O O   . HOH C 3 .   ? -15.281 0.229   -20.780 1.00 31.74  ? 336 HOH A O   1 
HETATM 1468 O O   . HOH C 3 .   ? -0.723  6.149   12.064  1.00 18.69  ? 337 HOH A O   1 
HETATM 1469 O O   . HOH C 3 .   ? -7.355  2.832   12.700  1.00 34.22  ? 338 HOH A O   1 
HETATM 1470 O O   . HOH C 3 .   ? 4.285   5.057   17.166  1.00 36.73  ? 339 HOH A O   1 
HETATM 1471 O O   . HOH C 3 .   ? 4.001   14.705  -7.529  1.00 28.78  ? 340 HOH A O   1 
HETATM 1472 O O   . HOH C 3 .   ? -7.659  1.482   9.907   1.00 35.27  ? 341 HOH A O   1 
HETATM 1473 O O   . HOH C 3 .   ? 14.551  9.550   -6.553  1.00 23.59  ? 342 HOH A O   1 
HETATM 1474 O O   . HOH C 3 .   ? 8.570   11.941  7.466   1.00 27.94  ? 343 HOH A O   1 
HETATM 1475 O O   . HOH C 3 .   ? 6.922   7.228   -13.056 1.00 31.88  ? 344 HOH A O   1 
HETATM 1476 O O   . HOH C 3 .   ? 8.975   -13.317 -5.217  1.00 43.10  ? 345 HOH A O   1 
HETATM 1477 O O   . HOH C 3 .   ? -11.494 16.598  4.500   1.00 40.39  ? 346 HOH A O   1 
HETATM 1478 O O   . HOH C 3 .   ? 0.121   5.652   20.425  1.00 40.71  ? 347 HOH A O   1 
HETATM 1479 O O   . HOH C 3 .   ? -0.767  2.430   1.089   1.00 23.13  ? 348 HOH A O   1 
HETATM 1480 O O   . HOH C 3 .   ? -9.750  -19.511 3.859   1.00 28.13  ? 349 HOH A O   1 
HETATM 1481 O O   . HOH C 3 .   ? 2.032   9.317   13.264  1.00 39.73  ? 350 HOH A O   1 
HETATM 1482 O O   . HOH C 3 .   ? 18.366  -10.178 4.497   0.50 13.35  ? 351 HOH A O   1 
HETATM 1483 O O   . HOH C 3 .   ? 12.412  -1.517  -13.545 1.00 33.18  ? 352 HOH A O   1 
HETATM 1484 O O   . HOH C 3 .   ? 12.929  4.432   -9.663  1.00 22.77  ? 353 HOH A O   1 
HETATM 1485 O O   . HOH C 3 .   ? -6.788  3.147   -13.364 1.00 40.78  ? 354 HOH A O   1 
HETATM 1486 O O   . HOH C 3 .   ? -9.285  -5.177  -14.321 1.00 46.70  ? 355 HOH A O   1 
HETATM 1487 O O   . HOH C 3 .   ? -5.719  -0.215  8.615   1.00 28.47  ? 356 HOH A O   1 
HETATM 1488 O O   . HOH C 3 .   ? 0.266   20.609  10.846  1.00 36.32  ? 357 HOH A O   1 
HETATM 1489 O O   . HOH C 3 .   ? 6.259   17.074  -7.761  1.00 30.04  ? 358 HOH A O   1 
HETATM 1490 O O   . HOH C 3 .   ? -16.716 -7.459  -11.009 1.00 39.43  ? 359 HOH A O   1 
HETATM 1491 O O   . HOH C 3 .   ? -18.229 -1.587  -17.243 1.00 28.84  ? 360 HOH A O   1 
HETATM 1492 O O   . HOH C 3 .   ? 18.830  0.036   5.503   1.00 30.15  ? 361 HOH A O   1 
HETATM 1493 O O   . HOH C 3 .   ? -0.154  0.528   19.929  0.50 30.68  ? 362 HOH A O   1 
HETATM 1494 O O   . HOH C 3 .   ? -6.134  -10.646 -11.519 1.00 44.14  ? 363 HOH A O   1 
HETATM 1495 O O   . HOH C 3 .   ? -0.298  -9.335  12.487  1.00 41.25  ? 364 HOH A O   1 
HETATM 1496 O O   . HOH C 3 .   ? -13.951 3.403   -6.702  1.00 35.22  ? 365 HOH A O   1 
HETATM 1497 O O   . HOH C 3 .   ? -0.149  8.791   12.376  1.00 26.70  ? 366 HOH A O   1 
HETATM 1498 O O   . HOH C 3 .   ? 14.624  1.847   9.410   1.00 31.18  ? 367 HOH A O   1 
HETATM 1499 O O   . HOH C 3 .   ? 17.130  0.120   -1.767  1.00 31.57  ? 368 HOH A O   1 
HETATM 1500 O O   . HOH C 3 .   ? -6.013  0.453   -18.263 1.00 32.90  ? 369 HOH A O   1 
HETATM 1501 O O   . HOH C 3 .   ? -2.385  2.616   -15.105 1.00 36.93  ? 370 HOH A O   1 
HETATM 1502 O O   . HOH C 3 .   ? -21.386 -8.763  -1.905  1.00 42.88  ? 371 HOH A O   1 
HETATM 1503 O O   . HOH C 3 .   ? -14.798 -15.223 5.560   1.00 44.54  ? 372 HOH A O   1 
HETATM 1504 O O   . HOH C 3 .   ? -11.970 -10.185 9.160   1.00 31.89  ? 373 HOH A O   1 
HETATM 1505 O O   . HOH C 3 .   ? 5.273   2.789   -16.656 1.00 43.86  ? 374 HOH A O   1 
HETATM 1506 O O   . HOH C 3 .   ? -12.839 1.471   6.657   1.00 37.47  ? 375 HOH A O   1 
HETATM 1507 O O   . HOH C 3 .   ? 4.796   10.895  -18.769 1.00 46.35  ? 376 HOH A O   1 
HETATM 1508 O O   . HOH C 3 .   ? 10.157  11.954  -13.320 1.00 38.40  ? 377 HOH A O   1 
HETATM 1509 O O   . HOH C 3 .   ? -19.804 -13.036 3.471   1.00 35.59  ? 378 HOH A O   1 
# 
